data_5CFB
#
_entry.id   5CFB
#
_cell.length_a   140.242
_cell.length_b   143.198
_cell.length_c   180.054
_cell.angle_alpha   90.000
_cell.angle_beta   90.000
_cell.angle_gamma   90.000
#
_symmetry.space_group_name_H-M   'P 21 21 21'
#
loop_
_entity.id
_entity.type
_entity.pdbx_description
1 polymer 'Glycine receptor subunit alpha-3,Glycine receptor subunit alpha-3'
2 branched 2-acetamido-2-deoxy-beta-D-glucopyranose-(1-4)-2-acetamido-2-deoxy-beta-D-glucopyranose
3 non-polymer STRYCHNINE
4 non-polymer 2-acetamido-2-deoxy-beta-D-glucopyranose
#
_entity_poly.entity_id   1
_entity_poly.type   'polypeptide(L)'
_entity_poly.pdbx_seq_one_letter_code
;ARSRSAPMSPSDFLDKLMGRTSGYDARIRPNFKGPPVNVTCNIFINSFGSIAETTMDYRVNIFLRQKWNDPRLAYSEYPD
DSLDLDPSMLDSIWKPDLFFANEKGANFHEVTTDNKLLRIFKNGNVLYSIRLTLTLSCPMDLKNFPMDVQTCIMQLESFG
YTMNDLIFEWQDEAPVQVAEGLTLPQFLLKEEKDLRYCTKHYNTGKFTCIEVRFHLERQMGYYLIQMYIPSLLIVILSWV
SFWINMDAAPARVALGITTVLTMTTQSSGSRASLPKVSYVKAIDIWMAVCLLFVFSALLEYAAVNFVSRAGTKVFIDRAK
KIDTISRACFPLAFLIFNIFYWVIYKILRHEDIHWSHPQFEK
;
_entity_poly.pdbx_strand_id   A,B,C,D,E
#
loop_
_chem_comp.id
_chem_comp.type
_chem_comp.name
_chem_comp.formula
NAG D-saccharide, beta linking 2-acetamido-2-deoxy-beta-D-glucopyranose 'C8 H15 N O6'
SY9 non-polymer STRYCHNINE 'C21 H22 N2 O2'
#
# COMPACT_ATOMS: atom_id res chain seq x y z
N SER A 9 41.90 24.11 -21.88
CA SER A 9 40.54 24.71 -21.78
C SER A 9 39.55 23.96 -22.68
N PRO A 10 39.23 22.70 -22.33
CA PRO A 10 38.35 21.89 -23.19
C PRO A 10 36.89 22.33 -23.15
N SER A 11 36.46 22.85 -22.00
CA SER A 11 35.09 23.33 -21.85
C SER A 11 34.88 24.65 -22.60
N ASP A 12 35.96 25.39 -22.79
CA ASP A 12 35.91 26.65 -23.54
C ASP A 12 35.96 26.39 -25.05
N PHE A 13 36.75 25.39 -25.45
CA PHE A 13 36.80 24.97 -26.84
C PHE A 13 35.45 24.38 -27.27
N LEU A 14 34.79 23.68 -26.34
CA LEU A 14 33.46 23.12 -26.59
C LEU A 14 32.44 24.18 -26.95
N ASP A 15 32.37 25.27 -26.19
CA ASP A 15 31.38 26.33 -26.47
C ASP A 15 31.81 27.28 -27.62
N LYS A 16 32.90 26.95 -28.29
CA LYS A 16 33.19 27.46 -29.63
C LYS A 16 32.40 26.66 -30.67
N LEU A 17 32.26 25.36 -30.44
CA LEU A 17 31.40 24.47 -31.27
C LEU A 17 29.91 24.72 -31.05
N MET A 18 29.51 25.03 -29.83
CA MET A 18 28.09 25.21 -29.49
C MET A 18 27.64 26.66 -29.65
N GLY A 19 28.51 27.59 -29.26
CA GLY A 19 28.15 29.00 -29.11
C GLY A 19 27.66 29.70 -30.36
N ARG A 20 27.14 30.92 -30.17
CA ARG A 20 26.56 31.71 -31.24
C ARG A 20 27.44 31.77 -32.51
N THR A 21 28.76 31.82 -32.33
CA THR A 21 29.70 31.92 -33.45
C THR A 21 29.70 30.68 -34.36
N SER A 22 29.39 29.51 -33.79
CA SER A 22 29.40 28.26 -34.54
C SER A 22 28.32 28.19 -35.62
N GLY A 23 27.11 28.61 -35.27
CA GLY A 23 25.95 28.45 -36.14
C GLY A 23 25.29 27.09 -35.98
N TYR A 24 25.47 26.49 -34.81
CA TYR A 24 24.87 25.20 -34.48
C TYR A 24 23.45 25.41 -33.99
N ASP A 25 22.50 24.68 -34.56
CA ASP A 25 21.11 24.72 -34.13
C ASP A 25 20.70 23.35 -33.59
N ALA A 26 20.42 23.29 -32.29
CA ALA A 26 20.09 22.03 -31.62
C ALA A 26 18.74 21.47 -32.00
N ARG A 27 17.84 22.32 -32.49
CA ARG A 27 16.54 21.87 -33.01
C ARG A 27 16.73 21.06 -34.29
N ILE A 28 17.75 21.40 -35.07
CA ILE A 28 18.04 20.70 -36.32
C ILE A 28 18.88 19.45 -36.07
N ARG A 29 18.57 18.39 -36.82
CA ARG A 29 19.23 17.10 -36.69
C ARG A 29 20.46 17.00 -37.57
N PRO A 30 21.36 16.04 -37.26
CA PRO A 30 22.49 15.73 -38.15
C PRO A 30 22.02 15.30 -39.54
N ASN A 31 22.78 15.70 -40.56
CA ASN A 31 22.45 15.39 -41.96
C ASN A 31 21.01 15.78 -42.32
N PHE A 32 20.58 16.95 -41.85
CA PHE A 32 19.20 17.41 -42.01
C PHE A 32 18.69 17.30 -43.45
N LYS A 33 19.55 17.57 -44.41
CA LYS A 33 19.15 17.53 -45.82
C LYS A 33 18.77 16.12 -46.29
N GLY A 34 19.65 15.15 -46.04
CA GLY A 34 19.57 13.83 -46.68
C GLY A 34 19.30 12.62 -45.80
N PRO A 35 20.33 11.77 -45.57
CA PRO A 35 20.08 10.43 -45.03
C PRO A 35 19.82 10.38 -43.51
N PRO A 36 19.26 9.26 -43.02
CA PRO A 36 18.81 9.18 -41.62
C PRO A 36 19.93 8.98 -40.61
N VAL A 37 19.70 9.40 -39.37
CA VAL A 37 20.68 9.24 -38.30
C VAL A 37 20.61 7.83 -37.72
N ASN A 38 21.75 7.14 -37.75
CA ASN A 38 21.85 5.78 -37.26
C ASN A 38 22.29 5.77 -35.82
N VAL A 39 21.36 5.35 -34.96
CA VAL A 39 21.55 5.37 -33.51
C VAL A 39 21.69 3.93 -33.01
N THR A 40 22.80 3.67 -32.31
CA THR A 40 23.11 2.33 -31.82
C THR A 40 22.86 2.28 -30.30
N CYS A 41 21.90 1.45 -29.90
CA CYS A 41 21.39 1.40 -28.52
C CYS A 41 21.84 0.15 -27.79
N ASN A 42 22.00 0.27 -26.47
CA ASN A 42 22.25 -0.87 -25.61
C ASN A 42 21.99 -0.50 -24.15
N ILE A 43 21.66 -1.50 -23.34
CA ILE A 43 21.29 -1.27 -21.95
C ILE A 43 21.98 -2.25 -21.00
N PHE A 44 22.11 -1.81 -19.75
CA PHE A 44 22.51 -2.65 -18.64
C PHE A 44 21.39 -2.56 -17.63
N ILE A 45 20.82 -3.71 -17.25
CA ILE A 45 19.78 -3.75 -16.22
C ILE A 45 20.44 -3.98 -14.87
N ASN A 46 20.39 -2.98 -14.01
CA ASN A 46 20.93 -3.08 -12.65
C ASN A 46 19.91 -3.56 -11.63
N SER A 47 18.64 -3.52 -12.00
CA SER A 47 17.54 -3.95 -11.13
C SER A 47 16.35 -4.38 -11.97
N PHE A 48 15.70 -5.47 -11.57
CA PHE A 48 14.56 -5.99 -12.31
C PHE A 48 13.59 -6.57 -11.30
N GLY A 49 12.33 -6.18 -11.38
CA GLY A 49 11.33 -6.71 -10.45
C GLY A 49 10.11 -5.83 -10.27
N SER A 50 9.46 -5.99 -9.12
CA SER A 50 8.19 -5.35 -8.83
C SER A 50 7.20 -5.74 -9.92
N ILE A 51 7.16 -7.03 -10.24
CA ILE A 51 6.34 -7.56 -11.31
C ILE A 51 4.99 -7.83 -10.70
N ALA A 52 3.98 -7.08 -11.12
CA ALA A 52 2.67 -7.12 -10.48
C ALA A 52 1.56 -7.33 -11.50
N GLU A 53 0.75 -8.35 -11.27
CA GLU A 53 -0.46 -8.59 -12.04
C GLU A 53 -1.53 -7.53 -11.75
N THR A 54 -1.50 -6.97 -10.54
CA THR A 54 -2.51 -6.01 -10.11
C THR A 54 -2.54 -4.80 -11.02
N THR A 55 -1.35 -4.23 -11.23
CA THR A 55 -1.16 -3.11 -12.13
C THR A 55 -0.64 -3.58 -13.50
N MET A 56 -0.31 -4.85 -13.62
CA MET A 56 -0.01 -5.50 -14.90
C MET A 56 1.21 -4.83 -15.57
N ASP A 57 2.32 -4.85 -14.82
CA ASP A 57 3.53 -4.15 -15.22
C ASP A 57 4.71 -4.61 -14.37
N TYR A 58 5.88 -4.09 -14.67
CA TYR A 58 7.08 -4.38 -13.91
C TYR A 58 7.98 -3.16 -13.88
N ARG A 59 8.99 -3.21 -13.02
CA ARG A 59 9.84 -2.07 -12.79
C ARG A 59 11.29 -2.46 -13.05
N VAL A 60 12.01 -1.59 -13.74
CA VAL A 60 13.40 -1.84 -14.09
C VAL A 60 14.22 -0.59 -13.78
N ASN A 61 15.50 -0.79 -13.54
CA ASN A 61 16.47 0.28 -13.37
C ASN A 61 17.61 0.02 -14.33
N ILE A 62 17.89 0.97 -15.22
CA ILE A 62 18.81 0.72 -16.31
C ILE A 62 19.78 1.87 -16.63
N PHE A 63 20.89 1.50 -17.24
CA PHE A 63 21.69 2.43 -18.00
C PHE A 63 21.28 2.30 -19.48
N LEU A 64 21.21 3.44 -20.18
CA LEU A 64 20.87 3.48 -21.61
C LEU A 64 21.93 4.27 -22.36
N ARG A 65 22.70 3.56 -23.17
CA ARG A 65 23.75 4.14 -23.99
C ARG A 65 23.24 4.31 -25.41
N GLN A 66 23.51 5.48 -26.00
CA GLN A 66 23.11 5.79 -27.38
C GLN A 66 24.29 6.39 -28.12
N LYS A 67 24.57 5.88 -29.31
CA LYS A 67 25.70 6.33 -30.14
C LYS A 67 25.24 6.69 -31.54
N TRP A 68 25.48 7.93 -31.95
CA TRP A 68 25.18 8.39 -33.32
C TRP A 68 26.31 9.29 -33.83
N ASN A 69 26.17 9.80 -35.05
CA ASN A 69 27.16 10.69 -35.64
C ASN A 69 26.60 12.07 -35.95
N ASP A 70 27.35 13.09 -35.56
CA ASP A 70 27.06 14.47 -35.92
C ASP A 70 28.29 15.06 -36.62
N PRO A 71 28.19 15.29 -37.94
CA PRO A 71 29.34 15.87 -38.65
C PRO A 71 29.64 17.32 -38.26
N ARG A 72 28.69 18.00 -37.62
CA ARG A 72 28.87 19.39 -37.19
C ARG A 72 29.84 19.52 -36.01
N LEU A 73 29.90 18.48 -35.18
CA LEU A 73 30.69 18.55 -33.95
C LEU A 73 32.15 18.15 -34.13
N ALA A 74 32.47 17.49 -35.24
CA ALA A 74 33.84 17.04 -35.50
C ALA A 74 34.84 18.20 -35.42
N TYR A 75 36.03 17.89 -34.89
CA TYR A 75 37.09 18.88 -34.67
C TYR A 75 38.44 18.19 -34.77
N SER A 76 39.49 18.98 -34.93
CA SER A 76 40.83 18.43 -35.20
C SER A 76 41.98 19.18 -34.52
N GLU A 77 41.98 20.51 -34.64
CA GLU A 77 43.03 21.36 -34.07
C GLU A 77 43.29 21.12 -32.56
N TYR A 78 42.25 20.80 -31.80
CA TYR A 78 42.39 20.61 -30.35
C TYR A 78 43.10 19.28 -30.02
N PRO A 79 43.98 19.28 -29.01
CA PRO A 79 44.77 18.07 -28.69
C PRO A 79 43.96 16.88 -28.19
N ASP A 80 43.23 17.07 -27.10
CA ASP A 80 42.48 15.98 -26.46
C ASP A 80 41.52 15.33 -27.47
N ASP A 81 41.54 13.99 -27.53
CA ASP A 81 40.83 13.24 -28.59
C ASP A 81 39.30 13.16 -28.41
N SER A 82 38.81 13.31 -27.18
CA SER A 82 37.37 13.40 -26.93
C SER A 82 37.06 14.47 -25.90
N LEU A 83 35.99 15.23 -26.16
CA LEU A 83 35.50 16.26 -25.25
C LEU A 83 34.19 15.77 -24.65
N ASP A 84 33.97 16.04 -23.37
CA ASP A 84 32.70 15.70 -22.74
C ASP A 84 31.92 16.97 -22.37
N LEU A 85 30.63 16.97 -22.71
CA LEU A 85 29.75 18.11 -22.45
C LEU A 85 29.18 18.02 -21.05
N ASP A 86 29.07 19.15 -20.37
CA ASP A 86 28.53 19.20 -19.03
C ASP A 86 27.05 18.79 -19.03
N PRO A 87 26.59 18.09 -17.97
CA PRO A 87 25.17 17.73 -17.85
C PRO A 87 24.19 18.91 -17.77
N SER A 88 24.66 20.09 -17.40
CA SER A 88 23.83 21.29 -17.41
C SER A 88 23.66 21.90 -18.81
N MET A 89 24.48 21.47 -19.76
CA MET A 89 24.53 22.08 -21.09
C MET A 89 23.87 21.21 -22.16
N LEU A 90 23.32 20.05 -21.77
CA LEU A 90 22.86 19.05 -22.75
C LEU A 90 21.91 19.57 -23.83
N ASP A 91 21.10 20.56 -23.51
CA ASP A 91 20.10 21.07 -24.44
C ASP A 91 20.68 21.92 -25.57
N SER A 92 21.96 22.29 -25.48
CA SER A 92 22.64 23.02 -26.55
C SER A 92 23.04 22.14 -27.73
N ILE A 93 22.97 20.82 -27.57
CA ILE A 93 23.15 19.90 -28.70
C ILE A 93 21.86 19.18 -29.06
N TRP A 94 21.80 18.72 -30.30
CA TRP A 94 20.73 17.83 -30.73
C TRP A 94 20.99 16.46 -30.13
N LYS A 95 19.91 15.76 -29.80
CA LYS A 95 19.97 14.35 -29.44
C LYS A 95 18.65 13.67 -29.83
N PRO A 96 18.66 12.34 -29.99
CA PRO A 96 17.44 11.69 -30.50
C PRO A 96 16.27 11.66 -29.50
N ASP A 97 15.07 11.82 -30.04
CA ASP A 97 13.83 11.86 -29.26
C ASP A 97 13.34 10.47 -28.84
N LEU A 98 14.25 9.67 -28.28
CA LEU A 98 13.96 8.30 -27.92
C LEU A 98 13.08 8.25 -26.65
N PHE A 99 12.03 7.42 -26.70
CA PHE A 99 11.17 7.18 -25.55
C PHE A 99 10.76 5.72 -25.51
N PHE A 100 10.33 5.26 -24.35
CA PHE A 100 10.00 3.84 -24.16
C PHE A 100 8.51 3.65 -24.40
N ALA A 101 8.16 3.02 -25.50
CA ALA A 101 6.77 2.97 -25.98
C ALA A 101 5.78 2.43 -24.95
N ASN A 102 6.20 1.45 -24.14
CA ASN A 102 5.34 0.88 -23.11
C ASN A 102 5.71 1.33 -21.69
N GLU A 103 6.17 2.57 -21.56
CA GLU A 103 6.43 3.18 -20.25
C GLU A 103 5.12 3.57 -19.58
N LYS A 104 4.82 2.95 -18.44
CA LYS A 104 3.76 3.44 -17.55
C LYS A 104 4.26 4.67 -16.79
N GLY A 105 5.54 4.66 -16.42
CA GLY A 105 6.19 5.83 -15.84
C GLY A 105 7.71 5.73 -15.83
N ALA A 106 8.39 6.88 -15.86
CA ALA A 106 9.85 6.92 -15.89
C ALA A 106 10.43 8.23 -15.37
N ASN A 107 11.76 8.29 -15.27
CA ASN A 107 12.49 9.44 -14.68
C ASN A 107 14.01 9.25 -14.73
N PHE A 108 14.73 10.32 -14.40
CA PHE A 108 16.20 10.28 -14.34
C PHE A 108 16.67 10.17 -12.90
N HIS A 109 17.98 10.14 -12.71
CA HIS A 109 18.61 10.23 -11.39
C HIS A 109 19.61 11.37 -11.38
N GLU A 110 19.62 12.14 -10.28
CA GLU A 110 20.42 13.36 -10.18
C GLU A 110 21.18 13.45 -8.85
N VAL A 111 21.46 12.30 -8.25
CA VAL A 111 22.12 12.23 -6.94
C VAL A 111 23.41 11.42 -7.08
N THR A 112 24.56 12.00 -6.70
CA THR A 112 24.67 13.35 -6.11
C THR A 112 24.76 14.46 -7.15
N THR A 113 25.18 14.12 -8.34
CA THR A 113 25.13 15.05 -9.46
C THR A 113 24.31 14.38 -10.55
N ASP A 114 23.94 15.14 -11.57
CA ASP A 114 23.11 14.59 -12.64
C ASP A 114 23.77 13.33 -13.21
N ASN A 115 23.03 12.23 -13.19
CA ASN A 115 23.53 10.94 -13.69
C ASN A 115 23.36 10.83 -15.19
N LYS A 116 24.13 11.67 -15.88
CA LYS A 116 24.13 11.80 -17.32
C LYS A 116 25.56 12.03 -17.76
N LEU A 117 25.92 11.46 -18.91
CA LEU A 117 27.22 11.75 -19.54
C LEU A 117 27.09 11.84 -21.05
N LEU A 118 27.85 12.77 -21.63
CA LEU A 118 27.94 12.91 -23.08
C LEU A 118 29.39 13.08 -23.48
N ARG A 119 29.83 12.30 -24.47
CA ARG A 119 31.15 12.46 -25.10
C ARG A 119 30.94 12.72 -26.57
N ILE A 120 31.51 13.81 -27.07
CA ILE A 120 31.61 14.03 -28.51
C ILE A 120 33.08 13.84 -28.91
N PHE A 121 33.30 13.02 -29.93
CA PHE A 121 34.65 12.63 -30.33
C PHE A 121 35.16 13.48 -31.50
N LYS A 122 36.44 13.29 -31.82
CA LYS A 122 37.09 14.02 -32.92
C LYS A 122 36.45 13.73 -34.27
N ASN A 123 36.04 12.48 -34.48
CA ASN A 123 35.40 12.06 -35.73
C ASN A 123 33.97 12.60 -35.90
N GLY A 124 33.33 12.99 -34.80
CA GLY A 124 31.98 13.53 -34.83
C GLY A 124 30.95 12.65 -34.13
N ASN A 125 31.36 11.46 -33.71
CA ASN A 125 30.47 10.56 -32.98
C ASN A 125 30.14 11.10 -31.61
N VAL A 126 28.90 10.86 -31.17
CA VAL A 126 28.42 11.28 -29.87
C VAL A 126 28.02 10.05 -29.06
N LEU A 127 28.57 9.92 -27.86
CA LEU A 127 28.24 8.82 -26.95
C LEU A 127 27.48 9.39 -25.75
N TYR A 128 26.24 8.94 -25.56
CA TYR A 128 25.33 9.54 -24.58
C TYR A 128 24.80 8.50 -23.57
N SER A 129 25.39 8.47 -22.37
CA SER A 129 24.95 7.54 -21.32
C SER A 129 24.05 8.20 -20.27
N ILE A 130 22.95 7.52 -19.96
CA ILE A 130 21.90 8.05 -19.11
C ILE A 130 21.46 6.94 -18.17
N ARG A 131 21.29 7.27 -16.90
CA ARG A 131 20.71 6.32 -15.94
C ARG A 131 19.22 6.58 -15.87
N LEU A 132 18.43 5.52 -15.80
CA LEU A 132 16.97 5.65 -15.81
C LEU A 132 16.25 4.63 -14.93
N THR A 133 15.05 5.03 -14.52
CA THR A 133 14.09 4.12 -13.93
C THR A 133 12.90 4.12 -14.87
N LEU A 134 12.40 2.93 -15.19
CA LEU A 134 11.21 2.79 -16.02
C LEU A 134 10.26 1.79 -15.41
N THR A 135 8.97 2.16 -15.37
CA THR A 135 7.91 1.20 -15.11
C THR A 135 7.29 0.94 -16.46
N LEU A 136 7.35 -0.30 -16.89
CA LEU A 136 6.84 -0.70 -18.20
C LEU A 136 5.67 -1.67 -18.03
N SER A 137 4.65 -1.54 -18.89
CA SER A 137 3.51 -2.45 -18.85
C SER A 137 3.83 -3.82 -19.44
N CYS A 138 3.32 -4.86 -18.79
CA CYS A 138 3.54 -6.24 -19.19
C CYS A 138 2.21 -6.98 -19.01
N PRO A 139 1.33 -6.89 -20.02
CA PRO A 139 0.07 -7.62 -20.02
C PRO A 139 0.32 -9.09 -19.74
N MET A 140 -0.32 -9.62 -18.71
CA MET A 140 -0.03 -10.96 -18.23
C MET A 140 -1.25 -11.84 -18.24
N ASP A 141 -1.02 -13.14 -18.39
CA ASP A 141 -2.06 -14.16 -18.39
C ASP A 141 -1.70 -15.20 -17.36
N LEU A 142 -2.57 -15.41 -16.37
CA LEU A 142 -2.32 -16.36 -15.29
C LEU A 142 -3.23 -17.59 -15.39
N LYS A 143 -3.65 -17.92 -16.61
CA LYS A 143 -4.51 -19.07 -16.85
C LYS A 143 -3.85 -20.36 -16.38
N ASN A 144 -2.53 -20.46 -16.55
CA ASN A 144 -1.78 -21.67 -16.20
C ASN A 144 -1.06 -21.60 -14.85
N PHE A 145 -1.55 -20.78 -13.93
CA PHE A 145 -0.92 -20.60 -12.63
C PHE A 145 -0.97 -21.89 -11.78
N PRO A 146 0.12 -22.29 -11.12
CA PRO A 146 1.40 -21.58 -11.10
C PRO A 146 2.44 -22.12 -12.08
N MET A 147 1.96 -22.77 -13.15
CA MET A 147 2.84 -23.36 -14.16
C MET A 147 2.80 -22.50 -15.42
N ASP A 148 2.78 -21.18 -15.22
CA ASP A 148 2.70 -20.23 -16.32
C ASP A 148 4.08 -19.71 -16.68
N VAL A 149 4.15 -19.02 -17.80
CA VAL A 149 5.36 -18.35 -18.23
C VAL A 149 4.90 -17.03 -18.83
N GLN A 150 5.69 -15.97 -18.62
CA GLN A 150 5.31 -14.64 -19.08
C GLN A 150 6.42 -14.05 -19.93
N THR A 151 6.04 -13.08 -20.75
CA THR A 151 6.95 -12.47 -21.71
C THR A 151 6.83 -10.96 -21.68
N CYS A 152 7.63 -10.30 -20.84
CA CYS A 152 7.60 -8.85 -20.73
C CYS A 152 8.60 -8.23 -21.71
N ILE A 153 8.16 -7.18 -22.41
CA ILE A 153 8.94 -6.57 -23.48
C ILE A 153 9.50 -5.22 -23.07
N MET A 154 10.18 -4.54 -24.00
CA MET A 154 10.78 -3.23 -23.75
C MET A 154 11.11 -2.57 -25.08
N GLN A 155 10.29 -1.60 -25.50
CA GLN A 155 10.40 -0.99 -26.82
C GLN A 155 11.07 0.38 -26.79
N LEU A 156 12.12 0.54 -27.59
CA LEU A 156 12.76 1.84 -27.78
C LEU A 156 12.27 2.44 -29.10
N GLU A 157 11.38 3.43 -29.01
CA GLU A 157 10.78 4.04 -30.19
C GLU A 157 11.21 5.50 -30.32
N SER A 158 11.11 6.03 -31.55
CA SER A 158 11.30 7.46 -31.81
C SER A 158 9.95 8.17 -31.81
N PHE A 159 9.91 9.34 -31.18
CA PHE A 159 8.67 10.07 -30.99
C PHE A 159 8.23 10.81 -32.25
N GLY A 160 9.01 11.83 -32.65
CA GLY A 160 8.67 12.70 -33.77
C GLY A 160 9.31 12.32 -35.09
N TYR A 161 10.57 11.91 -35.05
CA TYR A 161 11.32 11.58 -36.27
C TYR A 161 10.87 10.25 -36.89
N THR A 162 10.72 10.26 -38.21
CA THR A 162 10.31 9.08 -38.97
C THR A 162 11.52 8.21 -39.31
N MET A 163 11.28 7.10 -40.01
CA MET A 163 12.34 6.24 -40.54
C MET A 163 13.26 6.97 -41.53
N ASN A 164 12.72 8.00 -42.17
CA ASN A 164 13.47 8.80 -43.15
C ASN A 164 14.64 9.55 -42.52
N ASP A 165 14.45 10.00 -41.29
CA ASP A 165 15.42 10.85 -40.59
C ASP A 165 16.15 10.14 -39.44
N LEU A 166 15.51 9.17 -38.79
CA LEU A 166 16.10 8.52 -37.62
C LEU A 166 15.81 7.02 -37.60
N ILE A 167 16.85 6.23 -37.26
CA ILE A 167 16.74 4.77 -37.08
C ILE A 167 17.47 4.29 -35.79
N PHE A 168 16.76 3.57 -34.92
CA PHE A 168 17.38 2.93 -33.75
C PHE A 168 17.79 1.49 -34.05
N GLU A 169 18.97 1.11 -33.56
CA GLU A 169 19.52 -0.21 -33.82
C GLU A 169 20.24 -0.73 -32.58
N TRP A 170 20.04 -2.01 -32.25
CA TRP A 170 20.77 -2.63 -31.13
C TRP A 170 22.25 -2.77 -31.44
N GLN A 171 23.05 -2.95 -30.40
CA GLN A 171 24.46 -3.34 -30.55
C GLN A 171 24.57 -4.75 -31.10
N ASP A 172 25.72 -5.07 -31.69
CA ASP A 172 25.96 -6.41 -32.22
C ASP A 172 26.22 -7.41 -31.10
N GLU A 173 27.14 -7.06 -30.18
CA GLU A 173 27.52 -7.96 -29.10
C GLU A 173 26.92 -7.49 -27.76
N ALA A 174 26.20 -8.38 -27.09
CA ALA A 174 25.65 -8.14 -25.75
C ALA A 174 24.89 -6.82 -25.63
N PRO A 175 23.84 -6.64 -26.45
CA PRO A 175 23.12 -5.37 -26.46
C PRO A 175 22.39 -5.09 -25.17
N VAL A 176 21.83 -6.15 -24.57
CA VAL A 176 21.03 -6.02 -23.35
C VAL A 176 21.62 -6.93 -22.28
N GLN A 177 22.29 -6.31 -21.30
CA GLN A 177 22.92 -7.05 -20.20
C GLN A 177 22.19 -6.87 -18.87
N VAL A 178 22.41 -7.81 -17.95
CA VAL A 178 21.71 -7.85 -16.67
C VAL A 178 22.67 -8.20 -15.54
N ALA A 179 22.58 -7.48 -14.42
CA ALA A 179 23.51 -7.65 -13.30
C ALA A 179 23.45 -9.05 -12.70
N GLU A 180 24.52 -9.42 -12.01
CA GLU A 180 24.61 -10.72 -11.37
C GLU A 180 23.71 -10.80 -10.14
N GLY A 181 23.16 -11.99 -9.88
CA GLY A 181 22.44 -12.27 -8.64
C GLY A 181 21.13 -11.56 -8.41
N LEU A 182 20.45 -11.16 -9.49
CA LEU A 182 19.16 -10.47 -9.37
C LEU A 182 18.02 -11.45 -9.21
N THR A 183 17.75 -11.82 -7.96
CA THR A 183 16.67 -12.76 -7.65
C THR A 183 15.32 -12.06 -7.69
N LEU A 184 14.30 -12.82 -8.07
CA LEU A 184 12.91 -12.37 -7.98
C LEU A 184 12.20 -13.23 -6.94
N PRO A 185 11.17 -12.68 -6.28
CA PRO A 185 10.51 -13.42 -5.22
C PRO A 185 9.57 -14.51 -5.73
N GLN A 186 9.20 -14.47 -7.00
CA GLN A 186 8.30 -15.47 -7.57
C GLN A 186 8.82 -16.10 -8.86
N PHE A 187 9.09 -15.28 -9.87
CA PHE A 187 9.55 -15.77 -11.17
C PHE A 187 11.06 -16.06 -11.21
N LEU A 188 11.48 -16.65 -12.32
CA LEU A 188 12.90 -16.81 -12.67
C LEU A 188 13.14 -16.08 -13.99
N LEU A 189 14.09 -15.14 -13.99
CA LEU A 189 14.42 -14.39 -15.20
C LEU A 189 15.39 -15.18 -16.06
N LYS A 190 14.93 -15.59 -17.24
CA LYS A 190 15.70 -16.49 -18.09
C LYS A 190 16.84 -15.77 -18.80
N GLU A 191 17.85 -16.56 -19.19
CA GLU A 191 19.07 -16.04 -19.81
C GLU A 191 18.82 -15.55 -21.24
N GLU A 192 17.83 -16.15 -21.90
CA GLU A 192 17.51 -15.81 -23.29
C GLU A 192 16.71 -14.50 -23.40
N LYS A 193 17.32 -13.48 -23.99
CA LYS A 193 16.63 -12.23 -24.32
C LYS A 193 16.55 -12.06 -25.83
N ASP A 194 15.34 -12.15 -26.38
CA ASP A 194 15.13 -12.03 -27.83
C ASP A 194 15.13 -10.57 -28.26
N LEU A 195 15.64 -10.29 -29.45
CA LEU A 195 15.77 -8.93 -29.99
C LEU A 195 15.11 -8.82 -31.37
N ARG A 196 14.16 -7.89 -31.51
CA ARG A 196 13.43 -7.74 -32.76
C ARG A 196 13.06 -6.28 -33.04
N TYR A 197 12.24 -6.06 -34.07
CA TYR A 197 11.78 -4.73 -34.43
C TYR A 197 10.31 -4.52 -34.06
N CYS A 198 9.90 -3.25 -33.97
CA CYS A 198 8.51 -2.90 -33.71
C CYS A 198 8.06 -1.73 -34.59
N THR A 199 8.72 -1.53 -35.74
CA THR A 199 8.49 -0.35 -36.57
C THR A 199 6.99 -0.08 -36.72
N LYS A 200 6.56 1.09 -36.29
CA LYS A 200 5.14 1.42 -36.18
C LYS A 200 4.65 2.05 -37.49
N HIS A 201 3.43 1.71 -37.88
CA HIS A 201 2.80 2.25 -39.09
C HIS A 201 1.53 3.02 -38.77
N TYR A 202 1.65 4.34 -38.72
CA TYR A 202 0.48 5.22 -38.60
C TYR A 202 0.29 5.94 -39.91
N ASN A 203 -0.89 6.53 -40.11
CA ASN A 203 -1.14 7.35 -41.30
C ASN A 203 -0.17 8.54 -41.39
N THR A 204 0.31 8.98 -40.23
CA THR A 204 1.25 10.09 -40.13
C THR A 204 2.68 9.73 -40.52
N GLY A 205 3.00 8.43 -40.53
CA GLY A 205 4.31 7.97 -41.01
C GLY A 205 4.80 6.66 -40.41
N LYS A 206 5.97 6.22 -40.88
CA LYS A 206 6.66 5.04 -40.34
C LYS A 206 7.70 5.52 -39.31
N PHE A 207 7.84 4.79 -38.21
CA PHE A 207 8.68 5.23 -37.08
C PHE A 207 9.57 4.12 -36.54
N THR A 208 10.88 4.36 -36.56
CA THR A 208 11.85 3.39 -36.05
C THR A 208 11.49 2.93 -34.63
N CYS A 209 11.66 1.63 -34.38
CA CYS A 209 11.37 1.03 -33.09
C CYS A 209 12.09 -0.31 -32.97
N ILE A 210 12.87 -0.46 -31.90
CA ILE A 210 13.52 -1.73 -31.57
C ILE A 210 12.97 -2.26 -30.25
N GLU A 211 13.04 -3.57 -30.07
CA GLU A 211 12.37 -4.25 -28.98
C GLU A 211 13.23 -5.36 -28.40
N VAL A 212 13.30 -5.44 -27.07
CA VAL A 212 13.91 -6.58 -26.41
C VAL A 212 12.86 -7.28 -25.54
N ARG A 213 12.87 -8.61 -25.58
CA ARG A 213 11.86 -9.42 -24.91
C ARG A 213 12.50 -10.30 -23.85
N PHE A 214 11.87 -10.35 -22.68
CA PHE A 214 12.34 -11.16 -21.56
C PHE A 214 11.38 -12.32 -21.36
N HIS A 215 11.85 -13.37 -20.70
CA HIS A 215 11.02 -14.53 -20.42
C HIS A 215 11.10 -14.86 -18.93
N LEU A 216 9.93 -14.98 -18.31
CA LEU A 216 9.82 -15.22 -16.88
C LEU A 216 9.08 -16.53 -16.62
N GLU A 217 9.72 -17.43 -15.87
CA GLU A 217 9.15 -18.75 -15.58
C GLU A 217 8.87 -18.89 -14.09
N ARG A 218 7.60 -19.02 -13.74
CA ARG A 218 7.17 -19.06 -12.33
C ARG A 218 7.57 -20.37 -11.65
N GLN A 219 8.04 -20.27 -10.41
CA GLN A 219 8.41 -21.43 -9.61
C GLN A 219 7.20 -22.04 -8.92
N MET A 220 7.29 -23.34 -8.62
CA MET A 220 6.20 -24.10 -8.01
C MET A 220 6.48 -24.56 -6.58
N GLY A 221 7.75 -24.76 -6.25
CA GLY A 221 8.17 -25.28 -4.95
C GLY A 221 7.15 -25.20 -3.83
N TYR A 222 6.72 -23.99 -3.50
CA TYR A 222 5.82 -23.77 -2.37
C TYR A 222 4.47 -24.42 -2.57
N TYR A 223 3.84 -24.16 -3.70
CA TYR A 223 2.53 -24.71 -3.99
C TYR A 223 2.55 -26.23 -4.10
N LEU A 224 3.65 -26.76 -4.61
CA LEU A 224 3.85 -28.20 -4.71
C LEU A 224 3.84 -28.86 -3.33
N ILE A 225 4.52 -28.25 -2.37
CA ILE A 225 4.64 -28.78 -1.01
C ILE A 225 3.46 -28.41 -0.10
N GLN A 226 2.85 -27.26 -0.31
CA GLN A 226 1.79 -26.78 0.58
C GLN A 226 0.37 -27.07 0.04
N MET A 227 0.27 -27.46 -1.23
CA MET A 227 -1.04 -27.71 -1.85
C MET A 227 -1.11 -29.09 -2.52
N TYR A 228 -0.34 -29.26 -3.60
CA TYR A 228 -0.46 -30.44 -4.45
C TYR A 228 -0.18 -31.74 -3.70
N ILE A 229 0.98 -31.82 -3.05
CA ILE A 229 1.37 -33.04 -2.36
C ILE A 229 0.43 -33.37 -1.18
N PRO A 230 0.16 -32.40 -0.29
CA PRO A 230 -0.82 -32.63 0.78
C PRO A 230 -2.22 -33.05 0.32
N SER A 231 -2.73 -32.39 -0.72
CA SER A 231 -4.06 -32.72 -1.24
C SER A 231 -4.11 -34.14 -1.79
N LEU A 232 -3.07 -34.52 -2.53
CA LEU A 232 -2.94 -35.88 -3.09
C LEU A 232 -3.15 -36.96 -2.03
N LEU A 233 -2.60 -36.75 -0.84
CA LEU A 233 -2.69 -37.72 0.25
C LEU A 233 -4.08 -37.80 0.86
N ILE A 234 -4.77 -36.66 0.94
CA ILE A 234 -6.12 -36.61 1.50
C ILE A 234 -7.12 -37.32 0.58
N VAL A 235 -6.85 -37.30 -0.72
CA VAL A 235 -7.72 -37.95 -1.71
C VAL A 235 -7.58 -39.47 -1.69
N ILE A 236 -6.37 -39.97 -1.41
CA ILE A 236 -6.13 -41.41 -1.29
C ILE A 236 -6.82 -42.00 -0.05
N LEU A 237 -6.68 -41.33 1.09
CA LEU A 237 -7.41 -41.69 2.30
C LEU A 237 -8.92 -41.79 2.07
N SER A 238 -9.45 -41.01 1.14
CA SER A 238 -10.87 -41.08 0.80
C SER A 238 -11.24 -42.47 0.25
N TRP A 239 -10.31 -43.10 -0.46
CA TRP A 239 -10.58 -44.38 -1.12
C TRP A 239 -10.60 -45.58 -0.16
N VAL A 240 -9.82 -45.51 0.93
CA VAL A 240 -9.72 -46.65 1.85
C VAL A 240 -11.06 -46.96 2.52
N SER A 241 -11.94 -45.97 2.60
CA SER A 241 -13.30 -46.19 3.11
C SER A 241 -14.01 -47.32 2.36
N PHE A 242 -13.73 -47.44 1.06
CA PHE A 242 -14.31 -48.51 0.24
C PHE A 242 -13.92 -49.90 0.75
N TRP A 243 -12.68 -50.02 1.24
CA TRP A 243 -12.13 -51.31 1.65
C TRP A 243 -12.61 -51.78 3.02
N ILE A 244 -13.33 -50.94 3.75
CA ILE A 244 -14.02 -51.38 4.96
C ILE A 244 -15.43 -51.81 4.59
N ASN A 245 -15.93 -52.84 5.26
CA ASN A 245 -17.29 -53.34 5.05
C ASN A 245 -18.34 -52.32 5.50
N MET A 246 -19.61 -52.61 5.20
CA MET A 246 -20.71 -51.68 5.46
C MET A 246 -21.01 -51.50 6.96
N ASP A 247 -20.65 -52.48 7.77
CA ASP A 247 -20.99 -52.50 9.20
C ASP A 247 -20.30 -51.39 10.02
N ALA A 248 -19.07 -51.05 9.64
CA ALA A 248 -18.30 -50.02 10.36
C ALA A 248 -18.82 -48.61 10.10
N ALA A 249 -19.91 -48.26 10.77
CA ALA A 249 -20.50 -46.93 10.65
C ALA A 249 -19.57 -45.82 11.15
N PRO A 250 -18.87 -46.05 12.27
CA PRO A 250 -17.99 -44.98 12.77
C PRO A 250 -16.85 -44.64 11.82
N ALA A 251 -16.09 -45.66 11.42
CA ALA A 251 -14.88 -45.47 10.62
C ALA A 251 -15.15 -44.78 9.28
N ARG A 252 -16.06 -45.35 8.49
CA ARG A 252 -16.34 -44.84 7.15
C ARG A 252 -16.86 -43.40 7.15
N VAL A 253 -17.68 -43.07 8.15
CA VAL A 253 -18.17 -41.71 8.31
C VAL A 253 -17.04 -40.81 8.82
N ALA A 254 -16.25 -41.31 9.77
CA ALA A 254 -15.13 -40.55 10.33
C ALA A 254 -14.14 -40.11 9.26
N LEU A 255 -13.78 -41.02 8.37
CA LEU A 255 -12.89 -40.68 7.25
C LEU A 255 -13.53 -39.66 6.33
N GLY A 256 -14.74 -39.95 5.87
CA GLY A 256 -15.47 -39.07 4.97
C GLY A 256 -15.63 -37.65 5.48
N ILE A 257 -15.89 -37.52 6.77
CA ILE A 257 -16.01 -36.20 7.41
C ILE A 257 -14.65 -35.53 7.52
N THR A 258 -13.65 -36.27 8.01
CA THR A 258 -12.30 -35.73 8.13
C THR A 258 -11.74 -35.29 6.79
N THR A 259 -11.79 -36.19 5.81
CA THR A 259 -11.24 -35.90 4.48
C THR A 259 -11.82 -34.63 3.87
N VAL A 260 -13.15 -34.47 3.91
CA VAL A 260 -13.79 -33.28 3.35
C VAL A 260 -13.41 -32.05 4.17
N LEU A 261 -13.51 -32.18 5.49
CA LEU A 261 -13.22 -31.09 6.40
C LEU A 261 -11.75 -30.65 6.29
N THR A 262 -10.85 -31.62 6.17
CA THR A 262 -9.42 -31.35 6.02
C THR A 262 -9.08 -30.79 4.65
N MET A 263 -9.76 -31.26 3.62
CA MET A 263 -9.58 -30.72 2.27
C MET A 263 -9.99 -29.24 2.21
N THR A 264 -11.03 -28.89 2.97
CA THR A 264 -11.57 -27.54 2.96
C THR A 264 -10.69 -26.54 3.70
N THR A 265 -10.14 -26.95 4.85
CA THR A 265 -9.24 -26.06 5.61
C THR A 265 -7.88 -25.89 4.93
N GLN A 266 -7.63 -26.64 3.85
CA GLN A 266 -6.46 -26.41 3.00
C GLN A 266 -6.77 -25.44 1.88
N SER A 267 -7.95 -25.57 1.27
CA SER A 267 -8.33 -24.69 0.16
C SER A 267 -8.45 -23.22 0.61
N SER A 268 -9.09 -22.99 1.75
CA SER A 268 -9.15 -21.65 2.33
C SER A 268 -7.76 -21.15 2.72
N GLY A 269 -6.93 -22.05 3.24
CA GLY A 269 -5.57 -21.72 3.62
C GLY A 269 -4.70 -21.26 2.46
N SER A 270 -4.91 -21.83 1.29
CA SER A 270 -4.11 -21.53 0.12
C SER A 270 -4.57 -20.28 -0.62
N ARG A 271 -5.87 -19.99 -0.58
CA ARG A 271 -6.44 -18.78 -1.18
C ARG A 271 -5.64 -17.53 -0.80
N ALA A 272 -5.24 -17.45 0.47
CA ALA A 272 -4.52 -16.29 1.01
C ALA A 272 -3.47 -15.71 0.07
N SER A 273 -2.63 -16.57 -0.51
CA SER A 273 -1.49 -16.11 -1.30
C SER A 273 -1.66 -16.31 -2.82
N LEU A 274 -2.89 -16.49 -3.28
CA LEU A 274 -3.14 -16.62 -4.72
C LEU A 274 -3.10 -15.23 -5.35
N PRO A 275 -2.70 -15.12 -6.62
CA PRO A 275 -2.71 -13.83 -7.33
C PRO A 275 -4.11 -13.23 -7.46
N LYS A 276 -4.20 -11.91 -7.51
CA LYS A 276 -5.48 -11.23 -7.48
C LYS A 276 -6.11 -11.11 -8.87
N VAL A 277 -6.71 -12.21 -9.35
CA VAL A 277 -7.41 -12.24 -10.65
C VAL A 277 -8.78 -12.94 -10.52
N SER A 278 -9.80 -12.38 -11.17
CA SER A 278 -11.17 -12.87 -11.03
C SER A 278 -11.55 -14.00 -12.01
N TYR A 279 -10.56 -14.68 -12.59
CA TYR A 279 -10.83 -15.78 -13.53
C TYR A 279 -10.15 -17.08 -13.10
N VAL A 280 -10.46 -18.17 -13.80
CA VAL A 280 -10.02 -19.50 -13.40
C VAL A 280 -8.55 -19.74 -13.76
N LYS A 281 -7.83 -20.36 -12.84
CA LYS A 281 -6.43 -20.72 -13.04
C LYS A 281 -6.25 -22.22 -12.89
N ALA A 282 -5.12 -22.74 -13.35
CA ALA A 282 -4.85 -24.18 -13.25
C ALA A 282 -5.00 -24.65 -11.81
N ILE A 283 -4.40 -23.91 -10.88
CA ILE A 283 -4.48 -24.26 -9.46
C ILE A 283 -5.92 -24.40 -8.96
N ASP A 284 -6.81 -23.52 -9.43
CA ASP A 284 -8.20 -23.53 -8.97
C ASP A 284 -8.94 -24.81 -9.37
N ILE A 285 -8.69 -25.26 -10.59
CA ILE A 285 -9.27 -26.49 -11.10
C ILE A 285 -8.88 -27.64 -10.18
N TRP A 286 -7.58 -27.89 -10.08
CA TRP A 286 -7.07 -28.95 -9.22
C TRP A 286 -7.81 -29.00 -7.88
N MET A 287 -7.93 -27.85 -7.23
CA MET A 287 -8.54 -27.78 -5.91
C MET A 287 -10.02 -28.16 -5.92
N ALA A 288 -10.72 -27.80 -6.99
CA ALA A 288 -12.13 -28.12 -7.14
C ALA A 288 -12.34 -29.58 -7.45
N VAL A 289 -11.50 -30.13 -8.32
CA VAL A 289 -11.54 -31.55 -8.66
C VAL A 289 -11.22 -32.42 -7.44
N CYS A 290 -10.18 -32.07 -6.69
CA CYS A 290 -9.87 -32.76 -5.46
C CYS A 290 -11.01 -32.69 -4.44
N LEU A 291 -11.78 -31.60 -4.47
CA LEU A 291 -12.98 -31.50 -3.64
C LEU A 291 -14.06 -32.49 -4.06
N LEU A 292 -14.34 -32.57 -5.36
CA LEU A 292 -15.32 -33.55 -5.88
C LEU A 292 -15.01 -34.97 -5.45
N PHE A 293 -13.76 -35.39 -5.64
CA PHE A 293 -13.36 -36.76 -5.35
C PHE A 293 -13.45 -37.09 -3.87
N VAL A 294 -13.21 -36.09 -3.03
CA VAL A 294 -13.32 -36.27 -1.59
C VAL A 294 -14.78 -36.24 -1.15
N PHE A 295 -15.58 -35.38 -1.80
CA PHE A 295 -17.01 -35.26 -1.53
C PHE A 295 -17.79 -36.50 -1.97
N SER A 296 -17.52 -36.95 -3.20
CA SER A 296 -18.27 -38.05 -3.82
C SER A 296 -17.93 -39.43 -3.23
N ALA A 297 -16.76 -39.57 -2.61
CA ALA A 297 -16.42 -40.79 -1.87
C ALA A 297 -17.26 -40.92 -0.60
N LEU A 298 -17.59 -39.78 0.02
CA LEU A 298 -18.52 -39.75 1.15
C LEU A 298 -19.96 -39.89 0.66
N LEU A 299 -20.25 -39.34 -0.51
CA LEU A 299 -21.58 -39.45 -1.12
C LEU A 299 -21.86 -40.88 -1.60
N GLU A 300 -20.82 -41.60 -2.01
CA GLU A 300 -20.96 -42.99 -2.44
C GLU A 300 -21.40 -43.88 -1.28
N TYR A 301 -20.75 -43.73 -0.13
CA TYR A 301 -21.11 -44.49 1.07
C TYR A 301 -22.55 -44.23 1.52
N ALA A 302 -23.06 -43.04 1.27
CA ALA A 302 -24.47 -42.74 1.53
C ALA A 302 -25.39 -43.58 0.63
N ALA A 303 -24.98 -43.77 -0.63
CA ALA A 303 -25.72 -44.62 -1.56
C ALA A 303 -25.60 -46.11 -1.21
N VAL A 304 -24.44 -46.50 -0.67
CA VAL A 304 -24.22 -47.87 -0.17
C VAL A 304 -25.15 -48.13 1.01
N ASN A 305 -25.10 -47.24 2.00
CA ASN A 305 -25.91 -47.36 3.21
C ASN A 305 -27.41 -47.29 2.93
N PHE A 306 -27.81 -46.50 1.93
CA PHE A 306 -29.22 -46.38 1.55
C PHE A 306 -29.75 -47.68 0.96
N VAL A 307 -28.92 -48.35 0.16
CA VAL A 307 -29.31 -49.60 -0.50
C VAL A 307 -29.44 -50.74 0.51
N SER A 308 -28.41 -50.94 1.34
CA SER A 308 -28.43 -52.00 2.34
C SER A 308 -29.33 -51.70 3.55
N ARG A 309 -29.96 -50.52 3.58
CA ARG A 309 -30.98 -50.19 4.58
C ARG A 309 -32.03 -51.29 4.60
N ALA A 310 -32.48 -51.70 3.42
CA ALA A 310 -33.26 -52.91 3.27
C ALA A 310 -32.34 -54.10 3.54
N GLY A 311 -32.53 -54.78 4.67
CA GLY A 311 -31.60 -55.81 5.15
C GLY A 311 -31.65 -57.17 4.48
N THR A 312 -32.38 -57.29 3.38
CA THR A 312 -32.45 -58.55 2.62
C THR A 312 -31.16 -58.82 1.82
N LYS A 313 -31.04 -60.04 1.31
CA LYS A 313 -29.82 -60.49 0.62
C LYS A 313 -29.62 -59.91 -0.78
N VAL A 314 -30.73 -59.58 -1.46
CA VAL A 314 -30.67 -58.98 -2.80
C VAL A 314 -29.97 -57.62 -2.77
N PHE A 315 -30.27 -56.84 -1.73
CA PHE A 315 -29.78 -55.47 -1.62
C PHE A 315 -28.37 -55.40 -1.02
N ILE A 316 -28.05 -56.34 -0.12
CA ILE A 316 -26.68 -56.44 0.43
C ILE A 316 -25.67 -56.84 -0.67
N ASP A 317 -26.15 -57.52 -1.71
CA ASP A 317 -25.33 -57.78 -2.90
C ASP A 317 -25.16 -56.51 -3.74
N ARG A 318 -26.25 -55.75 -3.89
CA ARG A 318 -26.23 -54.47 -4.61
C ARG A 318 -25.29 -53.44 -3.95
N ALA A 319 -25.33 -53.38 -2.62
CA ALA A 319 -24.50 -52.46 -1.85
C ALA A 319 -23.04 -52.90 -1.80
N LYS A 320 -22.80 -54.21 -1.78
CA LYS A 320 -21.45 -54.77 -1.84
C LYS A 320 -20.79 -54.54 -3.19
N LYS A 321 -21.62 -54.46 -4.24
CA LYS A 321 -21.15 -54.15 -5.59
C LYS A 321 -20.61 -52.72 -5.71
N ILE A 322 -21.30 -51.77 -5.10
CA ILE A 322 -20.92 -50.35 -5.17
C ILE A 322 -19.49 -50.13 -4.69
N ASP A 323 -19.18 -50.64 -3.50
CA ASP A 323 -17.84 -50.51 -2.92
C ASP A 323 -16.76 -51.16 -3.79
N THR A 324 -16.96 -52.42 -4.14
CA THR A 324 -15.98 -53.18 -4.91
C THR A 324 -15.71 -52.54 -6.27
N ILE A 325 -16.73 -51.91 -6.86
CA ILE A 325 -16.56 -51.11 -8.07
C ILE A 325 -15.75 -49.85 -7.75
N SER A 326 -16.15 -49.15 -6.69
CA SER A 326 -15.50 -47.91 -6.28
C SER A 326 -14.00 -48.07 -5.96
N ARG A 327 -13.61 -49.26 -5.51
CA ARG A 327 -12.20 -49.54 -5.17
C ARG A 327 -11.26 -49.39 -6.37
N ALA A 328 -11.77 -49.64 -7.59
CA ALA A 328 -10.96 -49.55 -8.80
C ALA A 328 -11.52 -48.57 -9.84
N CYS A 329 -12.45 -47.71 -9.42
CA CYS A 329 -13.01 -46.68 -10.30
C CYS A 329 -12.47 -45.30 -9.96
N PHE A 330 -12.50 -44.97 -8.67
CA PHE A 330 -12.01 -43.67 -8.19
C PHE A 330 -10.53 -43.49 -8.52
N PRO A 331 -9.68 -44.49 -8.23
CA PRO A 331 -8.25 -44.35 -8.58
C PRO A 331 -7.97 -44.30 -10.09
N LEU A 332 -8.84 -44.88 -10.90
CA LEU A 332 -8.71 -44.77 -12.37
C LEU A 332 -9.20 -43.41 -12.84
N ALA A 333 -10.38 -43.01 -12.36
CA ALA A 333 -10.95 -41.70 -12.68
C ALA A 333 -9.99 -40.55 -12.34
N PHE A 334 -9.37 -40.64 -11.16
CA PHE A 334 -8.40 -39.65 -10.71
C PHE A 334 -7.19 -39.64 -11.63
N LEU A 335 -6.61 -40.81 -11.86
CA LEU A 335 -5.40 -40.93 -12.68
C LEU A 335 -5.63 -40.35 -14.08
N ILE A 336 -6.80 -40.65 -14.66
CA ILE A 336 -7.15 -40.12 -15.98
C ILE A 336 -7.22 -38.59 -15.98
N PHE A 337 -7.75 -38.01 -14.91
CA PHE A 337 -7.74 -36.55 -14.73
C PHE A 337 -6.33 -36.04 -14.49
N ASN A 338 -5.58 -36.75 -13.65
CA ASN A 338 -4.22 -36.36 -13.29
C ASN A 338 -3.30 -36.35 -14.51
N ILE A 339 -3.43 -37.37 -15.36
CA ILE A 339 -2.66 -37.47 -16.60
C ILE A 339 -2.94 -36.26 -17.49
N PHE A 340 -4.22 -35.97 -17.71
CA PHE A 340 -4.63 -34.78 -18.46
C PHE A 340 -3.98 -33.52 -17.88
N TYR A 341 -4.26 -33.27 -16.60
CA TYR A 341 -3.81 -32.05 -15.92
C TYR A 341 -2.33 -31.74 -16.15
N TRP A 342 -1.45 -32.63 -15.72
CA TRP A 342 -0.01 -32.39 -15.78
C TRP A 342 0.53 -32.39 -17.22
N VAL A 343 -0.13 -33.13 -18.10
CA VAL A 343 0.23 -33.13 -19.53
C VAL A 343 -0.11 -31.79 -20.16
N ILE A 344 -1.28 -31.26 -19.83
CA ILE A 344 -1.78 -29.99 -20.42
C ILE A 344 -0.93 -28.77 -20.03
N TYR A 345 -0.55 -28.70 -18.75
CA TYR A 345 0.19 -27.55 -18.24
C TYR A 345 1.71 -27.71 -18.31
N LYS A 346 2.18 -28.90 -18.66
CA LYS A 346 3.58 -29.13 -19.00
C LYS A 346 3.66 -29.80 -20.39
N ILE A 347 3.02 -29.16 -21.36
CA ILE A 347 3.09 -29.59 -22.76
C ILE A 347 4.49 -29.31 -23.29
N SER B 9 16.67 26.57 -42.75
CA SER B 9 16.65 27.10 -41.35
C SER B 9 15.23 27.11 -40.78
N PRO B 10 14.61 25.92 -40.63
CA PRO B 10 13.20 25.83 -40.23
C PRO B 10 12.93 26.31 -38.81
N SER B 11 13.90 26.13 -37.92
CA SER B 11 13.87 26.72 -36.59
C SER B 11 13.79 28.25 -36.64
N ASP B 12 14.56 28.85 -37.55
CA ASP B 12 14.65 30.31 -37.66
C ASP B 12 13.38 30.92 -38.26
N PHE B 13 12.80 30.24 -39.23
CA PHE B 13 11.58 30.72 -39.88
C PHE B 13 10.39 30.71 -38.92
N LEU B 14 10.38 29.76 -38.00
CA LEU B 14 9.33 29.70 -36.98
C LEU B 14 9.30 30.98 -36.14
N ASP B 15 10.42 31.32 -35.51
CA ASP B 15 10.47 32.51 -34.66
C ASP B 15 10.30 33.84 -35.41
N LYS B 16 10.20 33.79 -36.74
CA LYS B 16 9.73 34.92 -37.53
C LYS B 16 8.20 35.03 -37.51
N LEU B 17 7.51 33.89 -37.39
CA LEU B 17 6.05 33.84 -37.19
C LEU B 17 5.63 34.18 -35.75
N MET B 18 6.47 33.83 -34.78
CA MET B 18 6.15 33.94 -33.35
C MET B 18 6.80 35.16 -32.68
N GLY B 19 8.01 35.51 -33.11
CA GLY B 19 8.89 36.40 -32.35
C GLY B 19 8.54 37.88 -32.39
N ARG B 20 9.49 38.69 -31.95
CA ARG B 20 9.31 40.13 -31.75
C ARG B 20 8.52 40.79 -32.89
N THR B 21 9.08 40.77 -34.10
CA THR B 21 8.52 41.51 -35.22
C THR B 21 7.32 40.85 -35.91
N SER B 22 6.76 39.79 -35.32
CA SER B 22 5.59 39.12 -35.90
C SER B 22 4.30 39.76 -35.45
N GLY B 23 4.23 40.14 -34.17
CA GLY B 23 3.00 40.66 -33.58
C GLY B 23 2.08 39.59 -33.01
N TYR B 24 2.52 38.34 -33.04
CA TYR B 24 1.71 37.22 -32.54
C TYR B 24 1.70 37.19 -31.02
N ASP B 25 0.53 36.99 -30.43
CA ASP B 25 0.39 36.84 -28.99
C ASP B 25 -0.26 35.50 -28.64
N ALA B 26 0.40 34.74 -27.77
CA ALA B 26 -0.09 33.43 -27.36
C ALA B 26 -1.34 33.51 -26.49
N ARG B 27 -1.45 34.56 -25.68
CA ARG B 27 -2.60 34.75 -24.79
C ARG B 27 -3.91 34.86 -25.56
N ILE B 28 -3.86 35.35 -26.79
CA ILE B 28 -5.07 35.58 -27.60
C ILE B 28 -5.39 34.34 -28.45
N ARG B 29 -6.69 34.02 -28.55
CA ARG B 29 -7.15 32.86 -29.31
C ARG B 29 -7.25 33.17 -30.81
N PRO B 30 -7.11 32.14 -31.67
CA PRO B 30 -7.36 32.34 -33.10
C PRO B 30 -8.81 32.72 -33.40
N ASN B 31 -9.00 33.56 -34.41
CA ASN B 31 -10.31 34.14 -34.75
C ASN B 31 -10.91 34.89 -33.56
N PHE B 32 -10.07 35.64 -32.86
CA PHE B 32 -10.46 36.35 -31.65
C PHE B 32 -11.70 37.22 -31.87
N LYS B 33 -11.85 37.75 -33.08
CA LYS B 33 -13.01 38.56 -33.42
C LYS B 33 -14.30 37.78 -33.17
N GLY B 34 -14.53 36.74 -33.97
CA GLY B 34 -15.83 36.10 -34.03
C GLY B 34 -15.88 34.61 -33.72
N PRO B 35 -15.87 33.75 -34.76
CA PRO B 35 -16.37 32.40 -34.64
C PRO B 35 -15.45 31.45 -33.85
N PRO B 36 -16.03 30.38 -33.25
CA PRO B 36 -15.28 29.51 -32.34
C PRO B 36 -14.23 28.66 -33.04
N VAL B 37 -13.22 28.23 -32.29
CA VAL B 37 -12.18 27.36 -32.85
C VAL B 37 -12.57 25.91 -32.69
N ASN B 38 -12.77 25.22 -33.81
CA ASN B 38 -13.11 23.81 -33.81
C ASN B 38 -11.86 22.95 -33.59
N VAL B 39 -11.75 22.37 -32.41
CA VAL B 39 -10.65 21.47 -32.09
C VAL B 39 -11.09 20.03 -32.28
N THR B 40 -10.23 19.23 -32.92
CA THR B 40 -10.54 17.82 -33.17
C THR B 40 -9.64 16.92 -32.31
N CYS B 41 -10.28 16.17 -31.42
CA CYS B 41 -9.59 15.29 -30.49
C CYS B 41 -9.63 13.84 -30.95
N ASN B 42 -8.59 13.11 -30.60
CA ASN B 42 -8.62 11.66 -30.66
C ASN B 42 -7.50 11.12 -29.78
N ILE B 43 -7.75 9.97 -29.16
CA ILE B 43 -6.81 9.40 -28.20
C ILE B 43 -6.41 7.99 -28.63
N PHE B 44 -5.24 7.55 -28.18
CA PHE B 44 -4.84 6.16 -28.26
C PHE B 44 -4.50 5.70 -26.84
N ILE B 45 -5.05 4.57 -26.43
CA ILE B 45 -4.90 4.07 -25.07
C ILE B 45 -3.90 2.91 -25.01
N ASN B 46 -2.69 3.22 -24.55
CA ASN B 46 -1.61 2.22 -24.44
C ASN B 46 -1.78 1.37 -23.19
N SER B 47 -2.25 1.97 -22.11
CA SER B 47 -2.40 1.30 -20.83
C SER B 47 -3.77 1.56 -20.23
N PHE B 48 -4.30 0.58 -19.51
CA PHE B 48 -5.61 0.70 -18.88
C PHE B 48 -5.65 -0.30 -17.73
N GLY B 49 -5.93 0.18 -16.53
CA GLY B 49 -5.96 -0.70 -15.37
C GLY B 49 -6.03 0.06 -14.07
N SER B 50 -5.55 -0.60 -13.01
CA SER B 50 -5.54 -0.03 -11.66
C SER B 50 -6.93 0.45 -11.25
N ILE B 51 -7.93 -0.40 -11.53
CA ILE B 51 -9.32 -0.10 -11.22
C ILE B 51 -9.56 -0.48 -9.78
N ALA B 52 -9.99 0.48 -8.98
CA ALA B 52 -10.11 0.30 -7.54
C ALA B 52 -11.50 0.65 -7.08
N GLU B 53 -12.02 -0.12 -6.14
CA GLU B 53 -13.26 0.25 -5.46
C GLU B 53 -12.97 1.07 -4.20
N THR B 54 -11.71 1.09 -3.76
CA THR B 54 -11.31 1.83 -2.57
C THR B 54 -11.23 3.32 -2.88
N THR B 55 -10.46 3.64 -3.91
CA THR B 55 -10.32 5.01 -4.40
C THR B 55 -11.34 5.31 -5.46
N MET B 56 -12.04 4.30 -5.95
CA MET B 56 -13.15 4.50 -6.87
C MET B 56 -12.69 5.27 -8.13
N ASP B 57 -11.68 4.73 -8.80
CA ASP B 57 -11.05 5.39 -9.94
C ASP B 57 -10.35 4.37 -10.84
N TYR B 58 -9.74 4.83 -11.91
CA TYR B 58 -8.94 3.96 -12.76
C TYR B 58 -7.83 4.76 -13.43
N ARG B 59 -6.82 4.06 -13.95
CA ARG B 59 -5.62 4.69 -14.46
C ARG B 59 -5.38 4.33 -15.93
N VAL B 60 -5.26 5.35 -16.76
CA VAL B 60 -5.06 5.16 -18.19
C VAL B 60 -3.79 5.91 -18.63
N ASN B 61 -3.07 5.31 -19.58
CA ASN B 61 -1.93 5.96 -20.21
C ASN B 61 -2.28 6.16 -21.67
N ILE B 62 -2.25 7.40 -22.13
CA ILE B 62 -2.76 7.74 -23.46
C ILE B 62 -1.90 8.71 -24.25
N PHE B 63 -2.11 8.68 -25.56
CA PHE B 63 -1.73 9.78 -26.42
C PHE B 63 -3.00 10.59 -26.64
N LEU B 64 -2.83 11.91 -26.76
CA LEU B 64 -3.94 12.81 -27.03
C LEU B 64 -3.55 13.71 -28.18
N ARG B 65 -4.36 13.73 -29.23
CA ARG B 65 -4.01 14.42 -30.47
C ARG B 65 -5.03 15.51 -30.79
N GLN B 66 -4.65 16.76 -30.54
CA GLN B 66 -5.52 17.90 -30.80
C GLN B 66 -5.17 18.51 -32.16
N LYS B 67 -6.20 18.98 -32.87
CA LYS B 67 -6.05 19.55 -34.20
C LYS B 67 -7.02 20.73 -34.39
N TRP B 68 -6.47 21.89 -34.75
CA TRP B 68 -7.24 23.11 -34.99
C TRP B 68 -6.58 24.00 -36.05
N ASN B 69 -7.19 25.16 -36.32
CA ASN B 69 -6.65 26.13 -37.26
C ASN B 69 -6.29 27.48 -36.63
N ASP B 70 -5.07 27.94 -36.92
CA ASP B 70 -4.61 29.26 -36.51
C ASP B 70 -4.18 30.02 -37.77
N PRO B 71 -5.07 30.88 -38.32
CA PRO B 71 -4.73 31.61 -39.54
C PRO B 71 -3.49 32.51 -39.42
N ARG B 72 -3.17 32.96 -38.21
CA ARG B 72 -1.97 33.75 -37.94
C ARG B 72 -0.68 33.00 -38.31
N LEU B 73 -0.74 31.67 -38.29
CA LEU B 73 0.42 30.83 -38.62
C LEU B 73 0.40 30.36 -40.08
N ALA B 74 -0.30 31.08 -40.95
CA ALA B 74 -0.34 30.74 -42.36
C ALA B 74 0.91 31.26 -43.05
N TYR B 75 1.44 30.49 -44.00
CA TYR B 75 2.61 30.89 -44.78
C TYR B 75 2.67 30.13 -46.10
N SER B 76 3.63 30.48 -46.94
CA SER B 76 3.80 29.84 -48.26
C SER B 76 5.21 29.99 -48.83
N GLU B 77 5.74 31.21 -48.76
CA GLU B 77 7.12 31.53 -49.17
C GLU B 77 8.19 30.49 -48.82
N TYR B 78 8.09 29.86 -47.64
CA TYR B 78 9.10 28.91 -47.18
C TYR B 78 8.94 27.54 -47.86
N PRO B 79 10.06 26.95 -48.35
CA PRO B 79 10.01 25.73 -49.16
C PRO B 79 9.23 24.57 -48.53
N ASP B 80 9.62 24.17 -47.31
CA ASP B 80 9.04 22.99 -46.66
C ASP B 80 7.60 23.25 -46.22
N ASP B 81 6.73 22.27 -46.46
CA ASP B 81 5.28 22.45 -46.30
C ASP B 81 4.75 22.31 -44.87
N SER B 82 5.62 22.02 -43.91
CA SER B 82 5.22 22.00 -42.50
C SER B 82 6.42 22.19 -41.57
N LEU B 83 6.23 22.98 -40.52
CA LEU B 83 7.27 23.22 -39.52
C LEU B 83 6.90 22.55 -38.22
N ASP B 84 7.91 22.16 -37.43
CA ASP B 84 7.66 21.62 -36.10
C ASP B 84 8.29 22.51 -35.02
N LEU B 85 7.43 23.07 -34.17
CA LEU B 85 7.86 23.89 -33.04
C LEU B 85 8.51 22.99 -31.99
N ASP B 86 9.58 23.48 -31.36
CA ASP B 86 10.28 22.73 -30.34
C ASP B 86 9.43 22.62 -29.06
N PRO B 87 9.46 21.45 -28.38
CA PRO B 87 8.76 21.25 -27.11
C PRO B 87 9.02 22.31 -26.03
N SER B 88 10.23 22.84 -25.97
CA SER B 88 10.58 23.86 -24.98
C SER B 88 9.82 25.18 -25.18
N MET B 89 9.55 25.54 -26.44
CA MET B 89 8.89 26.80 -26.77
C MET B 89 7.40 26.66 -27.10
N LEU B 90 6.71 25.75 -26.42
CA LEU B 90 5.26 25.58 -26.61
C LEU B 90 4.48 26.74 -25.99
N ASP B 91 5.11 27.47 -25.07
CA ASP B 91 4.49 28.63 -24.42
C ASP B 91 4.24 29.78 -25.40
N SER B 92 5.01 29.82 -26.48
CA SER B 92 4.93 30.91 -27.47
C SER B 92 3.77 30.79 -28.46
N ILE B 93 3.00 29.72 -28.39
CA ILE B 93 1.88 29.51 -29.31
C ILE B 93 0.60 29.23 -28.52
N TRP B 94 -0.54 29.70 -29.03
CA TRP B 94 -1.84 29.41 -28.42
C TRP B 94 -2.17 27.94 -28.62
N LYS B 95 -2.74 27.34 -27.57
CA LYS B 95 -3.29 26.00 -27.65
C LYS B 95 -4.48 25.92 -26.72
N PRO B 96 -5.39 24.96 -26.95
CA PRO B 96 -6.63 24.96 -26.18
C PRO B 96 -6.44 24.62 -24.70
N ASP B 97 -7.25 25.24 -23.85
CA ASP B 97 -7.23 24.98 -22.41
C ASP B 97 -7.97 23.68 -22.07
N LEU B 98 -7.66 22.60 -22.81
CA LEU B 98 -8.33 21.32 -22.64
C LEU B 98 -7.87 20.70 -21.34
N PHE B 99 -8.82 20.34 -20.50
CA PHE B 99 -8.52 19.63 -19.26
C PHE B 99 -9.50 18.48 -19.13
N PHE B 100 -9.12 17.46 -18.36
CA PHE B 100 -9.97 16.29 -18.14
C PHE B 100 -10.85 16.52 -16.91
N ALA B 101 -12.16 16.48 -17.12
CA ALA B 101 -13.11 16.89 -16.10
C ALA B 101 -13.03 16.03 -14.85
N ASN B 102 -12.93 14.71 -15.05
CA ASN B 102 -12.89 13.76 -13.92
C ASN B 102 -11.48 13.25 -13.58
N GLU B 103 -10.46 14.06 -13.88
CA GLU B 103 -9.09 13.78 -13.49
C GLU B 103 -8.94 13.95 -11.99
N LYS B 104 -8.37 12.94 -11.34
CA LYS B 104 -7.95 13.03 -9.94
C LYS B 104 -6.46 13.39 -9.85
N GLY B 105 -5.69 12.96 -10.84
CA GLY B 105 -4.28 13.31 -10.98
C GLY B 105 -3.74 12.94 -12.36
N ALA B 106 -2.72 13.66 -12.81
CA ALA B 106 -2.18 13.45 -14.15
C ALA B 106 -0.77 14.01 -14.32
N ASN B 107 -0.06 13.54 -15.34
CA ASN B 107 1.27 14.07 -15.64
C ASN B 107 1.68 13.96 -17.12
N PHE B 108 2.60 14.83 -17.53
CA PHE B 108 3.26 14.71 -18.83
C PHE B 108 4.42 13.74 -18.69
N HIS B 109 4.90 13.25 -19.84
CA HIS B 109 6.07 12.38 -19.88
C HIS B 109 7.20 13.13 -20.51
N GLU B 110 8.38 13.02 -19.90
CA GLU B 110 9.52 13.84 -20.30
C GLU B 110 10.82 13.05 -20.22
N VAL B 111 10.75 11.80 -20.67
CA VAL B 111 11.89 10.89 -20.69
C VAL B 111 11.89 10.16 -22.04
N THR B 112 12.99 10.19 -22.78
CA THR B 112 14.24 10.87 -22.43
C THR B 112 14.17 12.37 -22.68
N THR B 113 13.41 12.77 -23.69
CA THR B 113 13.13 14.18 -23.95
C THR B 113 11.66 14.42 -23.64
N ASP B 114 11.22 15.66 -23.77
CA ASP B 114 9.81 16.01 -23.53
C ASP B 114 8.94 15.34 -24.59
N ASN B 115 8.05 14.44 -24.16
CA ASN B 115 7.18 13.69 -25.07
C ASN B 115 6.04 14.56 -25.63
N LYS B 116 6.41 15.54 -26.45
CA LYS B 116 5.44 16.44 -27.06
C LYS B 116 5.85 16.75 -28.50
N LEU B 117 4.84 16.96 -29.34
CA LEU B 117 5.07 17.36 -30.72
C LEU B 117 4.02 18.35 -31.15
N LEU B 118 4.42 19.29 -32.02
CA LEU B 118 3.51 20.29 -32.53
C LEU B 118 3.91 20.67 -33.94
N ARG B 119 3.05 20.35 -34.91
CA ARG B 119 3.24 20.79 -36.28
C ARG B 119 2.30 21.95 -36.57
N ILE B 120 2.85 22.99 -37.19
CA ILE B 120 2.04 24.04 -37.79
C ILE B 120 2.19 23.87 -39.31
N PHE B 121 1.07 23.84 -40.02
CA PHE B 121 1.05 23.49 -41.45
C PHE B 121 1.15 24.73 -42.36
N LYS B 122 1.23 24.48 -43.67
CA LYS B 122 1.28 25.55 -44.68
C LYS B 122 0.00 26.40 -44.68
N ASN B 123 -1.15 25.74 -44.55
CA ASN B 123 -2.45 26.43 -44.53
C ASN B 123 -2.85 27.03 -43.17
N GLY B 124 -2.00 26.84 -42.15
CA GLY B 124 -2.25 27.40 -40.83
C GLY B 124 -2.93 26.45 -39.85
N ASN B 125 -2.97 25.15 -40.18
CA ASN B 125 -3.51 24.15 -39.26
C ASN B 125 -2.48 23.75 -38.21
N VAL B 126 -2.96 23.07 -37.17
CA VAL B 126 -2.10 22.64 -36.05
C VAL B 126 -2.31 21.15 -35.77
N LEU B 127 -1.24 20.49 -35.32
CA LEU B 127 -1.29 19.09 -34.91
C LEU B 127 -0.47 18.87 -33.63
N TYR B 128 -1.18 18.77 -32.50
CA TYR B 128 -0.56 18.75 -31.16
C TYR B 128 -0.74 17.39 -30.49
N SER B 129 0.30 16.56 -30.52
CA SER B 129 0.28 15.23 -29.90
C SER B 129 1.06 15.23 -28.59
N ILE B 130 0.50 14.57 -27.59
CA ILE B 130 0.97 14.71 -26.22
C ILE B 130 0.70 13.42 -25.44
N ARG B 131 1.69 12.97 -24.68
CA ARG B 131 1.54 11.75 -23.91
C ARG B 131 1.25 12.08 -22.46
N LEU B 132 0.30 11.34 -21.88
CA LEU B 132 -0.29 11.68 -20.59
C LEU B 132 -0.61 10.43 -19.77
N THR B 133 -0.36 10.52 -18.47
CA THR B 133 -0.91 9.57 -17.51
C THR B 133 -2.09 10.28 -16.85
N LEU B 134 -3.22 9.59 -16.74
CA LEU B 134 -4.39 10.15 -16.08
C LEU B 134 -4.97 9.14 -15.12
N THR B 135 -5.27 9.61 -13.91
CA THR B 135 -6.09 8.87 -12.96
C THR B 135 -7.46 9.52 -13.00
N LEU B 136 -8.45 8.81 -13.51
CA LEU B 136 -9.81 9.34 -13.65
C LEU B 136 -10.75 8.68 -12.65
N SER B 137 -11.72 9.44 -12.16
CA SER B 137 -12.65 8.91 -11.18
C SER B 137 -13.78 8.17 -11.88
N CYS B 138 -14.14 7.02 -11.33
CA CYS B 138 -15.17 6.16 -11.90
C CYS B 138 -16.04 5.60 -10.76
N PRO B 139 -17.14 6.29 -10.41
CA PRO B 139 -18.08 5.79 -9.41
C PRO B 139 -18.57 4.40 -9.78
N MET B 140 -18.53 3.48 -8.82
CA MET B 140 -18.78 2.07 -9.07
C MET B 140 -19.75 1.48 -8.06
N ASP B 141 -20.70 0.69 -8.56
CA ASP B 141 -21.72 0.04 -7.74
C ASP B 141 -21.53 -1.47 -7.79
N LEU B 142 -21.18 -2.06 -6.64
CA LEU B 142 -20.93 -3.49 -6.56
C LEU B 142 -22.12 -4.27 -5.98
N LYS B 143 -23.34 -3.74 -6.12
CA LYS B 143 -24.54 -4.38 -5.56
C LYS B 143 -24.71 -5.82 -6.07
N ASN B 144 -24.45 -6.01 -7.36
CA ASN B 144 -24.65 -7.31 -8.01
C ASN B 144 -23.38 -8.18 -8.08
N PHE B 145 -22.26 -7.67 -7.57
CA PHE B 145 -20.98 -8.38 -7.57
C PHE B 145 -21.16 -9.84 -7.13
N PRO B 146 -20.53 -10.80 -7.84
CA PRO B 146 -19.56 -10.56 -8.92
C PRO B 146 -20.16 -10.61 -10.33
N MET B 147 -21.46 -10.37 -10.44
CA MET B 147 -22.14 -10.37 -11.73
C MET B 147 -22.58 -8.94 -12.03
N ASP B 148 -21.66 -8.01 -11.82
CA ASP B 148 -21.92 -6.58 -11.98
C ASP B 148 -21.25 -6.07 -13.25
N VAL B 149 -21.58 -4.85 -13.64
CA VAL B 149 -20.99 -4.21 -14.81
C VAL B 149 -20.81 -2.73 -14.52
N GLN B 150 -19.64 -2.20 -14.84
CA GLN B 150 -19.31 -0.81 -14.55
C GLN B 150 -19.06 -0.03 -15.83
N THR B 151 -19.37 1.26 -15.78
CA THR B 151 -19.24 2.14 -16.94
C THR B 151 -18.39 3.36 -16.61
N CYS B 152 -17.08 3.26 -16.84
CA CYS B 152 -16.19 4.38 -16.62
C CYS B 152 -16.18 5.31 -17.83
N ILE B 153 -16.05 6.61 -17.59
CA ILE B 153 -16.07 7.62 -18.66
C ILE B 153 -14.77 8.41 -18.72
N MET B 154 -14.75 9.47 -19.53
CA MET B 154 -13.57 10.29 -19.71
C MET B 154 -13.98 11.53 -20.47
N GLN B 155 -14.06 12.66 -19.78
CA GLN B 155 -14.56 13.90 -20.38
C GLN B 155 -13.43 14.87 -20.71
N LEU B 156 -13.40 15.34 -21.94
CA LEU B 156 -12.48 16.39 -22.36
C LEU B 156 -13.24 17.71 -22.39
N GLU B 157 -12.84 18.65 -21.54
CA GLU B 157 -13.56 19.91 -21.37
C GLU B 157 -12.61 21.10 -21.49
N SER B 158 -13.15 22.27 -21.84
CA SER B 158 -12.39 23.51 -21.89
C SER B 158 -12.52 24.25 -20.57
N PHE B 159 -11.40 24.74 -20.04
CA PHE B 159 -11.37 25.33 -18.72
C PHE B 159 -12.10 26.67 -18.65
N GLY B 160 -11.72 27.60 -19.53
CA GLY B 160 -12.22 28.98 -19.49
C GLY B 160 -12.93 29.52 -20.73
N TYR B 161 -12.87 28.81 -21.85
CA TYR B 161 -13.55 29.24 -23.07
C TYR B 161 -14.93 28.58 -23.20
N THR B 162 -15.93 29.39 -23.55
CA THR B 162 -17.28 28.88 -23.80
C THR B 162 -17.40 28.28 -25.20
N MET B 163 -18.58 27.77 -25.55
CA MET B 163 -18.87 27.23 -26.88
C MET B 163 -18.80 28.29 -27.98
N ASN B 164 -18.86 29.57 -27.59
CA ASN B 164 -18.81 30.68 -28.54
C ASN B 164 -17.41 30.84 -29.13
N ASP B 165 -16.40 30.53 -28.31
CA ASP B 165 -15.00 30.72 -28.67
C ASP B 165 -14.26 29.40 -28.90
N LEU B 166 -14.70 28.32 -28.26
CA LEU B 166 -14.01 27.02 -28.33
C LEU B 166 -14.99 25.85 -28.29
N ILE B 167 -14.92 24.99 -29.31
CA ILE B 167 -15.75 23.79 -29.38
C ILE B 167 -14.87 22.56 -29.64
N PHE B 168 -14.92 21.58 -28.72
CA PHE B 168 -14.24 20.30 -28.91
C PHE B 168 -15.12 19.33 -29.68
N GLU B 169 -14.48 18.40 -30.37
CA GLU B 169 -15.16 17.49 -31.29
C GLU B 169 -14.33 16.21 -31.44
N TRP B 170 -14.98 15.06 -31.43
CA TRP B 170 -14.30 13.79 -31.72
C TRP B 170 -14.03 13.66 -33.22
N GLN B 171 -13.12 12.77 -33.57
CA GLN B 171 -12.92 12.37 -34.98
C GLN B 171 -14.08 11.50 -35.45
N ASP B 172 -14.12 11.27 -36.76
CA ASP B 172 -15.15 10.43 -37.38
C ASP B 172 -14.67 8.97 -37.54
N GLU B 173 -13.38 8.80 -37.81
CA GLU B 173 -12.76 7.48 -37.86
C GLU B 173 -12.04 7.20 -36.55
N ALA B 174 -12.17 5.97 -36.05
CA ALA B 174 -11.51 5.52 -34.82
C ALA B 174 -10.96 6.66 -33.99
N PRO B 175 -11.86 7.41 -33.30
CA PRO B 175 -11.45 8.52 -32.47
C PRO B 175 -10.80 8.06 -31.17
N VAL B 176 -11.18 6.86 -30.72
CA VAL B 176 -10.58 6.24 -29.55
C VAL B 176 -10.15 4.83 -29.91
N GLN B 177 -8.89 4.52 -29.63
CA GLN B 177 -8.31 3.23 -29.95
C GLN B 177 -7.61 2.64 -28.73
N VAL B 178 -7.69 1.33 -28.57
CA VAL B 178 -7.03 0.62 -27.49
C VAL B 178 -5.99 -0.33 -28.08
N ALA B 179 -4.83 -0.42 -27.41
CA ALA B 179 -3.73 -1.26 -27.89
C ALA B 179 -4.11 -2.73 -27.91
N GLU B 180 -3.39 -3.49 -28.74
CA GLU B 180 -3.61 -4.92 -28.88
C GLU B 180 -3.17 -5.66 -27.62
N GLY B 181 -4.04 -6.52 -27.11
CA GLY B 181 -3.67 -7.49 -26.07
C GLY B 181 -3.55 -6.97 -24.65
N LEU B 182 -4.17 -5.83 -24.36
CA LEU B 182 -4.25 -5.35 -22.98
C LEU B 182 -5.18 -6.24 -22.19
N THR B 183 -4.85 -6.47 -20.91
CA THR B 183 -5.65 -7.34 -20.06
C THR B 183 -5.81 -6.77 -18.66
N LEU B 184 -6.99 -7.01 -18.08
CA LEU B 184 -7.31 -6.60 -16.74
C LEU B 184 -7.49 -7.86 -15.89
N PRO B 185 -7.07 -7.81 -14.61
CA PRO B 185 -7.13 -8.99 -13.76
C PRO B 185 -8.55 -9.35 -13.28
N GLN B 186 -9.44 -8.36 -13.26
CA GLN B 186 -10.80 -8.56 -12.75
C GLN B 186 -11.88 -8.36 -13.80
N PHE B 187 -11.76 -7.28 -14.58
CA PHE B 187 -12.76 -6.93 -15.59
C PHE B 187 -12.35 -7.35 -17.00
N LEU B 188 -13.30 -7.24 -17.92
CA LEU B 188 -13.06 -7.36 -19.36
C LEU B 188 -13.44 -6.04 -20.00
N LEU B 189 -12.58 -5.52 -20.87
CA LEU B 189 -12.83 -4.26 -21.54
C LEU B 189 -13.49 -4.53 -22.89
N LYS B 190 -14.71 -4.03 -23.05
CA LYS B 190 -15.49 -4.26 -24.27
C LYS B 190 -15.04 -3.34 -25.40
N GLU B 191 -15.21 -3.82 -26.62
CA GLU B 191 -14.78 -3.09 -27.82
C GLU B 191 -15.65 -1.86 -28.11
N GLU B 192 -16.87 -1.83 -27.57
CA GLU B 192 -17.77 -0.70 -27.75
C GLU B 192 -17.38 0.48 -26.86
N LYS B 193 -17.21 1.65 -27.48
CA LYS B 193 -16.95 2.90 -26.77
C LYS B 193 -17.99 3.95 -27.18
N ASP B 194 -18.97 4.20 -26.31
CA ASP B 194 -20.01 5.18 -26.60
C ASP B 194 -19.43 6.58 -26.58
N LEU B 195 -19.70 7.34 -27.63
CA LEU B 195 -19.24 8.71 -27.76
C LEU B 195 -20.44 9.64 -27.65
N ARG B 196 -20.28 10.75 -26.94
CA ARG B 196 -21.38 11.71 -26.75
C ARG B 196 -20.86 13.08 -26.31
N TYR B 197 -21.80 14.01 -26.12
CA TYR B 197 -21.49 15.33 -25.59
C TYR B 197 -21.81 15.42 -24.10
N CYS B 198 -20.99 16.19 -23.39
CA CYS B 198 -21.22 16.49 -21.97
C CYS B 198 -21.31 18.00 -21.76
N THR B 199 -21.57 18.77 -22.82
CA THR B 199 -21.53 20.24 -22.73
C THR B 199 -22.17 20.74 -21.44
N LYS B 200 -21.40 21.49 -20.65
CA LYS B 200 -21.82 21.89 -19.30
C LYS B 200 -22.47 23.27 -19.31
N HIS B 201 -23.56 23.41 -18.56
CA HIS B 201 -24.22 24.71 -18.38
C HIS B 201 -24.03 25.18 -16.93
N TYR B 202 -23.31 26.29 -16.75
CA TYR B 202 -23.25 26.97 -15.45
C TYR B 202 -23.89 28.35 -15.59
N ASN B 203 -23.91 29.11 -14.49
CA ASN B 203 -24.37 30.50 -14.52
C ASN B 203 -23.41 31.45 -15.25
N THR B 204 -22.16 31.02 -15.42
CA THR B 204 -21.13 31.82 -16.07
C THR B 204 -21.01 31.54 -17.57
N GLY B 205 -21.85 30.64 -18.08
CA GLY B 205 -21.85 30.32 -19.51
C GLY B 205 -21.93 28.83 -19.79
N LYS B 206 -21.97 28.51 -21.08
CA LYS B 206 -22.04 27.12 -21.56
C LYS B 206 -20.70 26.72 -22.16
N PHE B 207 -20.16 25.59 -21.69
CA PHE B 207 -18.80 25.19 -22.03
C PHE B 207 -18.75 23.89 -22.82
N THR B 208 -17.79 23.80 -23.74
CA THR B 208 -17.64 22.61 -24.58
C THR B 208 -17.08 21.44 -23.76
N CYS B 209 -17.61 20.25 -24.01
CA CYS B 209 -17.19 19.02 -23.32
C CYS B 209 -17.56 17.82 -24.18
N ILE B 210 -16.61 16.93 -24.41
CA ILE B 210 -16.86 15.70 -25.20
C ILE B 210 -16.38 14.48 -24.43
N GLU B 211 -17.19 13.41 -24.47
CA GLU B 211 -17.07 12.29 -23.54
C GLU B 211 -16.99 10.94 -24.26
N VAL B 212 -16.17 10.04 -23.72
CA VAL B 212 -16.11 8.65 -24.20
C VAL B 212 -16.34 7.69 -23.03
N ARG B 213 -17.27 6.76 -23.21
CA ARG B 213 -17.66 5.82 -22.17
C ARG B 213 -17.11 4.42 -22.47
N PHE B 214 -16.42 3.84 -21.48
CA PHE B 214 -16.01 2.44 -21.55
C PHE B 214 -16.93 1.61 -20.66
N HIS B 215 -17.16 0.36 -21.06
CA HIS B 215 -18.00 -0.55 -20.27
C HIS B 215 -17.16 -1.73 -19.81
N LEU B 216 -17.35 -2.13 -18.56
CA LEU B 216 -16.53 -3.17 -17.95
C LEU B 216 -17.38 -4.31 -17.41
N GLU B 217 -17.08 -5.52 -17.88
CA GLU B 217 -17.81 -6.72 -17.50
C GLU B 217 -16.93 -7.53 -16.55
N ARG B 218 -17.31 -7.59 -15.28
CA ARG B 218 -16.49 -8.27 -14.29
C ARG B 218 -16.44 -9.78 -14.56
N GLN B 219 -15.25 -10.35 -14.36
CA GLN B 219 -15.04 -11.78 -14.58
C GLN B 219 -15.49 -12.60 -13.36
N MET B 220 -16.05 -13.77 -13.62
CA MET B 220 -16.76 -14.57 -12.62
C MET B 220 -15.97 -15.79 -12.14
N GLY B 221 -15.44 -16.55 -13.11
CA GLY B 221 -14.71 -17.80 -12.89
C GLY B 221 -14.21 -18.12 -11.50
N TYR B 222 -13.25 -17.35 -11.02
CA TYR B 222 -12.63 -17.59 -9.72
C TYR B 222 -13.67 -17.76 -8.61
N TYR B 223 -14.64 -16.86 -8.56
CA TYR B 223 -15.66 -16.90 -7.51
C TYR B 223 -16.60 -18.09 -7.73
N LEU B 224 -16.83 -18.43 -8.99
CA LEU B 224 -17.63 -19.60 -9.36
C LEU B 224 -16.99 -20.88 -8.83
N ILE B 225 -15.73 -21.12 -9.19
CA ILE B 225 -15.04 -22.36 -8.84
C ILE B 225 -14.64 -22.44 -7.37
N GLN B 226 -14.22 -21.32 -6.80
CA GLN B 226 -13.63 -21.31 -5.46
C GLN B 226 -14.62 -20.98 -4.34
N MET B 227 -15.82 -20.53 -4.69
CA MET B 227 -16.82 -20.12 -3.69
C MET B 227 -18.22 -20.65 -3.95
N TYR B 228 -18.76 -20.36 -5.14
CA TYR B 228 -20.10 -20.86 -5.50
C TYR B 228 -20.17 -22.39 -5.51
N ILE B 229 -19.19 -23.04 -6.12
CA ILE B 229 -19.20 -24.50 -6.27
C ILE B 229 -19.04 -25.20 -4.91
N PRO B 230 -17.90 -24.98 -4.21
CA PRO B 230 -17.75 -25.55 -2.88
C PRO B 230 -18.94 -25.34 -1.95
N SER B 231 -19.54 -24.14 -1.97
CA SER B 231 -20.71 -23.87 -1.14
C SER B 231 -21.87 -24.77 -1.54
N LEU B 232 -22.03 -24.97 -2.85
CA LEU B 232 -23.06 -25.87 -3.38
C LEU B 232 -22.86 -27.31 -2.91
N LEU B 233 -21.61 -27.78 -2.96
CA LEU B 233 -21.28 -29.13 -2.51
C LEU B 233 -21.64 -29.33 -1.03
N ILE B 234 -21.36 -28.34 -0.21
CA ILE B 234 -21.62 -28.43 1.23
C ILE B 234 -23.13 -28.45 1.49
N VAL B 235 -23.91 -27.80 0.63
CA VAL B 235 -25.36 -27.85 0.73
C VAL B 235 -25.87 -29.24 0.37
N ILE B 236 -25.26 -29.87 -0.63
CA ILE B 236 -25.66 -31.22 -1.03
C ILE B 236 -25.40 -32.22 0.09
N LEU B 237 -24.24 -32.10 0.74
CA LEU B 237 -23.91 -32.95 1.88
C LEU B 237 -24.86 -32.76 3.06
N SER B 238 -25.51 -31.60 3.14
CA SER B 238 -26.52 -31.38 4.18
C SER B 238 -27.73 -32.30 3.94
N TRP B 239 -28.06 -32.54 2.68
CA TRP B 239 -29.21 -33.35 2.32
C TRP B 239 -29.03 -34.86 2.56
N VAL B 240 -27.79 -35.34 2.62
CA VAL B 240 -27.55 -36.78 2.74
C VAL B 240 -28.00 -37.33 4.10
N SER B 241 -28.08 -36.45 5.11
CA SER B 241 -28.55 -36.84 6.44
C SER B 241 -30.03 -37.26 6.44
N PHE B 242 -30.79 -36.78 5.45
CA PHE B 242 -32.17 -37.22 5.27
C PHE B 242 -32.25 -38.68 4.80
N TRP B 243 -31.15 -39.17 4.21
CA TRP B 243 -31.06 -40.55 3.74
C TRP B 243 -30.45 -41.53 4.76
N ILE B 244 -30.41 -41.14 6.03
CA ILE B 244 -30.09 -42.06 7.15
C ILE B 244 -31.26 -42.07 8.12
N ASN B 245 -31.50 -43.21 8.75
CA ASN B 245 -32.57 -43.36 9.74
C ASN B 245 -32.40 -42.45 10.97
N MET B 246 -33.53 -42.15 11.63
CA MET B 246 -33.52 -41.29 12.82
C MET B 246 -32.61 -41.80 13.94
N ASP B 247 -32.42 -43.12 13.98
CA ASP B 247 -31.62 -43.77 15.03
C ASP B 247 -30.17 -43.30 15.02
N ALA B 248 -29.51 -43.44 13.88
CA ALA B 248 -28.07 -43.18 13.76
C ALA B 248 -27.68 -41.77 14.20
N ALA B 249 -27.44 -41.61 15.49
CA ALA B 249 -27.04 -40.33 16.06
C ALA B 249 -25.68 -39.85 15.56
N PRO B 250 -24.65 -40.73 15.57
CA PRO B 250 -23.30 -40.29 15.20
C PRO B 250 -23.21 -39.65 13.81
N ALA B 251 -23.82 -40.28 12.80
CA ALA B 251 -23.73 -39.80 11.43
C ALA B 251 -24.53 -38.50 11.23
N ARG B 252 -25.84 -38.57 11.46
CA ARG B 252 -26.74 -37.43 11.23
C ARG B 252 -26.35 -36.18 12.01
N VAL B 253 -25.82 -36.37 13.22
CA VAL B 253 -25.30 -35.25 13.99
C VAL B 253 -24.01 -34.75 13.34
N ALA B 254 -23.05 -35.65 13.12
CA ALA B 254 -21.73 -35.28 12.62
C ALA B 254 -21.76 -34.62 11.24
N LEU B 255 -22.70 -35.02 10.39
CA LEU B 255 -22.91 -34.35 9.10
C LEU B 255 -23.38 -32.92 9.30
N GLY B 256 -24.46 -32.75 10.06
CA GLY B 256 -24.99 -31.42 10.38
C GLY B 256 -23.95 -30.49 10.97
N ILE B 257 -23.10 -31.03 11.85
CA ILE B 257 -22.02 -30.25 12.47
C ILE B 257 -20.99 -29.84 11.44
N THR B 258 -20.48 -30.83 10.70
CA THR B 258 -19.48 -30.59 9.67
C THR B 258 -19.98 -29.54 8.68
N THR B 259 -21.16 -29.80 8.11
CA THR B 259 -21.73 -28.89 7.12
C THR B 259 -21.80 -27.45 7.62
N VAL B 260 -22.35 -27.25 8.82
CA VAL B 260 -22.51 -25.90 9.39
C VAL B 260 -21.16 -25.26 9.66
N LEU B 261 -20.28 -25.99 10.34
CA LEU B 261 -18.94 -25.51 10.64
C LEU B 261 -18.17 -25.21 9.35
N THR B 262 -18.15 -26.18 8.43
CA THR B 262 -17.46 -26.04 7.15
C THR B 262 -17.98 -24.88 6.32
N MET B 263 -19.30 -24.73 6.28
CA MET B 263 -19.92 -23.65 5.52
C MET B 263 -19.44 -22.28 6.03
N THR B 264 -19.36 -22.15 7.35
CA THR B 264 -18.97 -20.90 7.98
C THR B 264 -17.52 -20.51 7.70
N THR B 265 -16.62 -21.50 7.75
CA THR B 265 -15.19 -21.25 7.49
C THR B 265 -14.94 -20.73 6.07
N GLN B 266 -15.86 -21.02 5.15
CA GLN B 266 -15.77 -20.52 3.78
C GLN B 266 -16.24 -19.08 3.65
N SER B 267 -17.38 -18.73 4.25
CA SER B 267 -17.92 -17.38 4.13
C SER B 267 -16.90 -16.36 4.64
N SER B 268 -16.26 -16.67 5.77
CA SER B 268 -15.16 -15.86 6.29
C SER B 268 -13.87 -16.05 5.50
N GLY B 269 -13.67 -17.25 4.97
CA GLY B 269 -12.55 -17.53 4.07
C GLY B 269 -12.56 -16.64 2.83
N SER B 270 -13.75 -16.38 2.31
CA SER B 270 -13.91 -15.51 1.14
C SER B 270 -13.79 -14.03 1.47
N ARG B 271 -14.23 -13.63 2.67
CA ARG B 271 -14.22 -12.22 3.09
C ARG B 271 -12.92 -11.50 2.80
N ALA B 272 -11.80 -12.17 3.05
CA ALA B 272 -10.48 -11.58 2.91
C ALA B 272 -10.10 -11.23 1.46
N SER B 273 -10.78 -11.85 0.50
CA SER B 273 -10.52 -11.60 -0.92
C SER B 273 -11.64 -10.84 -1.65
N LEU B 274 -12.73 -10.52 -0.96
CA LEU B 274 -13.83 -9.79 -1.57
C LEU B 274 -13.60 -8.27 -1.50
N PRO B 275 -14.15 -7.52 -2.48
CA PRO B 275 -14.00 -6.07 -2.46
C PRO B 275 -14.69 -5.46 -1.26
N LYS B 276 -13.89 -4.90 -0.34
CA LYS B 276 -14.37 -4.49 0.98
C LYS B 276 -15.30 -3.26 0.93
N VAL B 277 -16.61 -3.51 0.92
CA VAL B 277 -17.63 -2.45 0.97
C VAL B 277 -18.62 -2.75 2.11
N SER B 278 -19.37 -1.74 2.54
CA SER B 278 -20.27 -1.89 3.69
C SER B 278 -21.67 -2.41 3.35
N TYR B 279 -22.02 -2.42 2.07
CA TYR B 279 -23.38 -2.80 1.66
C TYR B 279 -23.43 -4.23 1.15
N VAL B 280 -24.63 -4.74 0.90
CA VAL B 280 -24.81 -6.15 0.56
C VAL B 280 -24.60 -6.40 -0.93
N LYS B 281 -23.62 -7.26 -1.25
CA LYS B 281 -23.36 -7.68 -2.63
C LYS B 281 -24.18 -8.94 -2.93
N ALA B 282 -24.26 -9.32 -4.20
CA ALA B 282 -25.03 -10.51 -4.59
C ALA B 282 -24.42 -11.79 -4.03
N ILE B 283 -23.09 -11.89 -4.04
CA ILE B 283 -22.39 -13.01 -3.42
C ILE B 283 -22.73 -13.15 -1.93
N ASP B 284 -22.93 -12.02 -1.26
CA ASP B 284 -23.22 -12.04 0.18
C ASP B 284 -24.60 -12.65 0.49
N ILE B 285 -25.54 -12.49 -0.42
CA ILE B 285 -26.84 -13.18 -0.32
C ILE B 285 -26.62 -14.68 -0.45
N TRP B 286 -26.00 -15.10 -1.55
CA TRP B 286 -25.70 -16.50 -1.80
C TRP B 286 -25.19 -17.23 -0.56
N MET B 287 -24.13 -16.70 0.04
CA MET B 287 -23.52 -17.32 1.22
C MET B 287 -24.52 -17.36 2.38
N ALA B 288 -25.32 -16.31 2.52
CA ALA B 288 -26.31 -16.22 3.59
C ALA B 288 -27.48 -17.19 3.39
N VAL B 289 -27.92 -17.36 2.14
CA VAL B 289 -28.97 -18.32 1.82
C VAL B 289 -28.45 -19.74 2.01
N CYS B 290 -27.28 -20.02 1.44
CA CYS B 290 -26.61 -21.30 1.63
C CYS B 290 -26.43 -21.63 3.11
N LEU B 291 -26.21 -20.62 3.95
CA LEU B 291 -26.14 -20.82 5.40
C LEU B 291 -27.47 -21.28 5.99
N LEU B 292 -28.57 -20.67 5.54
CA LEU B 292 -29.91 -21.08 5.99
C LEU B 292 -30.21 -22.52 5.66
N PHE B 293 -29.97 -22.90 4.40
CA PHE B 293 -30.26 -24.26 3.95
C PHE B 293 -29.43 -25.31 4.68
N VAL B 294 -28.21 -24.94 5.06
CA VAL B 294 -27.35 -25.83 5.83
C VAL B 294 -27.78 -25.84 7.29
N PHE B 295 -28.14 -24.68 7.82
CA PHE B 295 -28.56 -24.54 9.21
C PHE B 295 -29.92 -25.21 9.45
N SER B 296 -30.86 -25.00 8.54
CA SER B 296 -32.22 -25.52 8.68
C SER B 296 -32.29 -27.05 8.51
N ALA B 297 -31.34 -27.62 7.78
CA ALA B 297 -31.25 -29.08 7.63
C ALA B 297 -30.86 -29.75 8.95
N LEU B 298 -29.94 -29.14 9.67
CA LEU B 298 -29.61 -29.57 11.04
C LEU B 298 -30.82 -29.35 11.94
N LEU B 299 -31.45 -28.19 11.80
CA LEU B 299 -32.65 -27.84 12.56
C LEU B 299 -33.76 -28.86 12.37
N GLU B 300 -33.88 -29.36 11.14
CA GLU B 300 -34.88 -30.37 10.78
C GLU B 300 -34.70 -31.68 11.55
N TYR B 301 -33.45 -32.10 11.73
CA TYR B 301 -33.14 -33.31 12.51
C TYR B 301 -33.52 -33.14 13.98
N ALA B 302 -33.20 -31.97 14.52
CA ALA B 302 -33.56 -31.64 15.90
C ALA B 302 -35.07 -31.77 16.14
N ALA B 303 -35.86 -31.39 15.15
CA ALA B 303 -37.31 -31.53 15.23
C ALA B 303 -37.73 -32.98 15.13
N VAL B 304 -37.07 -33.72 14.24
CA VAL B 304 -37.32 -35.16 14.09
C VAL B 304 -37.01 -35.91 15.39
N ASN B 305 -35.82 -35.70 15.93
CA ASN B 305 -35.42 -36.30 17.20
C ASN B 305 -36.29 -35.79 18.36
N PHE B 306 -36.70 -34.53 18.29
CA PHE B 306 -37.59 -33.95 19.30
C PHE B 306 -38.93 -34.68 19.34
N VAL B 307 -39.52 -34.92 18.17
CA VAL B 307 -40.79 -35.64 18.08
C VAL B 307 -40.64 -37.11 18.53
N SER B 308 -39.87 -37.89 17.78
CA SER B 308 -39.71 -39.33 18.04
C SER B 308 -39.07 -39.67 19.39
N ARG B 309 -38.55 -38.67 20.11
CA ARG B 309 -38.01 -38.85 21.47
C ARG B 309 -38.97 -39.65 22.32
N ALA B 310 -40.23 -39.23 22.35
CA ALA B 310 -41.31 -40.03 22.90
C ALA B 310 -41.60 -41.14 21.89
N GLY B 311 -40.83 -42.22 21.99
CA GLY B 311 -40.89 -43.30 21.01
C GLY B 311 -42.07 -44.22 21.18
N THR B 312 -43.21 -43.82 20.60
CA THR B 312 -44.39 -44.69 20.50
C THR B 312 -44.70 -44.92 19.01
N LYS B 313 -45.90 -45.42 18.71
CA LYS B 313 -46.28 -45.75 17.34
C LYS B 313 -46.51 -44.51 16.48
N VAL B 314 -47.29 -43.56 17.00
CA VAL B 314 -47.73 -42.39 16.24
C VAL B 314 -46.59 -41.37 16.03
N PHE B 315 -45.72 -41.23 17.03
CA PHE B 315 -44.66 -40.22 17.02
C PHE B 315 -43.59 -40.56 15.98
N ILE B 316 -43.19 -41.84 15.92
CA ILE B 316 -42.13 -42.28 15.00
C ILE B 316 -42.64 -42.32 13.56
N ASP B 317 -43.96 -42.38 13.38
CA ASP B 317 -44.56 -42.26 12.06
C ASP B 317 -44.47 -40.82 11.55
N ARG B 318 -44.90 -39.88 12.40
CA ARG B 318 -44.90 -38.45 12.06
C ARG B 318 -43.48 -37.89 11.97
N ALA B 319 -42.55 -38.47 12.73
CA ALA B 319 -41.14 -38.08 12.65
C ALA B 319 -40.51 -38.55 11.34
N LYS B 320 -40.84 -39.77 10.92
CA LYS B 320 -40.35 -40.33 9.66
C LYS B 320 -40.96 -39.64 8.45
N LYS B 321 -42.14 -39.04 8.63
CA LYS B 321 -42.81 -38.29 7.56
C LYS B 321 -42.08 -36.97 7.22
N ILE B 322 -41.37 -36.41 8.20
CA ILE B 322 -40.59 -35.19 7.98
C ILE B 322 -39.46 -35.44 6.97
N ASP B 323 -38.64 -36.44 7.26
CA ASP B 323 -37.50 -36.80 6.39
C ASP B 323 -37.91 -37.13 4.95
N THR B 324 -39.08 -37.73 4.77
CA THR B 324 -39.56 -38.10 3.43
C THR B 324 -39.93 -36.87 2.60
N ILE B 325 -40.48 -35.84 3.25
CA ILE B 325 -40.78 -34.58 2.58
C ILE B 325 -39.46 -33.83 2.31
N SER B 326 -38.61 -33.76 3.35
CA SER B 326 -37.31 -33.07 3.29
C SER B 326 -36.46 -33.47 2.09
N ARG B 327 -36.50 -34.74 1.71
CA ARG B 327 -35.77 -35.24 0.54
C ARG B 327 -36.20 -34.58 -0.76
N ALA B 328 -37.46 -34.15 -0.83
CA ALA B 328 -37.99 -33.41 -1.97
C ALA B 328 -37.95 -31.90 -1.76
N CYS B 329 -38.47 -31.45 -0.61
CA CYS B 329 -38.64 -30.02 -0.34
C CYS B 329 -37.36 -29.19 -0.37
N PHE B 330 -36.30 -29.70 0.26
CA PHE B 330 -35.05 -28.93 0.37
C PHE B 330 -34.41 -28.68 -0.99
N PRO B 331 -34.19 -29.74 -1.80
CA PRO B 331 -33.70 -29.51 -3.17
C PRO B 331 -34.66 -28.70 -4.05
N LEU B 332 -35.97 -28.85 -3.85
CA LEU B 332 -36.94 -28.04 -4.60
C LEU B 332 -36.79 -26.57 -4.24
N ALA B 333 -36.85 -26.30 -2.94
CA ALA B 333 -36.71 -24.93 -2.41
C ALA B 333 -35.43 -24.28 -2.91
N PHE B 334 -34.34 -25.03 -2.83
CA PHE B 334 -33.04 -24.55 -3.30
C PHE B 334 -33.07 -24.26 -4.79
N LEU B 335 -33.64 -25.16 -5.58
CA LEU B 335 -33.71 -24.99 -7.04
C LEU B 335 -34.55 -23.77 -7.43
N ILE B 336 -35.61 -23.49 -6.67
CA ILE B 336 -36.45 -22.33 -6.92
C ILE B 336 -35.66 -21.05 -6.62
N PHE B 337 -35.07 -20.99 -5.43
CA PHE B 337 -34.16 -19.91 -5.08
C PHE B 337 -33.12 -19.72 -6.18
N ASN B 338 -32.48 -20.82 -6.56
CA ASN B 338 -31.36 -20.79 -7.48
C ASN B 338 -31.75 -20.28 -8.87
N ILE B 339 -32.93 -20.64 -9.33
CA ILE B 339 -33.42 -20.16 -10.62
C ILE B 339 -33.70 -18.66 -10.54
N PHE B 340 -34.35 -18.21 -9.47
CA PHE B 340 -34.60 -16.78 -9.25
C PHE B 340 -33.31 -15.97 -9.23
N TYR B 341 -32.38 -16.38 -8.37
CA TYR B 341 -31.08 -15.73 -8.19
C TYR B 341 -30.37 -15.50 -9.53
N TRP B 342 -29.98 -16.58 -10.21
CA TRP B 342 -29.20 -16.47 -11.44
C TRP B 342 -29.96 -15.78 -12.58
N VAL B 343 -31.28 -15.87 -12.57
CA VAL B 343 -32.09 -15.16 -13.57
C VAL B 343 -32.13 -13.66 -13.25
N ILE B 344 -32.16 -13.31 -11.97
CA ILE B 344 -32.16 -11.90 -11.56
C ILE B 344 -30.82 -11.22 -11.85
N TYR B 345 -29.73 -11.85 -11.46
CA TYR B 345 -28.39 -11.29 -11.69
C TYR B 345 -27.81 -11.59 -13.08
N LYS B 346 -28.56 -12.31 -13.91
CA LYS B 346 -28.26 -12.42 -15.34
C LYS B 346 -29.58 -12.32 -16.13
N ILE B 347 -30.35 -11.26 -15.85
CA ILE B 347 -31.64 -11.01 -16.50
C ILE B 347 -31.53 -10.98 -18.03
N SER C 9 -6.94 43.95 -28.61
CA SER C 9 -5.74 43.64 -27.77
C SER C 9 -6.09 43.72 -26.27
N PRO C 10 -6.87 42.75 -25.75
CA PRO C 10 -7.23 42.75 -24.33
C PRO C 10 -6.06 42.40 -23.42
N SER C 11 -5.22 41.47 -23.89
CA SER C 11 -3.94 41.16 -23.26
C SER C 11 -3.12 42.43 -23.02
N ASP C 12 -3.03 43.27 -24.05
CA ASP C 12 -2.20 44.47 -24.01
C ASP C 12 -2.82 45.57 -23.13
N PHE C 13 -4.14 45.68 -23.14
CA PHE C 13 -4.84 46.61 -22.27
C PHE C 13 -4.67 46.22 -20.79
N LEU C 14 -4.58 44.92 -20.53
CA LEU C 14 -4.33 44.42 -19.17
C LEU C 14 -2.99 44.89 -18.65
N ASP C 15 -1.92 44.58 -19.37
CA ASP C 15 -0.57 44.97 -18.93
C ASP C 15 -0.33 46.49 -19.03
N LYS C 16 -1.35 47.23 -19.47
CA LYS C 16 -1.42 48.68 -19.22
C LYS C 16 -1.88 48.96 -17.79
N LEU C 17 -2.84 48.18 -17.29
CA LEU C 17 -3.28 48.26 -15.88
C LEU C 17 -2.24 47.69 -14.89
N MET C 18 -1.42 46.74 -15.32
CA MET C 18 -0.46 46.06 -14.45
C MET C 18 0.95 46.64 -14.53
N GLY C 19 1.35 47.06 -15.74
CA GLY C 19 2.74 47.36 -16.08
C GLY C 19 3.41 48.50 -15.32
N ARG C 20 4.64 48.80 -15.72
CA ARG C 20 5.50 49.73 -14.99
C ARG C 20 4.87 51.08 -14.70
N THR C 21 4.26 51.69 -15.72
CA THR C 21 3.69 53.04 -15.58
C THR C 21 2.38 53.08 -14.78
N SER C 22 1.72 51.93 -14.60
CA SER C 22 0.46 51.85 -13.87
C SER C 22 0.62 52.14 -12.38
N GLY C 23 1.76 51.78 -11.83
CA GLY C 23 2.01 51.92 -10.40
C GLY C 23 1.21 50.94 -9.59
N TYR C 24 0.98 49.76 -10.15
CA TYR C 24 0.31 48.68 -9.42
C TYR C 24 1.35 47.90 -8.64
N ASP C 25 1.06 47.63 -7.37
CA ASP C 25 1.92 46.79 -6.54
C ASP C 25 1.14 45.57 -6.02
N ALA C 26 1.48 44.40 -6.55
CA ALA C 26 0.82 43.15 -6.21
C ALA C 26 1.03 42.75 -4.75
N ARG C 27 2.11 43.21 -4.13
CA ARG C 27 2.39 42.91 -2.73
C ARG C 27 1.51 43.69 -1.76
N ILE C 28 0.88 44.77 -2.25
CA ILE C 28 0.02 45.60 -1.40
C ILE C 28 -1.45 45.31 -1.71
N ARG C 29 -2.24 45.18 -0.64
CA ARG C 29 -3.65 44.82 -0.76
C ARG C 29 -4.54 45.93 -1.32
N PRO C 30 -5.74 45.57 -1.80
CA PRO C 30 -6.78 46.54 -2.12
C PRO C 30 -7.26 47.27 -0.87
N ASN C 31 -7.73 48.51 -1.04
CA ASN C 31 -8.13 49.34 0.09
C ASN C 31 -7.06 49.30 1.19
N PHE C 32 -5.84 49.68 0.80
CA PHE C 32 -4.66 49.54 1.64
C PHE C 32 -4.72 50.35 2.92
N LYS C 33 -5.14 51.60 2.83
CA LYS C 33 -5.29 52.43 4.02
C LYS C 33 -6.53 52.00 4.80
N GLY C 34 -7.66 52.02 4.10
CA GLY C 34 -8.96 51.89 4.73
C GLY C 34 -9.41 50.47 5.04
N PRO C 35 -10.66 50.15 4.67
CA PRO C 35 -11.42 49.02 5.24
C PRO C 35 -11.00 47.64 4.76
N PRO C 36 -11.42 46.57 5.46
CA PRO C 36 -10.99 45.19 5.19
C PRO C 36 -11.49 44.61 3.86
N VAL C 37 -10.64 43.84 3.18
CA VAL C 37 -11.01 43.20 1.92
C VAL C 37 -12.00 42.05 2.18
N ASN C 38 -13.12 42.06 1.45
CA ASN C 38 -14.15 41.05 1.58
C ASN C 38 -14.06 40.02 0.44
N VAL C 39 -13.77 38.77 0.79
CA VAL C 39 -13.61 37.71 -0.19
C VAL C 39 -14.72 36.68 -0.06
N THR C 40 -15.53 36.52 -1.11
CA THR C 40 -16.58 35.51 -1.14
C THR C 40 -16.05 34.21 -1.74
N CYS C 41 -16.16 33.13 -0.97
CA CYS C 41 -15.65 31.82 -1.36
C CYS C 41 -16.78 30.85 -1.65
N ASN C 42 -16.54 29.92 -2.58
CA ASN C 42 -17.44 28.79 -2.81
C ASN C 42 -16.72 27.67 -3.56
N ILE C 43 -17.17 26.43 -3.32
CA ILE C 43 -16.49 25.25 -3.86
C ILE C 43 -17.44 24.32 -4.59
N PHE C 44 -16.90 23.60 -5.57
CA PHE C 44 -17.62 22.53 -6.26
C PHE C 44 -16.80 21.24 -6.10
N ILE C 45 -17.38 20.25 -5.42
CA ILE C 45 -16.69 18.98 -5.16
C ILE C 45 -16.94 17.97 -6.27
N ASN C 46 -15.90 17.65 -7.04
CA ASN C 46 -16.00 16.66 -8.10
C ASN C 46 -15.70 15.27 -7.57
N SER C 47 -14.94 15.18 -6.47
CA SER C 47 -14.57 13.89 -5.90
C SER C 47 -14.40 13.96 -4.38
N PHE C 48 -14.96 12.98 -3.69
CA PHE C 48 -14.93 12.93 -2.23
C PHE C 48 -14.68 11.48 -1.87
N GLY C 49 -13.52 11.18 -1.28
CA GLY C 49 -13.18 9.79 -1.04
C GLY C 49 -11.88 9.56 -0.29
N SER C 50 -11.38 8.33 -0.42
CA SER C 50 -10.20 7.85 0.29
C SER C 50 -10.25 8.22 1.78
N ILE C 51 -11.38 7.90 2.41
CA ILE C 51 -11.59 8.18 3.83
C ILE C 51 -10.95 7.05 4.63
N ALA C 52 -9.90 7.38 5.38
CA ALA C 52 -9.15 6.37 6.13
C ALA C 52 -9.10 6.77 7.59
N GLU C 53 -9.22 5.79 8.48
CA GLU C 53 -9.03 6.06 9.90
C GLU C 53 -7.65 5.61 10.39
N THR C 54 -6.83 5.11 9.47
CA THR C 54 -5.44 4.79 9.81
C THR C 54 -4.64 6.07 9.78
N THR C 55 -4.72 6.79 8.66
CA THR C 55 -4.10 8.11 8.52
C THR C 55 -5.06 9.22 9.00
N MET C 56 -6.32 8.85 9.23
CA MET C 56 -7.28 9.71 9.91
C MET C 56 -7.56 10.98 9.10
N ASP C 57 -8.13 10.80 7.91
CA ASP C 57 -8.26 11.89 6.93
C ASP C 57 -9.10 11.48 5.74
N TYR C 58 -9.31 12.41 4.82
CA TYR C 58 -9.98 12.13 3.55
C TYR C 58 -9.45 13.03 2.44
N ARG C 59 -9.78 12.63 1.21
CA ARG C 59 -9.19 13.17 0.00
C ARG C 59 -10.30 13.78 -0.83
N VAL C 60 -10.22 15.07 -1.09
CA VAL C 60 -11.23 15.75 -1.90
C VAL C 60 -10.59 16.31 -3.18
N ASN C 61 -11.42 16.53 -4.19
CA ASN C 61 -11.02 17.17 -5.40
C ASN C 61 -12.03 18.26 -5.69
N ILE C 62 -11.59 19.52 -5.67
CA ILE C 62 -12.51 20.66 -5.71
C ILE C 62 -12.12 21.78 -6.67
N PHE C 63 -13.12 22.61 -6.96
CA PHE C 63 -12.96 23.90 -7.60
C PHE C 63 -13.19 25.00 -6.56
N LEU C 64 -12.12 25.63 -6.07
CA LEU C 64 -12.24 26.83 -5.24
C LEU C 64 -12.44 28.08 -6.11
N ARG C 65 -13.38 28.95 -5.72
CA ARG C 65 -13.68 30.17 -6.48
C ARG C 65 -13.76 31.38 -5.55
N GLN C 66 -12.78 32.28 -5.65
CA GLN C 66 -12.68 33.45 -4.77
C GLN C 66 -13.04 34.72 -5.51
N LYS C 67 -13.94 35.51 -4.94
CA LYS C 67 -14.34 36.79 -5.52
C LYS C 67 -14.09 37.92 -4.53
N TRP C 68 -13.30 38.92 -4.96
CA TRP C 68 -13.07 40.13 -4.16
C TRP C 68 -13.08 41.36 -5.05
N ASN C 69 -12.95 42.54 -4.44
CA ASN C 69 -12.90 43.79 -5.20
C ASN C 69 -11.53 44.48 -5.10
N ASP C 70 -11.06 44.97 -6.25
CA ASP C 70 -9.77 45.64 -6.33
C ASP C 70 -9.96 46.94 -7.12
N PRO C 71 -10.22 48.06 -6.42
CA PRO C 71 -10.51 49.33 -7.11
C PRO C 71 -9.42 49.77 -8.09
N ARG C 72 -8.18 49.35 -7.83
CA ARG C 72 -7.06 49.68 -8.71
C ARG C 72 -7.20 49.11 -10.11
N LEU C 73 -7.98 48.05 -10.28
CA LEU C 73 -8.14 47.37 -11.56
C LEU C 73 -9.39 47.78 -12.35
N ALA C 74 -10.25 48.59 -11.75
CA ALA C 74 -11.46 49.06 -12.43
C ALA C 74 -11.10 49.92 -13.65
N TYR C 75 -11.87 49.78 -14.72
CA TYR C 75 -11.63 50.52 -15.95
C TYR C 75 -12.98 50.88 -16.59
N SER C 76 -12.96 51.40 -17.81
CA SER C 76 -14.18 51.75 -18.54
C SER C 76 -13.93 51.99 -20.02
N GLU C 77 -12.85 52.72 -20.32
CA GLU C 77 -12.38 52.98 -21.69
C GLU C 77 -12.40 51.79 -22.67
N TYR C 78 -12.20 50.58 -22.17
CA TYR C 78 -12.17 49.38 -23.01
C TYR C 78 -13.59 48.83 -23.19
N PRO C 79 -13.95 48.40 -24.42
CA PRO C 79 -15.32 47.91 -24.67
C PRO C 79 -15.63 46.63 -23.92
N ASP C 80 -14.78 45.61 -24.09
CA ASP C 80 -14.94 44.32 -23.43
C ASP C 80 -15.09 44.55 -21.93
N ASP C 81 -16.14 43.99 -21.34
CA ASP C 81 -16.48 44.30 -19.94
C ASP C 81 -15.91 43.32 -18.90
N SER C 82 -14.88 42.57 -19.29
CA SER C 82 -14.11 41.75 -18.36
C SER C 82 -12.80 41.33 -19.03
N LEU C 83 -11.71 41.34 -18.26
CA LEU C 83 -10.40 41.00 -18.80
C LEU C 83 -9.83 39.75 -18.11
N ASP C 84 -9.36 38.82 -18.92
CA ASP C 84 -8.86 37.52 -18.46
C ASP C 84 -7.35 37.56 -18.25
N LEU C 85 -6.90 37.46 -17.01
CA LEU C 85 -5.47 37.38 -16.73
C LEU C 85 -4.97 35.96 -17.01
N ASP C 86 -3.89 35.86 -17.79
CA ASP C 86 -3.29 34.58 -18.12
C ASP C 86 -2.70 33.97 -16.84
N PRO C 87 -2.83 32.64 -16.66
CA PRO C 87 -2.26 31.97 -15.48
C PRO C 87 -0.77 32.25 -15.20
N SER C 88 0.02 32.47 -16.25
CA SER C 88 1.44 32.76 -16.09
C SER C 88 1.69 34.10 -15.37
N MET C 89 0.75 35.04 -15.52
CA MET C 89 0.89 36.39 -14.97
C MET C 89 0.29 36.54 -13.56
N LEU C 90 -0.05 35.42 -12.91
CA LEU C 90 -0.77 35.49 -11.64
C LEU C 90 0.00 36.21 -10.53
N ASP C 91 1.33 36.11 -10.57
CA ASP C 91 2.18 36.88 -9.64
C ASP C 91 1.89 38.38 -9.66
N SER C 92 1.51 38.91 -10.81
CA SER C 92 1.40 40.34 -11.04
C SER C 92 0.15 41.04 -10.48
N ILE C 93 -0.71 40.31 -9.77
CA ILE C 93 -1.87 40.92 -9.10
C ILE C 93 -2.02 40.40 -7.68
N TRP C 94 -2.40 41.28 -6.75
CA TRP C 94 -2.67 40.87 -5.38
C TRP C 94 -3.87 39.95 -5.38
N LYS C 95 -3.76 38.87 -4.60
CA LYS C 95 -4.86 37.95 -4.39
C LYS C 95 -4.67 37.26 -3.04
N PRO C 96 -5.77 36.84 -2.40
CA PRO C 96 -5.72 36.48 -0.97
C PRO C 96 -4.82 35.30 -0.65
N ASP C 97 -4.29 35.29 0.57
CA ASP C 97 -3.41 34.22 1.04
C ASP C 97 -4.24 33.12 1.71
N LEU C 98 -5.19 32.59 0.96
CA LEU C 98 -6.07 31.54 1.46
C LEU C 98 -5.30 30.24 1.60
N PHE C 99 -5.56 29.53 2.69
CA PHE C 99 -4.97 28.22 2.92
C PHE C 99 -5.94 27.36 3.71
N PHE C 100 -5.84 26.04 3.53
CA PHE C 100 -6.76 25.12 4.19
C PHE C 100 -6.15 24.68 5.50
N ALA C 101 -6.71 25.15 6.60
CA ALA C 101 -6.10 24.97 7.92
C ALA C 101 -5.88 23.50 8.28
N ASN C 102 -6.84 22.64 7.96
CA ASN C 102 -6.74 21.21 8.28
C ASN C 102 -6.20 20.33 7.15
N GLU C 103 -5.57 20.94 6.14
CA GLU C 103 -4.97 20.22 5.01
C GLU C 103 -3.69 19.52 5.46
N LYS C 104 -3.61 18.22 5.21
CA LYS C 104 -2.37 17.47 5.44
C LYS C 104 -1.46 17.59 4.23
N GLY C 105 -2.07 17.61 3.04
CA GLY C 105 -1.37 17.83 1.80
C GLY C 105 -2.35 18.21 0.71
N ALA C 106 -1.95 19.17 -0.14
CA ALA C 106 -2.73 19.57 -1.31
C ALA C 106 -1.85 19.59 -2.54
N ASN C 107 -2.44 19.94 -3.67
CA ASN C 107 -1.66 20.32 -4.86
C ASN C 107 -2.53 21.03 -5.91
N PHE C 108 -1.89 21.62 -6.92
CA PHE C 108 -2.60 22.20 -8.05
C PHE C 108 -2.69 21.19 -9.19
N HIS C 109 -3.41 21.55 -10.25
CA HIS C 109 -3.50 20.73 -11.46
C HIS C 109 -3.00 21.53 -12.67
N GLU C 110 -2.26 20.87 -13.56
CA GLU C 110 -1.59 21.56 -14.65
C GLU C 110 -1.62 20.78 -15.99
N VAL C 111 -2.72 20.06 -16.24
CA VAL C 111 -2.88 19.27 -17.47
C VAL C 111 -4.19 19.65 -18.18
N THR C 112 -4.18 19.98 -19.47
CA THR C 112 -2.96 20.11 -20.29
C THR C 112 -2.30 21.46 -20.04
N THR C 113 -3.12 22.50 -19.89
CA THR C 113 -2.64 23.81 -19.50
C THR C 113 -2.83 23.97 -17.99
N ASP C 114 -2.38 25.09 -17.46
CA ASP C 114 -2.59 25.40 -16.06
C ASP C 114 -4.10 25.44 -15.79
N ASN C 115 -4.57 24.69 -14.80
CA ASN C 115 -5.99 24.72 -14.40
C ASN C 115 -6.28 25.88 -13.47
N LYS C 116 -6.21 27.09 -14.03
CA LYS C 116 -6.47 28.32 -13.27
C LYS C 116 -7.15 29.33 -14.17
N LEU C 117 -7.91 30.22 -13.54
CA LEU C 117 -8.57 31.31 -14.25
C LEU C 117 -8.65 32.55 -13.38
N LEU C 118 -8.40 33.70 -13.98
CA LEU C 118 -8.66 34.96 -13.32
C LEU C 118 -9.44 35.86 -14.27
N ARG C 119 -10.35 36.66 -13.71
CA ARG C 119 -11.09 37.64 -14.48
C ARG C 119 -11.17 38.92 -13.68
N ILE C 120 -10.77 40.03 -14.28
CA ILE C 120 -10.97 41.33 -13.67
C ILE C 120 -12.06 42.05 -14.46
N PHE C 121 -13.10 42.49 -13.77
CA PHE C 121 -14.26 43.09 -14.39
C PHE C 121 -14.10 44.59 -14.49
N LYS C 122 -15.01 45.22 -15.22
CA LYS C 122 -14.98 46.66 -15.45
C LYS C 122 -15.04 47.44 -14.13
N ASN C 123 -15.86 46.97 -13.19
CA ASN C 123 -16.06 47.66 -11.91
C ASN C 123 -14.97 47.42 -10.87
N GLY C 124 -14.04 46.51 -11.16
CA GLY C 124 -12.93 46.22 -10.25
C GLY C 124 -13.03 44.88 -9.54
N ASN C 125 -14.15 44.17 -9.70
CA ASN C 125 -14.28 42.84 -9.14
C ASN C 125 -13.29 41.89 -9.80
N VAL C 126 -12.71 40.99 -9.01
CA VAL C 126 -11.84 39.94 -9.52
C VAL C 126 -12.51 38.60 -9.27
N LEU C 127 -12.29 37.64 -10.17
CA LEU C 127 -12.94 36.34 -10.10
C LEU C 127 -11.95 35.21 -10.39
N TYR C 128 -11.44 34.60 -9.33
CA TYR C 128 -10.28 33.70 -9.38
C TYR C 128 -10.64 32.22 -9.14
N SER C 129 -10.94 31.49 -10.22
CA SER C 129 -11.27 30.06 -10.13
C SER C 129 -10.07 29.15 -10.35
N ILE C 130 -9.94 28.16 -9.49
CA ILE C 130 -8.75 27.35 -9.40
C ILE C 130 -9.15 25.92 -9.03
N ARG C 131 -8.30 24.95 -9.38
CA ARG C 131 -8.64 23.54 -9.20
C ARG C 131 -7.61 22.84 -8.31
N LEU C 132 -8.09 22.15 -7.28
CA LEU C 132 -7.22 21.58 -6.25
C LEU C 132 -7.53 20.13 -5.88
N THR C 133 -6.51 19.43 -5.41
CA THR C 133 -6.67 18.17 -4.68
C THR C 133 -6.25 18.49 -3.24
N LEU C 134 -7.11 18.19 -2.27
CA LEU C 134 -6.77 18.36 -0.86
C LEU C 134 -6.82 17.03 -0.16
N THR C 135 -5.96 16.86 0.83
CA THR C 135 -6.08 15.76 1.79
C THR C 135 -6.24 16.39 3.16
N LEU C 136 -7.49 16.47 3.61
CA LEU C 136 -7.83 17.17 4.85
C LEU C 136 -7.90 16.20 6.02
N SER C 137 -7.44 16.63 7.20
CA SER C 137 -7.48 15.76 8.38
C SER C 137 -8.90 15.72 8.93
N CYS C 138 -9.31 14.52 9.34
CA CYS C 138 -10.65 14.29 9.87
C CYS C 138 -10.52 13.29 11.01
N PRO C 139 -10.38 13.80 12.25
CA PRO C 139 -10.43 12.93 13.42
C PRO C 139 -11.70 12.08 13.39
N MET C 140 -11.60 10.84 13.83
CA MET C 140 -12.63 9.83 13.58
C MET C 140 -12.75 8.86 14.75
N ASP C 141 -13.93 8.81 15.36
CA ASP C 141 -14.17 7.99 16.56
C ASP C 141 -14.98 6.75 16.18
N LEU C 142 -14.44 5.56 16.42
CA LEU C 142 -15.09 4.33 15.98
C LEU C 142 -15.74 3.53 17.11
N LYS C 143 -16.13 4.21 18.19
CA LYS C 143 -16.78 3.58 19.33
C LYS C 143 -18.02 2.79 18.90
N ASN C 144 -18.86 3.40 18.07
CA ASN C 144 -20.14 2.79 17.67
C ASN C 144 -20.12 2.14 16.29
N PHE C 145 -19.05 1.43 15.98
CA PHE C 145 -18.90 0.79 14.67
C PHE C 145 -19.65 -0.54 14.63
N PRO C 146 -20.46 -0.81 13.59
CA PRO C 146 -20.56 -0.03 12.36
C PRO C 146 -21.76 0.91 12.30
N MET C 147 -22.33 1.25 13.45
CA MET C 147 -23.49 2.14 13.51
C MET C 147 -23.09 3.59 13.74
N ASP C 148 -21.80 3.90 13.51
CA ASP C 148 -21.28 5.23 13.73
C ASP C 148 -21.66 6.20 12.61
N VAL C 149 -21.45 7.49 12.89
CA VAL C 149 -21.59 8.56 11.91
C VAL C 149 -20.50 9.60 12.17
N GLN C 150 -19.75 9.96 11.14
CA GLN C 150 -18.59 10.82 11.28
C GLN C 150 -18.85 12.22 10.76
N THR C 151 -18.02 13.16 11.21
CA THR C 151 -18.05 14.55 10.75
C THR C 151 -16.67 14.97 10.26
N CYS C 152 -16.58 15.34 8.99
CA CYS C 152 -15.33 15.86 8.44
C CYS C 152 -15.52 17.32 8.03
N ILE C 153 -14.57 18.16 8.39
CA ILE C 153 -14.69 19.59 8.17
C ILE C 153 -13.79 20.08 7.05
N MET C 154 -13.77 21.39 6.83
CA MET C 154 -12.93 22.01 5.83
C MET C 154 -12.86 23.49 6.21
N GLN C 155 -11.67 23.97 6.54
CA GLN C 155 -11.48 25.35 6.95
C GLN C 155 -10.64 26.14 5.96
N LEU C 156 -11.20 27.25 5.49
CA LEU C 156 -10.49 28.20 4.63
C LEU C 156 -10.12 29.39 5.49
N GLU C 157 -8.84 29.52 5.81
CA GLU C 157 -8.34 30.57 6.69
C GLU C 157 -7.35 31.47 5.93
N SER C 158 -7.16 32.70 6.41
CA SER C 158 -6.12 33.58 5.87
C SER C 158 -4.82 33.31 6.59
N PHE C 159 -3.74 33.16 5.84
CA PHE C 159 -2.47 32.81 6.45
C PHE C 159 -1.91 33.94 7.29
N GLY C 160 -1.82 35.14 6.70
CA GLY C 160 -1.13 36.28 7.31
C GLY C 160 -1.93 37.57 7.55
N TYR C 161 -2.98 37.80 6.76
CA TYR C 161 -3.84 38.97 6.96
C TYR C 161 -4.85 38.75 8.09
N THR C 162 -5.07 39.79 8.87
CA THR C 162 -5.97 39.74 10.03
C THR C 162 -7.37 40.24 9.67
N MET C 163 -8.31 40.09 10.61
CA MET C 163 -9.69 40.54 10.43
C MET C 163 -9.81 41.98 9.94
N ASN C 164 -8.85 42.82 10.30
CA ASN C 164 -8.86 44.24 9.93
C ASN C 164 -8.57 44.49 8.45
N ASP C 165 -7.74 43.64 7.86
CA ASP C 165 -7.33 43.78 6.46
C ASP C 165 -8.03 42.81 5.52
N LEU C 166 -8.57 41.71 6.05
CA LEU C 166 -9.15 40.67 5.19
C LEU C 166 -10.21 39.84 5.94
N ILE C 167 -11.36 39.63 5.28
CA ILE C 167 -12.47 38.85 5.83
C ILE C 167 -13.00 37.90 4.77
N PHE C 168 -13.19 36.63 5.15
CA PHE C 168 -13.73 35.59 4.25
C PHE C 168 -15.22 35.40 4.47
N GLU C 169 -15.91 34.94 3.42
CA GLU C 169 -17.36 34.85 3.41
C GLU C 169 -17.86 33.78 2.43
N TRP C 170 -18.78 32.93 2.86
CA TRP C 170 -19.43 31.96 1.96
C TRP C 170 -20.45 32.69 1.10
N GLN C 171 -20.61 32.28 -0.16
CA GLN C 171 -21.74 32.70 -0.97
C GLN C 171 -23.06 32.49 -0.23
N ASP C 172 -24.06 33.32 -0.56
CA ASP C 172 -25.38 33.20 0.03
C ASP C 172 -26.15 32.02 -0.55
N GLU C 173 -26.00 31.78 -1.85
CA GLU C 173 -26.68 30.68 -2.54
C GLU C 173 -25.72 29.53 -2.84
N ALA C 174 -26.04 28.35 -2.32
CA ALA C 174 -25.33 27.10 -2.62
C ALA C 174 -23.81 27.24 -2.73
N PRO C 175 -23.13 27.56 -1.61
CA PRO C 175 -21.69 27.76 -1.60
C PRO C 175 -20.87 26.46 -1.74
N VAL C 176 -21.43 25.35 -1.27
CA VAL C 176 -20.75 24.07 -1.34
C VAL C 176 -21.65 23.05 -2.03
N GLN C 177 -21.28 22.69 -3.26
CA GLN C 177 -22.03 21.72 -4.04
C GLN C 177 -21.20 20.47 -4.31
N VAL C 178 -21.87 19.32 -4.38
CA VAL C 178 -21.21 18.04 -4.62
C VAL C 178 -21.76 17.40 -5.90
N ALA C 179 -20.86 16.79 -6.67
CA ALA C 179 -21.19 16.28 -8.00
C ALA C 179 -22.23 15.16 -8.00
N GLU C 180 -22.93 15.03 -9.12
CA GLU C 180 -23.95 13.99 -9.29
C GLU C 180 -23.34 12.59 -9.21
N GLY C 181 -24.01 11.71 -8.46
CA GLY C 181 -23.71 10.27 -8.46
C GLY C 181 -22.35 9.85 -7.91
N LEU C 182 -21.99 10.40 -6.76
CA LEU C 182 -20.73 10.04 -6.11
C LEU C 182 -20.95 9.00 -5.02
N THR C 183 -20.30 7.85 -5.17
CA THR C 183 -20.45 6.74 -4.23
C THR C 183 -19.20 6.58 -3.37
N LEU C 184 -19.41 6.18 -2.12
CA LEU C 184 -18.33 5.81 -1.21
C LEU C 184 -18.52 4.34 -0.82
N PRO C 185 -17.42 3.59 -0.64
CA PRO C 185 -17.55 2.14 -0.41
C PRO C 185 -18.15 1.77 0.94
N GLN C 186 -17.91 2.58 1.97
CA GLN C 186 -18.40 2.29 3.32
C GLN C 186 -19.42 3.31 3.86
N PHE C 187 -19.19 4.60 3.58
CA PHE C 187 -20.05 5.68 4.09
C PHE C 187 -21.07 6.20 3.08
N LEU C 188 -22.00 7.00 3.58
CA LEU C 188 -22.92 7.77 2.76
C LEU C 188 -22.71 9.22 3.12
N LEU C 189 -22.40 10.04 2.12
CA LEU C 189 -22.24 11.48 2.32
C LEU C 189 -23.63 12.09 2.39
N LYS C 190 -23.97 12.70 3.52
CA LYS C 190 -25.29 13.29 3.72
C LYS C 190 -25.42 14.61 2.94
N GLU C 191 -26.65 14.88 2.50
CA GLU C 191 -26.93 16.06 1.69
C GLU C 191 -26.67 17.36 2.43
N GLU C 192 -27.13 17.43 3.69
CA GLU C 192 -26.95 18.64 4.49
C GLU C 192 -25.53 18.81 4.97
N LYS C 193 -24.85 19.83 4.43
CA LYS C 193 -23.60 20.33 4.98
C LYS C 193 -23.94 21.57 5.77
N ASP C 194 -23.21 21.82 6.86
CA ASP C 194 -23.39 23.05 7.64
C ASP C 194 -22.27 24.02 7.34
N LEU C 195 -22.55 25.31 7.50
CA LEU C 195 -21.55 26.37 7.34
C LEU C 195 -21.42 27.12 8.65
N ARG C 196 -20.21 27.55 8.97
CA ARG C 196 -19.99 28.40 10.14
C ARG C 196 -18.68 29.19 9.99
N TYR C 197 -18.21 29.78 11.08
CA TYR C 197 -16.97 30.52 11.10
C TYR C 197 -16.00 29.90 12.11
N CYS C 198 -14.76 29.71 11.70
CA CYS C 198 -13.70 29.22 12.58
C CYS C 198 -12.77 30.34 13.06
N THR C 199 -13.15 31.60 12.85
CA THR C 199 -12.26 32.75 13.09
C THR C 199 -11.33 32.54 14.28
N LYS C 200 -10.04 32.53 14.00
CA LYS C 200 -9.03 32.12 14.97
C LYS C 200 -8.59 33.31 15.79
N HIS C 201 -8.13 33.03 17.01
CA HIS C 201 -7.57 34.05 17.90
C HIS C 201 -6.17 33.63 18.34
N TYR C 202 -5.20 34.55 18.25
CA TYR C 202 -3.88 34.34 18.81
C TYR C 202 -3.38 35.62 19.48
N ASN C 203 -2.15 35.58 20.01
CA ASN C 203 -1.49 36.78 20.50
C ASN C 203 -1.16 37.72 19.34
N THR C 204 -0.89 37.16 18.18
CA THR C 204 -0.44 37.90 17.00
C THR C 204 -1.59 38.45 16.16
N GLY C 205 -2.84 38.20 16.60
CA GLY C 205 -4.01 38.78 15.94
C GLY C 205 -5.21 37.85 15.81
N LYS C 206 -6.22 38.36 15.12
CA LYS C 206 -7.47 37.68 14.90
C LYS C 206 -7.61 37.45 13.40
N PHE C 207 -7.76 36.19 13.00
CA PHE C 207 -7.67 35.79 11.60
C PHE C 207 -8.95 35.14 11.10
N THR C 208 -9.47 35.63 9.97
CA THR C 208 -10.74 35.16 9.45
C THR C 208 -10.61 33.73 8.96
N CYS C 209 -11.72 33.02 9.04
CA CYS C 209 -11.73 31.60 8.77
C CYS C 209 -13.19 31.17 8.63
N ILE C 210 -13.52 30.55 7.51
CA ILE C 210 -14.85 30.00 7.30
C ILE C 210 -14.74 28.50 7.13
N GLU C 211 -15.83 27.79 7.41
CA GLU C 211 -15.80 26.34 7.54
C GLU C 211 -17.06 25.69 6.99
N VAL C 212 -16.91 24.51 6.39
CA VAL C 212 -18.05 23.70 5.97
C VAL C 212 -17.94 22.32 6.61
N ARG C 213 -19.08 21.72 6.95
CA ARG C 213 -19.10 20.45 7.70
C ARG C 213 -19.89 19.36 7.00
N PHE C 214 -19.20 18.30 6.59
CA PHE C 214 -19.83 17.14 5.97
C PHE C 214 -20.12 16.07 7.02
N HIS C 215 -21.26 15.39 6.86
CA HIS C 215 -21.62 14.29 7.74
C HIS C 215 -21.62 13.00 6.95
N LEU C 216 -21.06 11.94 7.55
CA LEU C 216 -20.82 10.67 6.88
C LEU C 216 -21.39 9.52 7.70
N GLU C 217 -22.41 8.86 7.15
CA GLU C 217 -23.16 7.84 7.86
C GLU C 217 -22.76 6.47 7.33
N ARG C 218 -22.12 5.65 8.17
CA ARG C 218 -21.66 4.33 7.74
C ARG C 218 -22.82 3.39 7.47
N GLN C 219 -22.61 2.46 6.53
CA GLN C 219 -23.58 1.44 6.16
C GLN C 219 -23.30 0.14 6.89
N MET C 220 -24.37 -0.59 7.23
CA MET C 220 -24.27 -1.85 7.96
C MET C 220 -24.56 -3.09 7.10
N GLY C 221 -25.39 -2.94 6.07
CA GLY C 221 -25.90 -4.06 5.27
C GLY C 221 -25.08 -5.33 5.33
N TYR C 222 -23.81 -5.23 4.94
CA TYR C 222 -22.90 -6.36 4.93
C TYR C 222 -22.74 -6.97 6.32
N TYR C 223 -22.42 -6.15 7.31
CA TYR C 223 -22.21 -6.63 8.68
C TYR C 223 -23.52 -7.17 9.28
N LEU C 224 -24.66 -6.70 8.79
CA LEU C 224 -25.94 -7.21 9.25
C LEU C 224 -26.15 -8.64 8.77
N ILE C 225 -25.98 -8.86 7.47
CA ILE C 225 -26.26 -10.16 6.83
C ILE C 225 -25.18 -11.21 7.09
N GLN C 226 -23.91 -10.82 6.99
CA GLN C 226 -22.79 -11.77 7.06
C GLN C 226 -22.11 -11.80 8.43
N MET C 227 -22.80 -11.41 9.50
CA MET C 227 -22.17 -11.32 10.82
C MET C 227 -23.15 -11.26 11.99
N TYR C 228 -24.04 -10.27 11.98
CA TYR C 228 -25.02 -10.10 13.06
C TYR C 228 -26.08 -11.19 13.06
N ILE C 229 -26.72 -11.39 11.91
CA ILE C 229 -27.80 -12.38 11.77
C ILE C 229 -27.30 -13.82 12.03
N PRO C 230 -26.23 -14.26 11.34
CA PRO C 230 -25.65 -15.56 11.66
C PRO C 230 -25.40 -15.79 13.16
N SER C 231 -24.85 -14.79 13.85
CA SER C 231 -24.57 -14.92 15.27
C SER C 231 -25.85 -15.09 16.09
N LEU C 232 -26.95 -14.52 15.57
CA LEU C 232 -28.26 -14.70 16.20
C LEU C 232 -28.78 -16.14 16.04
N LEU C 233 -28.51 -16.74 14.88
CA LEU C 233 -28.93 -18.12 14.58
C LEU C 233 -28.22 -19.15 15.48
N ILE C 234 -26.91 -19.02 15.62
CA ILE C 234 -26.14 -19.92 16.48
C ILE C 234 -26.55 -19.77 17.94
N VAL C 235 -26.99 -18.57 18.34
CA VAL C 235 -27.49 -18.35 19.69
C VAL C 235 -28.85 -19.04 19.91
N ILE C 236 -29.61 -19.26 18.83
CA ILE C 236 -30.85 -20.04 18.91
C ILE C 236 -30.57 -21.51 19.18
N LEU C 237 -29.64 -22.12 18.46
CA LEU C 237 -29.26 -23.52 18.69
C LEU C 237 -28.61 -23.75 20.06
N SER C 238 -28.27 -22.68 20.75
CA SER C 238 -27.85 -22.77 22.16
C SER C 238 -29.06 -23.03 23.07
N TRP C 239 -30.26 -22.72 22.59
CA TRP C 239 -31.49 -22.93 23.36
C TRP C 239 -32.23 -24.24 23.04
N VAL C 240 -32.08 -24.74 21.80
CA VAL C 240 -32.73 -26.00 21.40
C VAL C 240 -32.11 -27.19 22.12
N SER C 241 -30.84 -27.08 22.51
CA SER C 241 -30.18 -28.11 23.30
C SER C 241 -30.91 -28.35 24.62
N PHE C 242 -31.64 -27.34 25.10
CA PHE C 242 -32.58 -27.53 26.21
C PHE C 242 -33.76 -28.35 25.69
N MET C 246 -32.68 -34.73 28.98
CA MET C 246 -31.49 -34.85 29.83
C MET C 246 -30.57 -35.97 29.35
N ASP C 247 -31.14 -37.11 29.02
CA ASP C 247 -30.37 -38.32 28.70
C ASP C 247 -29.55 -38.25 27.40
N ALA C 248 -30.00 -37.45 26.44
CA ALA C 248 -29.33 -37.36 25.14
C ALA C 248 -27.95 -36.72 25.25
N ALA C 249 -26.97 -37.54 25.64
CA ALA C 249 -25.59 -37.07 25.89
C ALA C 249 -24.81 -36.75 24.61
N PRO C 250 -24.89 -37.61 23.58
CA PRO C 250 -24.18 -37.28 22.34
C PRO C 250 -24.77 -36.08 21.60
N ALA C 251 -26.09 -35.93 21.65
CA ALA C 251 -26.79 -34.84 20.96
C ALA C 251 -26.61 -33.49 21.68
N ARG C 252 -27.05 -33.43 22.94
CA ARG C 252 -27.03 -32.18 23.72
C ARG C 252 -25.66 -31.54 23.81
N VAL C 253 -24.64 -32.34 24.13
CA VAL C 253 -23.28 -31.83 24.26
C VAL C 253 -22.74 -31.43 22.89
N ALA C 254 -23.10 -32.16 21.84
CA ALA C 254 -22.70 -31.80 20.47
C ALA C 254 -23.31 -30.46 20.06
N LEU C 255 -24.60 -30.26 20.36
CA LEU C 255 -25.27 -28.99 20.09
C LEU C 255 -24.64 -27.83 20.86
N GLY C 256 -24.27 -28.08 22.12
CA GLY C 256 -23.55 -27.10 22.92
C GLY C 256 -22.15 -26.83 22.39
N ILE C 257 -21.45 -27.88 21.98
CA ILE C 257 -20.08 -27.77 21.44
C ILE C 257 -20.07 -27.07 20.08
N THR C 258 -20.98 -27.49 19.20
CA THR C 258 -21.08 -26.89 17.86
C THR C 258 -21.24 -25.38 17.94
N THR C 259 -22.23 -24.93 18.72
CA THR C 259 -22.48 -23.51 18.90
C THR C 259 -21.19 -22.76 19.24
N VAL C 260 -20.41 -23.31 20.19
CA VAL C 260 -19.15 -22.71 20.62
C VAL C 260 -18.11 -22.72 19.49
N LEU C 261 -18.04 -23.83 18.76
CA LEU C 261 -17.12 -23.94 17.63
C LEU C 261 -17.47 -22.97 16.51
N THR C 262 -18.75 -22.97 16.13
CA THR C 262 -19.25 -22.14 15.04
C THR C 262 -19.24 -20.65 15.39
N MET C 263 -19.28 -20.33 16.68
CA MET C 263 -19.18 -18.95 17.14
C MET C 263 -17.74 -18.47 17.06
N THR C 264 -16.81 -19.28 17.56
CA THR C 264 -15.40 -18.94 17.59
C THR C 264 -14.80 -18.82 16.19
N THR C 265 -15.39 -19.51 15.22
CA THR C 265 -14.99 -19.35 13.81
C THR C 265 -15.55 -18.06 13.23
N GLN C 266 -16.75 -17.67 13.66
CA GLN C 266 -17.35 -16.39 13.25
C GLN C 266 -16.60 -15.20 13.82
N SER C 267 -16.12 -15.30 15.06
CA SER C 267 -15.39 -14.21 15.70
C SER C 267 -14.09 -13.96 14.96
N SER C 268 -13.27 -15.00 14.82
CA SER C 268 -12.00 -14.89 14.12
C SER C 268 -12.18 -14.65 12.60
N GLY C 269 -13.33 -15.04 12.07
CA GLY C 269 -13.66 -14.78 10.67
C GLY C 269 -13.78 -13.30 10.35
N SER C 270 -14.37 -12.53 11.26
CA SER C 270 -14.58 -11.10 11.04
C SER C 270 -13.30 -10.27 11.26
N ARG C 271 -12.51 -10.66 12.24
CA ARG C 271 -11.33 -9.89 12.66
C ARG C 271 -10.45 -9.38 11.51
N ALA C 272 -10.30 -10.19 10.46
CA ALA C 272 -9.53 -9.79 9.30
C ALA C 272 -10.14 -8.59 8.58
N SER C 273 -11.46 -8.60 8.44
CA SER C 273 -12.15 -7.53 7.70
C SER C 273 -12.35 -6.24 8.49
N LEU C 274 -12.31 -6.29 9.82
CA LEU C 274 -12.62 -5.11 10.66
C LEU C 274 -11.55 -4.02 10.59
N PRO C 275 -11.93 -2.77 10.91
CA PRO C 275 -10.98 -1.66 10.91
C PRO C 275 -9.97 -1.73 12.06
N LYS C 276 -8.77 -1.17 11.83
CA LYS C 276 -7.66 -1.29 12.76
C LYS C 276 -7.70 -0.22 13.84
N VAL C 277 -8.18 -0.60 15.04
CA VAL C 277 -8.20 0.28 16.21
C VAL C 277 -8.06 -0.55 17.50
N SER C 278 -7.28 -0.03 18.44
CA SER C 278 -6.93 -0.77 19.66
C SER C 278 -7.96 -0.64 20.77
N TYR C 279 -9.06 0.08 20.53
CA TYR C 279 -10.12 0.23 21.53
C TYR C 279 -11.36 -0.54 21.13
N VAL C 280 -12.33 -0.62 22.04
CA VAL C 280 -13.52 -1.44 21.82
C VAL C 280 -14.54 -0.77 20.90
N LYS C 281 -15.12 -1.56 19.99
CA LYS C 281 -16.19 -1.11 19.12
C LYS C 281 -17.51 -1.81 19.47
N ALA C 282 -18.62 -1.31 18.95
CA ALA C 282 -19.94 -1.89 19.20
C ALA C 282 -20.04 -3.32 18.67
N ILE C 283 -19.53 -3.53 17.47
CA ILE C 283 -19.44 -4.86 16.87
C ILE C 283 -18.71 -5.83 17.80
N ASP C 284 -17.67 -5.36 18.49
CA ASP C 284 -16.84 -6.20 19.36
C ASP C 284 -17.62 -6.68 20.57
N ILE C 285 -18.41 -5.78 21.15
CA ILE C 285 -19.24 -6.13 22.30
C ILE C 285 -20.21 -7.25 21.91
N TRP C 286 -20.95 -7.04 20.84
CA TRP C 286 -21.90 -8.03 20.35
C TRP C 286 -21.33 -9.44 20.33
N MET C 287 -20.16 -9.60 19.73
CA MET C 287 -19.53 -10.92 19.60
C MET C 287 -19.14 -11.49 20.96
N ALA C 288 -18.62 -10.61 21.81
CA ALA C 288 -18.24 -10.99 23.18
C ALA C 288 -19.45 -11.36 24.04
N VAL C 289 -20.55 -10.64 23.85
CA VAL C 289 -21.80 -10.95 24.53
C VAL C 289 -22.39 -12.25 24.00
N CYS C 290 -22.43 -12.40 22.67
CA CYS C 290 -22.94 -13.61 22.05
C CYS C 290 -22.03 -14.83 22.31
N LEU C 291 -20.76 -14.59 22.60
CA LEU C 291 -19.88 -15.69 23.02
C LEU C 291 -20.25 -16.21 24.41
N LEU C 292 -20.67 -15.32 25.31
CA LEU C 292 -21.17 -15.74 26.62
C LEU C 292 -22.41 -16.62 26.49
N PHE C 293 -23.42 -16.08 25.82
CA PHE C 293 -24.71 -16.76 25.70
C PHE C 293 -24.61 -18.14 25.06
N VAL C 294 -23.56 -18.35 24.26
CA VAL C 294 -23.25 -19.67 23.72
C VAL C 294 -22.41 -20.46 24.72
N PHE C 295 -21.35 -19.84 25.23
CA PHE C 295 -20.44 -20.47 26.19
C PHE C 295 -21.17 -20.96 27.44
N SER C 296 -22.09 -20.14 27.96
CA SER C 296 -22.81 -20.46 29.19
C SER C 296 -23.91 -21.53 29.00
N ALA C 297 -24.37 -21.73 27.76
CA ALA C 297 -25.35 -22.77 27.45
C ALA C 297 -24.76 -24.17 27.64
N LEU C 298 -23.51 -24.33 27.22
CA LEU C 298 -22.75 -25.56 27.47
C LEU C 298 -22.38 -25.66 28.95
N LEU C 299 -22.02 -24.52 29.53
CA LEU C 299 -21.69 -24.42 30.95
C LEU C 299 -22.90 -24.71 31.85
N GLU C 300 -24.10 -24.46 31.34
CA GLU C 300 -25.34 -24.76 32.06
C GLU C 300 -25.58 -26.27 32.18
N TYR C 301 -25.31 -27.02 31.11
CA TYR C 301 -25.50 -28.48 31.11
C TYR C 301 -24.45 -29.22 31.95
N ALA C 302 -23.30 -28.61 32.18
CA ALA C 302 -22.28 -29.18 33.06
C ALA C 302 -22.71 -29.12 34.53
N ALA C 303 -23.64 -28.22 34.85
CA ALA C 303 -24.29 -28.20 36.15
C ALA C 303 -25.35 -29.31 36.25
N VAL C 304 -26.03 -29.58 35.15
CA VAL C 304 -27.01 -30.67 35.06
C VAL C 304 -26.33 -32.04 35.16
N ASN C 305 -25.33 -32.26 34.33
CA ASN C 305 -24.61 -33.53 34.30
C ASN C 305 -23.81 -33.79 35.58
N PHE C 306 -23.41 -32.72 36.27
CA PHE C 306 -22.75 -32.85 37.57
C PHE C 306 -23.73 -33.25 38.68
N VAL C 307 -24.97 -32.77 38.58
CA VAL C 307 -26.03 -33.09 39.56
C VAL C 307 -26.73 -34.42 39.25
N SER C 308 -26.97 -34.69 37.97
CA SER C 308 -27.64 -35.93 37.54
C SER C 308 -26.71 -37.12 37.39
N ARG C 309 -25.40 -36.92 37.60
CA ARG C 309 -24.42 -38.01 37.59
C ARG C 309 -24.73 -39.05 38.66
N ALA C 310 -25.16 -38.58 39.83
CA ALA C 310 -25.63 -39.46 40.90
C ALA C 310 -27.07 -39.89 40.62
N GLY C 311 -27.22 -41.01 39.93
CA GLY C 311 -28.53 -41.50 39.49
C GLY C 311 -29.43 -41.92 40.63
N THR C 312 -30.25 -41.00 41.11
CA THR C 312 -31.22 -41.26 42.17
C THR C 312 -32.48 -40.40 42.01
N LYS C 313 -33.37 -40.45 42.99
CA LYS C 313 -34.64 -39.73 42.92
C LYS C 313 -34.48 -38.21 43.09
N VAL C 314 -33.69 -37.80 44.07
CA VAL C 314 -33.54 -36.38 44.42
C VAL C 314 -32.61 -35.64 43.44
N PHE C 315 -31.71 -36.36 42.78
CA PHE C 315 -30.74 -35.75 41.86
C PHE C 315 -31.32 -35.45 40.48
N ILE C 316 -32.17 -36.35 39.97
CA ILE C 316 -32.78 -36.18 38.64
C ILE C 316 -33.95 -35.18 38.68
N ASP C 317 -34.56 -35.00 39.85
CA ASP C 317 -35.58 -33.97 40.04
C ASP C 317 -34.96 -32.58 40.15
N ARG C 318 -33.81 -32.50 40.81
CA ARG C 318 -33.04 -31.25 40.91
C ARG C 318 -32.41 -30.87 39.57
N ALA C 319 -32.08 -31.89 38.76
CA ALA C 319 -31.53 -31.69 37.42
C ALA C 319 -32.60 -31.38 36.36
N LYS C 320 -33.87 -31.47 36.75
CA LYS C 320 -34.99 -31.04 35.90
C LYS C 320 -35.34 -29.56 36.12
N LYS C 321 -34.80 -28.97 37.20
CA LYS C 321 -35.05 -27.57 37.51
C LYS C 321 -34.19 -26.63 36.64
N ILE C 322 -33.00 -27.06 36.26
CA ILE C 322 -32.07 -26.22 35.49
C ILE C 322 -32.57 -25.98 34.06
N ASP C 323 -32.92 -27.04 33.35
CA ASP C 323 -33.34 -26.94 31.94
C ASP C 323 -34.69 -26.23 31.74
N THR C 324 -35.54 -26.25 32.77
CA THR C 324 -36.84 -25.59 32.70
C THR C 324 -36.73 -24.07 32.86
N ILE C 325 -35.73 -23.60 33.60
CA ILE C 325 -35.50 -22.17 33.81
C ILE C 325 -34.84 -21.53 32.58
N SER C 326 -33.84 -22.21 32.02
CA SER C 326 -33.08 -21.69 30.87
C SER C 326 -33.90 -21.57 29.58
N ARG C 327 -35.01 -22.29 29.47
CA ARG C 327 -35.91 -22.16 28.32
C ARG C 327 -36.67 -20.83 28.33
N ALA C 328 -36.79 -20.21 29.51
CA ALA C 328 -37.40 -18.89 29.65
C ALA C 328 -36.58 -17.96 30.55
N CYS C 329 -35.26 -17.97 30.34
CA CYS C 329 -34.33 -17.05 31.00
C CYS C 329 -33.25 -16.55 30.06
N PHE C 330 -32.59 -17.48 29.36
CA PHE C 330 -31.60 -17.13 28.35
C PHE C 330 -32.20 -16.30 27.20
N PRO C 331 -33.32 -16.76 26.61
CA PRO C 331 -34.05 -15.90 25.67
C PRO C 331 -34.51 -14.57 26.28
N LEU C 332 -34.93 -14.59 27.55
CA LEU C 332 -35.30 -13.36 28.25
C LEU C 332 -34.11 -12.44 28.50
N ALA C 333 -32.99 -13.02 28.94
CA ALA C 333 -31.78 -12.25 29.24
C ALA C 333 -31.18 -11.63 27.98
N PHE C 334 -31.14 -12.42 26.90
CA PHE C 334 -30.65 -11.95 25.61
C PHE C 334 -31.47 -10.75 25.14
N LEU C 335 -32.78 -10.92 25.12
CA LEU C 335 -33.70 -9.89 24.62
C LEU C 335 -33.60 -8.57 25.38
N ILE C 336 -33.29 -8.65 26.68
CA ILE C 336 -33.09 -7.46 27.51
C ILE C 336 -31.83 -6.73 27.05
N PHE C 337 -30.73 -7.47 26.95
CA PHE C 337 -29.47 -6.93 26.40
C PHE C 337 -29.64 -6.40 24.98
N ASN C 338 -30.35 -7.17 24.16
CA ASN C 338 -30.54 -6.84 22.75
C ASN C 338 -31.19 -5.48 22.57
N ILE C 339 -32.32 -5.27 23.26
CA ILE C 339 -33.05 -4.00 23.18
C ILE C 339 -32.15 -2.85 23.65
N PHE C 340 -31.43 -3.07 24.75
CA PHE C 340 -30.44 -2.12 25.23
C PHE C 340 -29.45 -1.75 24.14
N TYR C 341 -28.78 -2.76 23.58
CA TYR C 341 -27.77 -2.60 22.54
C TYR C 341 -28.24 -1.70 21.41
N TRP C 342 -29.34 -2.10 20.76
CA TRP C 342 -29.83 -1.41 19.56
C TRP C 342 -30.38 -0.01 19.83
N VAL C 343 -30.97 0.19 21.01
CA VAL C 343 -31.51 1.50 21.39
C VAL C 343 -30.39 2.50 21.70
N ILE C 344 -29.29 2.00 22.27
CA ILE C 344 -28.11 2.81 22.58
C ILE C 344 -27.37 3.22 21.30
N TYR C 345 -27.22 2.27 20.38
CA TYR C 345 -26.53 2.50 19.11
C TYR C 345 -27.47 2.90 17.97
N LYS C 346 -28.66 3.38 18.30
CA LYS C 346 -29.56 4.02 17.33
C LYS C 346 -30.60 4.87 18.08
N ILE C 347 -30.11 5.84 18.85
CA ILE C 347 -30.97 6.75 19.64
C ILE C 347 -31.72 7.70 18.71
N SER D 9 4.27 53.20 1.05
CA SER D 9 5.07 52.30 0.16
C SER D 9 6.00 51.39 0.96
N PRO D 10 5.43 50.41 1.70
CA PRO D 10 6.24 49.52 2.56
C PRO D 10 7.05 48.48 1.79
N SER D 11 6.57 48.11 0.60
CA SER D 11 7.27 47.18 -0.27
C SER D 11 8.47 47.85 -0.94
N ASP D 12 8.38 49.16 -1.15
CA ASP D 12 9.42 49.93 -1.80
C ASP D 12 10.50 50.38 -0.80
N PHE D 13 10.13 50.42 0.48
CA PHE D 13 11.07 50.74 1.55
C PHE D 13 11.95 49.53 1.89
N LEU D 14 11.37 48.32 1.83
CA LEU D 14 12.10 47.09 2.13
C LEU D 14 13.30 46.91 1.22
N ASP D 15 13.09 46.93 -0.09
CA ASP D 15 14.19 46.77 -1.04
C ASP D 15 15.17 47.94 -1.04
N LYS D 16 14.88 48.97 -0.24
CA LYS D 16 15.90 49.94 0.18
C LYS D 16 16.81 49.31 1.25
N LEU D 17 16.22 48.67 2.25
CA LEU D 17 16.97 47.95 3.30
C LEU D 17 17.80 46.76 2.76
N MET D 18 17.19 45.99 1.86
CA MET D 18 17.78 44.75 1.36
C MET D 18 18.67 44.97 0.13
N GLY D 19 18.27 45.90 -0.73
CA GLY D 19 18.78 45.99 -2.10
C GLY D 19 20.24 46.35 -2.31
N ARG D 20 20.61 46.45 -3.58
CA ARG D 20 22.01 46.66 -3.99
C ARG D 20 22.70 47.78 -3.22
N THR D 21 22.00 48.92 -3.09
CA THR D 21 22.57 50.11 -2.48
C THR D 21 22.80 50.00 -0.97
N SER D 22 22.09 49.09 -0.31
CA SER D 22 22.25 48.91 1.14
C SER D 22 23.56 48.22 1.50
N GLY D 23 23.94 47.21 0.72
CA GLY D 23 25.12 46.41 1.01
C GLY D 23 24.82 45.32 2.03
N TYR D 24 23.55 44.92 2.13
CA TYR D 24 23.12 43.80 2.97
C TYR D 24 23.44 42.49 2.25
N ASP D 25 23.87 41.50 3.00
CA ASP D 25 24.25 40.20 2.44
C ASP D 25 23.65 39.08 3.29
N ALA D 26 22.70 38.34 2.71
CA ALA D 26 22.02 37.24 3.42
C ALA D 26 22.92 36.03 3.69
N ARG D 27 24.04 35.93 3.00
CA ARG D 27 25.01 34.87 3.25
C ARG D 27 25.71 35.03 4.60
N ILE D 28 25.71 36.24 5.16
CA ILE D 28 26.34 36.49 6.45
C ILE D 28 25.29 36.68 7.54
N ARG D 29 25.59 36.16 8.72
CA ARG D 29 24.68 36.16 9.86
C ARG D 29 24.69 37.48 10.61
N PRO D 30 23.67 37.74 11.45
CA PRO D 30 23.71 38.87 12.36
C PRO D 30 24.81 38.71 13.41
N ASN D 31 25.35 39.82 13.87
CA ASN D 31 26.44 39.83 14.86
C ASN D 31 27.64 38.97 14.41
N PHE D 32 27.94 39.05 13.12
CA PHE D 32 28.98 38.25 12.49
C PHE D 32 30.32 38.34 13.21
N LYS D 33 30.70 39.54 13.59
CA LYS D 33 31.97 39.75 14.27
C LYS D 33 32.06 38.92 15.55
N GLY D 34 31.01 38.99 16.38
CA GLY D 34 31.09 38.50 17.77
C GLY D 34 30.09 37.44 18.18
N PRO D 35 29.13 37.80 19.05
CA PRO D 35 28.37 36.85 19.85
C PRO D 35 27.21 36.14 19.11
N PRO D 36 26.72 35.00 19.65
CA PRO D 36 25.73 34.16 18.97
C PRO D 36 24.41 34.84 18.60
N VAL D 37 23.71 34.27 17.62
CA VAL D 37 22.36 34.68 17.30
C VAL D 37 21.43 33.78 18.12
N ASN D 38 20.57 34.40 18.91
CA ASN D 38 19.65 33.66 19.77
C ASN D 38 18.29 33.56 19.10
N VAL D 39 17.99 32.37 18.57
CA VAL D 39 16.69 32.11 17.97
C VAL D 39 15.82 31.45 19.01
N THR D 40 14.55 31.85 19.06
CA THR D 40 13.59 31.26 19.97
C THR D 40 12.51 30.59 19.16
N CYS D 41 12.39 29.28 19.32
CA CYS D 41 11.47 28.47 18.52
C CYS D 41 10.17 28.16 19.28
N ASN D 42 9.14 27.80 18.51
CA ASN D 42 7.90 27.23 19.05
C ASN D 42 7.02 26.67 17.93
N ILE D 43 6.24 25.64 18.25
CA ILE D 43 5.48 24.90 17.25
C ILE D 43 4.01 24.66 17.63
N PHE D 44 3.13 24.77 16.63
CA PHE D 44 1.76 24.30 16.76
C PHE D 44 1.62 23.01 15.95
N ILE D 45 1.04 21.98 16.55
CA ILE D 45 0.83 20.69 15.90
C ILE D 45 -0.64 20.49 15.56
N ASN D 46 -0.93 20.39 14.27
CA ASN D 46 -2.29 20.16 13.80
C ASN D 46 -2.56 18.69 13.44
N SER D 47 -1.53 17.84 13.51
CA SER D 47 -1.67 16.43 13.12
C SER D 47 -0.48 15.55 13.55
N PHE D 48 -0.69 14.72 14.57
CA PHE D 48 0.24 13.64 14.97
C PHE D 48 -0.45 12.39 14.42
N GLY D 49 0.28 11.57 13.68
CA GLY D 49 -0.37 10.40 13.06
C GLY D 49 0.56 9.48 12.29
N SER D 50 -0.06 8.60 11.51
CA SER D 50 0.66 7.61 10.72
C SER D 50 1.82 6.98 11.48
N ILE D 51 1.53 6.53 12.71
CA ILE D 51 2.56 5.83 13.48
C ILE D 51 2.60 4.40 12.96
N ALA D 52 3.81 3.91 12.73
CA ALA D 52 4.02 2.73 11.91
C ALA D 52 5.27 2.01 12.37
N GLU D 53 5.09 0.83 12.93
CA GLU D 53 6.23 0.04 13.40
C GLU D 53 6.96 -0.58 12.22
N THR D 54 6.27 -0.71 11.09
CA THR D 54 6.85 -1.30 9.88
C THR D 54 7.95 -0.41 9.28
N THR D 55 7.67 0.88 9.24
CA THR D 55 8.64 1.88 8.82
C THR D 55 9.39 2.49 10.01
N MET D 56 8.83 2.33 11.20
CA MET D 56 9.45 2.75 12.45
C MET D 56 9.51 4.28 12.57
N ASP D 57 8.34 4.90 12.44
CA ASP D 57 8.20 6.36 12.43
C ASP D 57 6.74 6.88 12.49
N TYR D 58 6.62 8.19 12.62
CA TYR D 58 5.35 8.91 12.46
C TYR D 58 5.54 10.24 11.63
N ARG D 59 4.44 10.58 10.99
CA ARG D 59 4.31 11.74 10.16
C ARG D 59 3.51 12.80 10.88
N VAL D 60 4.12 13.97 11.07
CA VAL D 60 3.48 15.07 11.79
C VAL D 60 3.28 16.32 10.94
N ASN D 61 2.30 17.14 11.33
CA ASN D 61 2.01 18.37 10.63
C ASN D 61 2.05 19.54 11.59
N ILE D 62 2.81 20.59 11.25
CA ILE D 62 3.10 21.67 12.19
C ILE D 62 3.25 23.06 11.57
N PHE D 63 3.02 24.06 12.42
CA PHE D 63 3.51 25.41 12.22
C PHE D 63 4.78 25.54 13.04
N LEU D 64 5.82 26.10 12.43
CA LEU D 64 7.07 26.41 13.11
C LEU D 64 7.21 27.92 13.16
N ARG D 65 7.73 28.43 14.27
CA ARG D 65 7.90 29.87 14.42
C ARG D 65 9.27 30.15 15.02
N GLN D 66 10.07 30.92 14.29
CA GLN D 66 11.41 31.30 14.70
C GLN D 66 11.44 32.81 14.83
N LYS D 67 12.01 33.30 15.92
CA LYS D 67 12.14 34.73 16.16
C LYS D 67 13.57 35.00 16.60
N TRP D 68 14.24 35.92 15.92
CA TRP D 68 15.60 36.33 16.26
C TRP D 68 15.78 37.83 16.03
N ASN D 69 16.98 38.34 16.23
CA ASN D 69 17.28 39.74 15.99
C ASN D 69 18.36 39.94 14.92
N ASP D 70 18.10 40.88 14.00
CA ASP D 70 19.06 41.25 12.96
C ASP D 70 19.21 42.77 12.97
N PRO D 71 20.31 43.29 13.57
CA PRO D 71 20.49 44.75 13.67
C PRO D 71 20.71 45.48 12.34
N ARG D 72 21.06 44.75 11.29
CA ARG D 72 21.14 45.33 9.93
C ARG D 72 19.77 45.79 9.40
N LEU D 73 18.69 45.24 9.97
CA LEU D 73 17.33 45.54 9.50
C LEU D 73 16.56 46.49 10.42
N ALA D 74 17.22 47.07 11.40
CA ALA D 74 16.59 48.06 12.28
C ALA D 74 16.30 49.33 11.48
N TYR D 75 15.24 50.05 11.86
CA TYR D 75 14.89 51.31 11.22
C TYR D 75 14.02 52.18 12.13
N SER D 76 13.62 53.35 11.62
CA SER D 76 12.75 54.28 12.37
C SER D 76 12.05 55.30 11.47
N GLU D 77 12.78 55.82 10.47
CA GLU D 77 12.26 56.74 9.46
C GLU D 77 10.86 56.41 8.87
N TYR D 78 10.56 55.13 8.66
CA TYR D 78 9.28 54.73 8.05
C TYR D 78 8.14 54.69 9.09
N PRO D 79 6.94 55.19 8.73
CA PRO D 79 5.83 55.24 9.69
C PRO D 79 5.38 53.88 10.21
N ASP D 80 4.94 53.00 9.32
CA ASP D 80 4.49 51.66 9.71
C ASP D 80 5.59 50.94 10.48
N ASP D 81 5.28 50.50 11.70
CA ASP D 81 6.30 50.00 12.63
C ASP D 81 6.62 48.51 12.49
N SER D 82 6.13 47.87 11.43
CA SER D 82 6.53 46.50 11.08
C SER D 82 6.31 46.23 9.59
N LEU D 83 7.25 45.51 8.98
CA LEU D 83 7.20 45.22 7.55
C LEU D 83 7.11 43.72 7.28
N ASP D 84 6.31 43.36 6.28
CA ASP D 84 6.15 41.97 5.88
C ASP D 84 6.87 41.74 4.55
N LEU D 85 7.95 40.98 4.61
CA LEU D 85 8.67 40.55 3.42
C LEU D 85 7.87 39.48 2.68
N ASP D 86 7.78 39.63 1.37
CA ASP D 86 7.04 38.69 0.52
C ASP D 86 7.75 37.33 0.48
N PRO D 87 6.98 36.23 0.65
CA PRO D 87 7.52 34.87 0.56
C PRO D 87 8.48 34.62 -0.62
N SER D 88 8.23 35.27 -1.76
CA SER D 88 9.10 35.15 -2.93
C SER D 88 10.49 35.75 -2.72
N MET D 89 10.59 36.74 -1.84
CA MET D 89 11.84 37.43 -1.56
C MET D 89 12.57 36.89 -0.32
N LEU D 90 12.22 35.69 0.15
CA LEU D 90 12.84 35.13 1.36
C LEU D 90 14.33 34.82 1.23
N ASP D 91 14.81 34.68 0.00
CA ASP D 91 16.25 34.55 -0.28
C ASP D 91 17.06 35.73 0.22
N SER D 92 16.53 36.93 0.01
CA SER D 92 17.28 38.16 0.23
C SER D 92 17.38 38.58 1.71
N ILE D 93 17.14 37.64 2.62
CA ILE D 93 17.33 37.89 4.04
C ILE D 93 17.94 36.65 4.68
N TRP D 94 18.94 36.84 5.55
CA TRP D 94 19.49 35.73 6.32
C TRP D 94 18.39 35.16 7.20
N LYS D 95 18.46 33.86 7.44
CA LYS D 95 17.56 33.19 8.37
C LYS D 95 18.22 31.90 8.83
N PRO D 96 17.83 31.39 10.02
CA PRO D 96 18.60 30.28 10.59
C PRO D 96 18.53 29.02 9.73
N ASP D 97 19.59 28.22 9.75
CA ASP D 97 19.67 27.00 8.94
C ASP D 97 19.14 25.79 9.71
N LEU D 98 17.91 25.93 10.20
CA LEU D 98 17.30 24.93 11.07
C LEU D 98 16.89 23.69 10.27
N PHE D 99 17.24 22.52 10.77
CA PHE D 99 16.74 21.27 10.21
C PHE D 99 16.38 20.30 11.34
N PHE D 100 15.42 19.43 11.07
CA PHE D 100 15.02 18.43 12.05
C PHE D 100 15.96 17.25 11.93
N ALA D 101 16.67 16.95 13.00
CA ALA D 101 17.68 15.91 12.99
C ALA D 101 17.09 14.53 12.71
N ASN D 102 15.86 14.28 13.14
CA ASN D 102 15.25 12.94 12.98
C ASN D 102 14.15 12.89 11.93
N GLU D 103 14.16 13.86 11.00
CA GLU D 103 13.37 13.78 9.74
C GLU D 103 13.84 12.61 8.86
N LYS D 104 12.88 11.77 8.46
CA LYS D 104 13.03 10.88 7.33
C LYS D 104 12.44 11.60 6.13
N GLY D 105 11.23 12.13 6.32
CA GLY D 105 10.51 12.85 5.28
C GLY D 105 9.95 14.19 5.70
N ALA D 106 10.02 15.18 4.82
CA ALA D 106 9.40 16.50 5.10
C ALA D 106 9.22 17.36 3.84
N ASN D 107 8.40 18.42 3.98
CA ASN D 107 8.00 19.28 2.87
C ASN D 107 7.26 20.56 3.29
N PHE D 108 7.33 21.57 2.42
CA PHE D 108 6.61 22.84 2.61
C PHE D 108 5.19 22.74 2.04
N HIS D 109 4.44 23.83 2.14
CA HIS D 109 3.11 23.92 1.56
C HIS D 109 3.02 25.11 0.62
N GLU D 110 2.28 24.95 -0.46
CA GLU D 110 2.22 25.93 -1.54
C GLU D 110 0.79 26.33 -1.95
N VAL D 111 -0.20 25.93 -1.13
CA VAL D 111 -1.62 26.11 -1.49
C VAL D 111 -2.36 26.97 -0.45
N THR D 112 -2.99 28.07 -0.87
CA THR D 112 -3.04 28.52 -2.28
C THR D 112 -1.84 29.39 -2.60
N THR D 113 -1.41 30.20 -1.64
CA THR D 113 -0.15 30.92 -1.75
C THR D 113 0.89 30.18 -0.92
N ASP D 114 2.13 30.66 -0.97
CA ASP D 114 3.20 30.05 -0.18
C ASP D 114 2.83 30.21 1.29
N ASN D 115 2.68 29.09 2.01
CA ASN D 115 2.36 29.11 3.43
C ASN D 115 3.59 29.43 4.26
N LYS D 116 4.02 30.70 4.18
CA LYS D 116 5.18 31.21 4.92
C LYS D 116 4.92 32.68 5.22
N LEU D 117 5.54 33.19 6.28
CA LEU D 117 5.40 34.61 6.65
C LEU D 117 6.62 35.14 7.38
N LEU D 118 7.07 36.33 6.98
CA LEU D 118 8.25 36.97 7.57
C LEU D 118 8.03 38.46 7.87
N ARG D 119 8.09 38.82 9.14
CA ARG D 119 7.96 40.21 9.57
C ARG D 119 9.27 40.70 10.14
N ILE D 120 9.76 41.84 9.65
CA ILE D 120 10.90 42.51 10.28
C ILE D 120 10.38 43.77 10.98
N PHE D 121 10.72 43.91 12.25
CA PHE D 121 10.19 44.99 13.08
C PHE D 121 11.13 46.20 13.12
N LYS D 122 10.69 47.30 13.72
CA LYS D 122 11.48 48.54 13.80
C LYS D 122 12.84 48.32 14.46
N ASN D 123 12.89 47.44 15.45
CA ASN D 123 14.13 47.16 16.20
C ASN D 123 14.99 46.04 15.63
N GLY D 124 14.77 45.67 14.37
CA GLY D 124 15.56 44.63 13.70
C GLY D 124 15.15 43.20 13.99
N ASN D 125 14.05 43.01 14.71
CA ASN D 125 13.57 41.67 15.05
C ASN D 125 12.84 41.05 13.88
N VAL D 126 13.23 39.83 13.55
CA VAL D 126 12.59 39.07 12.48
C VAL D 126 11.70 38.01 13.10
N LEU D 127 10.53 37.80 12.50
CA LEU D 127 9.55 36.83 12.98
C LEU D 127 9.14 35.96 11.80
N TYR D 128 9.60 34.70 11.80
CA TYR D 128 9.48 33.80 10.67
C TYR D 128 8.59 32.61 10.98
N SER D 129 7.37 32.61 10.43
CA SER D 129 6.44 31.50 10.63
C SER D 129 6.22 30.74 9.34
N ILE D 130 6.33 29.42 9.43
CA ILE D 130 6.35 28.56 8.27
C ILE D 130 5.62 27.24 8.57
N ARG D 131 4.84 26.78 7.60
CA ARG D 131 4.01 25.60 7.77
C ARG D 131 4.67 24.38 7.09
N LEU D 132 4.70 23.25 7.81
CA LEU D 132 5.46 22.06 7.42
C LEU D 132 4.77 20.71 7.63
N THR D 133 5.16 19.74 6.81
CA THR D 133 4.83 18.33 7.03
C THR D 133 6.13 17.56 7.24
N LEU D 134 6.20 16.78 8.32
CA LEU D 134 7.40 16.03 8.66
C LEU D 134 7.14 14.54 8.74
N THR D 135 8.23 13.81 8.84
CA THR D 135 8.23 12.44 9.22
C THR D 135 9.51 12.13 9.95
N LEU D 136 9.31 11.53 11.12
CA LEU D 136 10.27 11.55 12.19
C LEU D 136 10.36 10.11 12.60
N SER D 137 11.58 9.55 12.49
CA SER D 137 11.83 8.17 12.90
C SER D 137 11.70 8.07 14.40
N CYS D 138 10.82 7.15 14.83
CA CYS D 138 10.53 6.84 16.23
C CYS D 138 10.76 5.33 16.40
N PRO D 139 12.02 4.95 16.72
CA PRO D 139 12.39 3.58 17.08
C PRO D 139 11.52 3.07 18.21
N MET D 140 10.77 2.01 17.94
CA MET D 140 9.83 1.44 18.90
C MET D 140 10.18 0.01 19.25
N ASP D 141 10.49 -0.19 20.53
CA ASP D 141 10.45 -1.54 21.11
C ASP D 141 9.01 -1.97 21.29
N LEU D 142 8.67 -3.17 20.85
CA LEU D 142 7.27 -3.64 20.92
C LEU D 142 7.09 -4.87 21.85
N LYS D 143 8.03 -5.03 22.79
CA LYS D 143 8.19 -6.25 23.55
C LYS D 143 7.05 -6.48 24.57
N ASN D 144 6.33 -5.41 24.88
CA ASN D 144 5.26 -5.45 25.86
C ASN D 144 3.92 -5.07 25.21
N PHE D 145 3.62 -5.66 24.06
CA PHE D 145 2.35 -5.40 23.39
C PHE D 145 1.24 -6.23 24.06
N PRO D 146 0.05 -5.67 24.27
CA PRO D 146 -0.33 -4.30 23.93
C PRO D 146 -0.38 -3.40 25.17
N MET D 147 0.51 -3.63 26.12
CA MET D 147 0.65 -2.78 27.30
C MET D 147 1.90 -1.90 27.19
N ASP D 148 2.33 -1.60 25.98
CA ASP D 148 3.57 -0.87 25.76
C ASP D 148 3.35 0.64 25.72
N VAL D 149 4.46 1.36 25.70
CA VAL D 149 4.46 2.83 25.68
C VAL D 149 5.72 3.28 24.93
N GLN D 150 5.61 4.35 24.16
CA GLN D 150 6.63 4.70 23.16
C GLN D 150 6.92 6.18 23.12
N THR D 151 8.20 6.54 23.24
CA THR D 151 8.57 7.93 23.39
C THR D 151 9.18 8.48 22.10
N CYS D 152 8.33 9.12 21.30
CA CYS D 152 8.78 9.76 20.07
C CYS D 152 9.38 11.14 20.33
N ILE D 153 10.43 11.47 19.59
CA ILE D 153 11.07 12.78 19.75
C ILE D 153 10.95 13.63 18.50
N MET D 154 11.58 14.79 18.54
CA MET D 154 11.62 15.72 17.42
C MET D 154 12.71 16.73 17.77
N GLN D 155 13.75 16.76 16.94
CA GLN D 155 14.94 17.56 17.21
C GLN D 155 15.06 18.66 16.18
N LEU D 156 15.39 19.86 16.64
CA LEU D 156 15.58 21.03 15.79
C LEU D 156 17.04 21.41 15.98
N GLU D 157 17.86 21.00 15.02
CA GLU D 157 19.31 21.19 15.10
C GLU D 157 19.69 22.28 14.09
N SER D 158 20.85 22.90 14.32
CA SER D 158 21.43 23.83 13.35
C SER D 158 22.37 23.06 12.42
N PHE D 159 22.22 23.25 11.12
CA PHE D 159 23.01 22.46 10.18
C PHE D 159 24.49 22.84 10.22
N GLY D 160 24.81 24.10 9.96
CA GLY D 160 26.20 24.56 9.79
C GLY D 160 26.79 25.41 10.91
N TYR D 161 25.95 26.07 11.68
CA TYR D 161 26.41 27.00 12.71
C TYR D 161 26.60 26.32 14.06
N THR D 162 27.70 26.63 14.73
CA THR D 162 28.02 26.11 16.06
C THR D 162 27.31 26.92 17.15
N MET D 163 27.60 26.60 18.42
CA MET D 163 27.08 27.36 19.55
C MET D 163 27.69 28.76 19.66
N ASN D 164 28.85 28.98 19.04
CA ASN D 164 29.52 30.28 19.06
C ASN D 164 28.75 31.31 18.23
N ASP D 165 28.05 30.84 17.21
CA ASP D 165 27.42 31.71 16.22
C ASP D 165 25.89 31.62 16.17
N LEU D 166 25.30 30.60 16.80
CA LEU D 166 23.85 30.36 16.73
C LEU D 166 23.37 29.45 17.86
N ILE D 167 22.28 29.86 18.52
CA ILE D 167 21.70 29.10 19.63
C ILE D 167 20.17 29.04 19.52
N PHE D 168 19.61 27.83 19.58
CA PHE D 168 18.16 27.65 19.63
C PHE D 168 17.66 27.55 21.07
N GLU D 169 16.41 27.98 21.26
CA GLU D 169 15.78 27.99 22.56
C GLU D 169 14.27 27.87 22.39
N TRP D 170 13.62 27.07 23.23
CA TRP D 170 12.16 27.01 23.22
C TRP D 170 11.61 28.30 23.81
N GLN D 171 10.40 28.66 23.42
CA GLN D 171 9.67 29.72 24.10
C GLN D 171 9.55 29.41 25.59
N ASP D 172 9.43 30.45 26.40
CA ASP D 172 9.17 30.29 27.84
C ASP D 172 7.70 29.95 28.11
N GLU D 173 6.81 30.39 27.22
CA GLU D 173 5.37 30.17 27.37
C GLU D 173 4.82 29.30 26.24
N ALA D 174 4.37 28.10 26.57
CA ALA D 174 3.72 27.19 25.61
C ALA D 174 4.50 27.06 24.31
N PRO D 175 5.69 26.44 24.38
CA PRO D 175 6.51 26.29 23.18
C PRO D 175 5.94 25.28 22.19
N VAL D 176 5.35 24.19 22.70
CA VAL D 176 4.85 23.12 21.85
C VAL D 176 3.38 22.88 22.13
N GLN D 177 2.53 23.37 21.23
CA GLN D 177 1.09 23.28 21.37
C GLN D 177 0.52 22.22 20.44
N VAL D 178 -0.57 21.59 20.87
CA VAL D 178 -1.23 20.55 20.08
C VAL D 178 -2.71 20.89 19.92
N ALA D 179 -3.19 20.81 18.67
CA ALA D 179 -4.55 21.19 18.33
C ALA D 179 -5.57 20.31 19.02
N GLU D 180 -6.74 20.88 19.28
CA GLU D 180 -7.81 20.17 19.97
C GLU D 180 -8.38 19.07 19.06
N GLY D 181 -8.87 18.00 19.68
CA GLY D 181 -9.67 17.00 18.99
C GLY D 181 -8.94 15.83 18.36
N LEU D 182 -7.65 15.98 18.07
CA LEU D 182 -6.87 14.94 17.38
C LEU D 182 -6.98 13.56 18.05
N THR D 183 -7.00 12.51 17.23
CA THR D 183 -7.11 11.14 17.72
C THR D 183 -6.18 10.20 16.98
N LEU D 184 -5.83 9.10 17.66
CA LEU D 184 -4.99 8.06 17.13
C LEU D 184 -5.78 6.75 17.10
N PRO D 185 -5.54 5.90 16.09
CA PRO D 185 -6.27 4.64 16.03
C PRO D 185 -5.89 3.67 17.15
N GLN D 186 -4.61 3.63 17.54
CA GLN D 186 -4.13 2.67 18.54
C GLN D 186 -3.69 3.27 19.89
N PHE D 187 -3.04 4.44 19.87
CA PHE D 187 -2.42 5.05 21.05
C PHE D 187 -3.22 6.19 21.72
N LEU D 188 -2.57 6.86 22.67
CA LEU D 188 -2.89 8.23 23.12
C LEU D 188 -1.65 9.16 22.98
N LEU D 189 -1.86 10.44 22.70
CA LEU D 189 -0.80 11.43 22.88
C LEU D 189 -0.94 11.88 24.32
N LYS D 190 0.03 11.53 25.16
CA LYS D 190 -0.03 11.93 26.58
C LYS D 190 0.12 13.42 26.64
N GLU D 191 -0.62 14.06 27.53
CA GLU D 191 -0.64 15.52 27.57
C GLU D 191 0.77 16.08 27.78
N GLU D 192 1.47 15.53 28.78
CA GLU D 192 2.80 16.02 29.14
C GLU D 192 3.83 15.75 28.05
N LYS D 193 4.23 16.81 27.35
CA LYS D 193 5.41 16.79 26.50
C LYS D 193 6.61 17.24 27.33
N ASP D 194 7.77 16.62 27.11
CA ASP D 194 9.01 17.10 27.72
C ASP D 194 9.69 18.05 26.76
N LEU D 195 10.60 18.84 27.31
CA LEU D 195 11.49 19.66 26.52
C LEU D 195 12.88 19.41 27.05
N ARG D 196 13.88 19.54 26.19
CA ARG D 196 15.27 19.41 26.62
C ARG D 196 16.23 19.85 25.52
N TYR D 197 17.51 19.84 25.83
CA TYR D 197 18.54 20.07 24.83
C TYR D 197 19.09 18.74 24.33
N CYS D 198 19.49 18.73 23.06
CA CYS D 198 20.17 17.59 22.45
C CYS D 198 21.59 17.95 22.01
N THR D 199 22.03 19.18 22.29
CA THR D 199 23.26 19.75 21.70
C THR D 199 24.30 18.69 21.33
N LYS D 200 24.58 18.58 20.04
CA LYS D 200 25.48 17.56 19.51
C LYS D 200 26.93 18.00 19.68
N HIS D 201 27.81 17.04 19.99
CA HIS D 201 29.24 17.29 20.03
C HIS D 201 29.92 16.47 18.93
N TYR D 202 30.72 17.13 18.11
CA TYR D 202 31.52 16.45 17.09
C TYR D 202 32.94 16.95 17.15
N ASN D 203 33.81 16.35 16.34
CA ASN D 203 35.17 16.84 16.16
C ASN D 203 35.20 18.11 15.31
N THR D 204 34.09 18.41 14.65
CA THR D 204 33.95 19.62 13.84
C THR D 204 33.34 20.76 14.65
N GLY D 205 32.85 20.46 15.85
CA GLY D 205 32.26 21.48 16.70
C GLY D 205 31.10 21.01 17.55
N LYS D 206 30.37 21.98 18.09
CA LYS D 206 29.32 21.75 19.07
C LYS D 206 28.07 22.49 18.62
N PHE D 207 27.07 21.74 18.15
CA PHE D 207 25.95 22.31 17.41
C PHE D 207 24.67 22.35 18.23
N THR D 208 23.95 23.47 18.14
CA THR D 208 22.78 23.72 18.98
C THR D 208 21.57 22.92 18.53
N CYS D 209 20.89 22.32 19.50
CA CYS D 209 19.81 21.38 19.23
C CYS D 209 18.83 21.37 20.38
N ILE D 210 17.56 21.65 20.08
CA ILE D 210 16.48 21.55 21.07
C ILE D 210 15.48 20.49 20.64
N GLU D 211 14.83 19.88 21.62
CA GLU D 211 14.07 18.64 21.42
C GLU D 211 12.79 18.62 22.26
N VAL D 212 11.76 17.93 21.76
CA VAL D 212 10.51 17.70 22.51
C VAL D 212 10.17 16.21 22.54
N ARG D 213 9.74 15.71 23.71
CA ARG D 213 9.37 14.30 23.86
C ARG D 213 7.86 14.11 24.00
N PHE D 214 7.25 13.46 23.01
CA PHE D 214 5.85 13.04 23.12
C PHE D 214 5.87 11.64 23.64
N HIS D 215 4.98 11.36 24.60
CA HIS D 215 4.76 10.01 25.06
C HIS D 215 3.42 9.49 24.53
N LEU D 216 3.39 8.18 24.29
CA LEU D 216 2.25 7.54 23.65
C LEU D 216 2.00 6.22 24.34
N GLU D 217 0.87 6.13 25.02
CA GLU D 217 0.42 4.90 25.63
C GLU D 217 -0.48 4.20 24.61
N ARG D 218 -0.20 2.92 24.34
CA ARG D 218 -1.10 2.09 23.54
C ARG D 218 -2.33 1.64 24.36
N GLN D 219 -3.44 1.42 23.65
CA GLN D 219 -4.70 1.03 24.25
C GLN D 219 -4.95 -0.48 24.17
N MET D 220 -5.65 -1.04 25.16
CA MET D 220 -5.85 -2.48 25.28
C MET D 220 -7.28 -2.97 24.97
N GLY D 221 -8.23 -2.06 24.84
CA GLY D 221 -9.65 -2.42 24.74
C GLY D 221 -9.98 -3.58 23.82
N TYR D 222 -9.49 -3.49 22.59
CA TYR D 222 -9.80 -4.48 21.55
C TYR D 222 -9.28 -5.86 21.91
N TYR D 223 -8.03 -5.92 22.35
CA TYR D 223 -7.36 -7.20 22.65
C TYR D 223 -7.85 -7.77 23.99
N LEU D 224 -8.39 -6.92 24.86
CA LEU D 224 -8.93 -7.38 26.13
C LEU D 224 -10.21 -8.18 25.89
N ILE D 225 -11.16 -7.60 25.17
CA ILE D 225 -12.44 -8.23 24.87
C ILE D 225 -12.34 -9.34 23.84
N GLN D 226 -11.50 -9.15 22.82
CA GLN D 226 -11.43 -10.09 21.69
C GLN D 226 -10.28 -11.11 21.82
N MET D 227 -9.64 -11.20 22.99
CA MET D 227 -8.48 -12.08 23.14
C MET D 227 -8.24 -12.55 24.57
N TYR D 228 -7.96 -11.62 25.47
CA TYR D 228 -7.59 -11.96 26.85
C TYR D 228 -8.74 -12.61 27.62
N ILE D 229 -9.96 -12.10 27.44
CA ILE D 229 -11.14 -12.64 28.12
C ILE D 229 -11.62 -13.96 27.51
N PRO D 230 -11.81 -14.02 26.17
CA PRO D 230 -12.14 -15.29 25.53
C PRO D 230 -11.11 -16.40 25.75
N SER D 231 -9.84 -16.04 25.89
CA SER D 231 -8.80 -17.02 26.23
C SER D 231 -8.96 -17.52 27.67
N LEU D 232 -9.48 -16.67 28.54
CA LEU D 232 -9.77 -17.03 29.92
C LEU D 232 -10.97 -17.99 30.02
N LEU D 233 -12.03 -17.70 29.29
CA LEU D 233 -13.24 -18.54 29.29
C LEU D 233 -12.95 -19.96 28.79
N ILE D 234 -12.10 -20.09 27.77
CA ILE D 234 -11.69 -21.40 27.27
C ILE D 234 -10.89 -22.15 28.33
N VAL D 235 -10.01 -21.44 29.03
CA VAL D 235 -9.21 -22.03 30.11
C VAL D 235 -10.09 -22.46 31.30
N ILE D 236 -11.24 -21.80 31.47
CA ILE D 236 -12.22 -22.23 32.49
C ILE D 236 -12.91 -23.54 32.10
N LEU D 237 -13.16 -23.74 30.82
CA LEU D 237 -13.70 -25.02 30.33
C LEU D 237 -12.70 -26.17 30.44
N SER D 238 -11.40 -25.85 30.52
CA SER D 238 -10.38 -26.88 30.74
C SER D 238 -10.46 -27.49 32.14
N TRP D 239 -11.07 -26.78 33.08
CA TRP D 239 -11.17 -27.23 34.47
C TRP D 239 -12.44 -28.03 34.80
N VAL D 240 -13.48 -27.87 33.98
CA VAL D 240 -14.75 -28.57 34.22
C VAL D 240 -14.64 -30.08 33.98
N SER D 241 -13.75 -30.49 33.07
CA SER D 241 -13.55 -31.90 32.76
C SER D 241 -13.02 -32.68 33.96
N PHE D 242 -12.24 -32.02 34.82
CA PHE D 242 -11.73 -32.63 36.04
C PHE D 242 -12.85 -33.11 36.95
N TRP D 243 -13.92 -32.31 37.04
CA TRP D 243 -15.04 -32.61 37.92
C TRP D 243 -15.87 -33.82 37.46
N ILE D 244 -15.73 -34.18 36.18
CA ILE D 244 -16.37 -35.38 35.63
C ILE D 244 -15.59 -36.62 36.08
N ASN D 245 -16.29 -37.73 36.27
CA ASN D 245 -15.65 -39.01 36.65
C ASN D 245 -14.84 -39.63 35.50
N MET D 246 -14.00 -40.60 35.85
CA MET D 246 -13.17 -41.29 34.85
C MET D 246 -13.99 -42.08 33.84
N ASP D 247 -15.18 -42.53 34.23
CA ASP D 247 -16.07 -43.32 33.37
C ASP D 247 -16.48 -42.60 32.09
N ALA D 248 -16.93 -41.36 32.23
CA ALA D 248 -17.45 -40.59 31.09
C ALA D 248 -16.33 -40.22 30.12
N ALA D 249 -16.10 -41.09 29.13
CA ALA D 249 -15.09 -40.86 28.10
C ALA D 249 -15.51 -39.78 27.11
N PRO D 250 -16.72 -39.89 26.52
CA PRO D 250 -17.11 -38.90 25.51
C PRO D 250 -17.09 -37.47 26.03
N ALA D 251 -17.64 -37.26 27.22
CA ALA D 251 -17.75 -35.92 27.82
C ALA D 251 -16.39 -35.25 28.02
N ARG D 252 -15.47 -35.96 28.66
CA ARG D 252 -14.15 -35.41 28.95
C ARG D 252 -13.27 -35.30 27.71
N VAL D 253 -13.39 -36.26 26.80
CA VAL D 253 -12.65 -36.23 25.54
C VAL D 253 -13.16 -35.09 24.65
N ALA D 254 -14.48 -34.92 24.60
CA ALA D 254 -15.09 -33.85 23.80
C ALA D 254 -14.72 -32.45 24.33
N LEU D 255 -14.63 -32.30 25.65
CA LEU D 255 -14.22 -31.03 26.25
C LEU D 255 -12.81 -30.65 25.85
N GLY D 256 -11.85 -31.52 26.14
CA GLY D 256 -10.45 -31.28 25.80
C GLY D 256 -10.25 -30.96 24.33
N ILE D 257 -10.92 -31.71 23.46
CA ILE D 257 -10.85 -31.49 22.01
C ILE D 257 -11.50 -30.17 21.60
N THR D 258 -12.64 -29.83 22.21
CA THR D 258 -13.27 -28.53 22.00
C THR D 258 -12.34 -27.43 22.52
N THR D 259 -11.88 -27.58 23.75
CA THR D 259 -11.01 -26.61 24.41
C THR D 259 -9.74 -26.37 23.61
N VAL D 260 -9.12 -27.44 23.10
CA VAL D 260 -7.92 -27.32 22.26
C VAL D 260 -8.25 -26.68 20.92
N LEU D 261 -9.25 -27.21 20.23
CA LEU D 261 -9.62 -26.74 18.90
C LEU D 261 -10.11 -25.28 18.90
N THR D 262 -10.76 -24.87 20.00
CA THR D 262 -11.20 -23.49 20.17
C THR D 262 -9.99 -22.57 20.43
N MET D 263 -9.05 -23.03 21.23
CA MET D 263 -7.85 -22.25 21.55
C MET D 263 -6.94 -22.09 20.34
N THR D 264 -7.01 -23.03 19.40
CA THR D 264 -6.22 -22.96 18.17
C THR D 264 -6.79 -21.93 17.19
N THR D 265 -8.11 -21.83 17.13
CA THR D 265 -8.77 -20.89 16.22
C THR D 265 -8.64 -19.44 16.67
N GLN D 266 -8.72 -19.20 17.98
CA GLN D 266 -8.48 -17.86 18.53
C GLN D 266 -7.05 -17.41 18.28
N SER D 267 -6.10 -18.26 18.63
CA SER D 267 -4.67 -17.94 18.48
C SER D 267 -4.25 -17.68 17.03
N SER D 268 -4.98 -18.25 16.07
CA SER D 268 -4.76 -17.94 14.65
C SER D 268 -5.64 -16.80 14.17
N GLY D 269 -6.76 -16.57 14.84
CA GLY D 269 -7.63 -15.42 14.57
C GLY D 269 -7.03 -14.09 15.00
N SER D 270 -6.08 -14.13 15.93
CA SER D 270 -5.35 -12.94 16.37
C SER D 270 -4.33 -12.51 15.33
N ARG D 271 -3.57 -13.47 14.83
CA ARG D 271 -2.45 -13.23 13.90
C ARG D 271 -2.71 -12.13 12.86
N ALA D 272 -3.95 -12.07 12.36
CA ALA D 272 -4.34 -11.07 11.36
C ALA D 272 -4.19 -9.63 11.88
N SER D 273 -4.66 -9.38 13.11
CA SER D 273 -4.62 -8.03 13.69
C SER D 273 -3.51 -7.86 14.72
N LEU D 274 -2.32 -8.40 14.42
CA LEU D 274 -1.14 -8.16 15.23
C LEU D 274 -0.13 -7.38 14.42
N PRO D 275 0.75 -6.62 15.09
CA PRO D 275 1.76 -5.82 14.39
C PRO D 275 2.89 -6.67 13.79
N LYS D 276 3.49 -6.15 12.73
CA LYS D 276 4.52 -6.88 11.98
C LYS D 276 5.88 -6.85 12.67
N VAL D 277 6.10 -7.79 13.60
CA VAL D 277 7.40 -7.97 14.25
C VAL D 277 7.77 -9.45 14.36
N SER D 278 9.06 -9.75 14.35
CA SER D 278 9.54 -11.13 14.38
C SER D 278 9.81 -11.65 15.79
N TYR D 279 9.86 -10.76 16.78
CA TYR D 279 10.24 -11.15 18.14
C TYR D 279 9.02 -11.39 19.03
N VAL D 280 9.26 -11.98 20.19
CA VAL D 280 8.19 -12.30 21.11
C VAL D 280 7.62 -11.02 21.71
N LYS D 281 6.29 -10.94 21.71
CA LYS D 281 5.57 -9.90 22.42
C LYS D 281 4.96 -10.49 23.69
N ALA D 282 4.37 -9.63 24.52
CA ALA D 282 3.71 -10.08 25.74
C ALA D 282 2.38 -10.78 25.42
N ILE D 283 1.71 -10.34 24.35
CA ILE D 283 0.49 -11.00 23.89
C ILE D 283 0.77 -12.45 23.49
N ASP D 284 1.94 -12.70 22.91
CA ASP D 284 2.31 -14.04 22.42
C ASP D 284 2.53 -15.02 23.57
N ILE D 285 3.21 -14.57 24.61
CA ILE D 285 3.39 -15.36 25.82
C ILE D 285 2.04 -15.82 26.39
N TRP D 286 1.10 -14.89 26.50
CA TRP D 286 -0.22 -15.20 27.01
C TRP D 286 -0.94 -16.27 26.18
N MET D 287 -0.83 -16.17 24.85
CA MET D 287 -1.44 -17.16 23.97
C MET D 287 -0.75 -18.50 24.14
N ALA D 288 0.57 -18.49 24.29
CA ALA D 288 1.36 -19.71 24.42
C ALA D 288 1.22 -20.36 25.80
N VAL D 289 1.00 -19.54 26.82
CA VAL D 289 0.74 -20.06 28.17
C VAL D 289 -0.66 -20.63 28.24
N CYS D 290 -1.63 -19.93 27.66
CA CYS D 290 -3.01 -20.44 27.58
C CYS D 290 -3.17 -21.65 26.64
N LEU D 291 -2.12 -22.00 25.91
CA LEU D 291 -2.08 -23.29 25.22
C LEU D 291 -1.73 -24.38 26.21
N LEU D 292 -0.61 -24.21 26.92
CA LEU D 292 -0.17 -25.20 27.90
C LEU D 292 -1.27 -25.61 28.86
N PHE D 293 -2.00 -24.63 29.39
CA PHE D 293 -3.03 -24.89 30.39
C PHE D 293 -4.23 -25.66 29.84
N VAL D 294 -4.57 -25.41 28.59
CA VAL D 294 -5.56 -26.23 27.89
C VAL D 294 -4.95 -27.58 27.55
N PHE D 295 -3.83 -27.54 26.83
CA PHE D 295 -3.12 -28.74 26.38
C PHE D 295 -2.86 -29.76 27.48
N SER D 296 -2.41 -29.28 28.65
CA SER D 296 -2.04 -30.17 29.75
C SER D 296 -3.25 -30.76 30.46
N ALA D 297 -4.36 -30.03 30.51
CA ALA D 297 -5.60 -30.53 31.11
C ALA D 297 -6.15 -31.75 30.36
N LEU D 298 -5.98 -31.74 29.04
CA LEU D 298 -6.27 -32.92 28.22
C LEU D 298 -5.21 -34.01 28.46
N LEU D 299 -3.95 -33.59 28.56
CA LEU D 299 -2.84 -34.51 28.81
C LEU D 299 -2.91 -35.14 30.21
N GLU D 300 -3.56 -34.45 31.15
CA GLU D 300 -3.80 -34.98 32.49
C GLU D 300 -4.75 -36.18 32.45
N TYR D 301 -5.85 -36.02 31.71
CA TYR D 301 -6.84 -37.08 31.55
C TYR D 301 -6.27 -38.31 30.84
N ALA D 302 -5.22 -38.12 30.05
CA ALA D 302 -4.50 -39.23 29.44
C ALA D 302 -3.76 -40.06 30.50
N ALA D 303 -3.24 -39.39 31.53
CA ALA D 303 -2.60 -40.07 32.66
C ALA D 303 -3.61 -40.77 33.57
N VAL D 304 -4.81 -40.20 33.69
CA VAL D 304 -5.91 -40.79 34.46
C VAL D 304 -6.44 -42.05 33.78
N ASN D 305 -6.60 -42.00 32.47
CA ASN D 305 -7.08 -43.17 31.70
C ASN D 305 -5.97 -44.20 31.51
N PHE D 306 -4.72 -43.75 31.44
CA PHE D 306 -3.56 -44.64 31.42
C PHE D 306 -3.27 -45.26 32.80
N VAL D 307 -3.93 -44.74 33.84
CA VAL D 307 -3.90 -45.33 35.18
C VAL D 307 -5.33 -45.49 35.69
N ILE D 316 -7.69 -47.19 39.77
CA ILE D 316 -8.94 -46.52 40.14
C ILE D 316 -8.72 -45.62 41.36
N ASP D 317 -7.80 -46.01 42.24
CA ASP D 317 -7.40 -45.18 43.36
C ASP D 317 -6.50 -44.04 42.89
N ARG D 318 -5.47 -44.39 42.12
CA ARG D 318 -4.53 -43.41 41.55
C ARG D 318 -5.15 -42.62 40.39
N ALA D 319 -6.16 -43.20 39.73
CA ALA D 319 -6.88 -42.53 38.63
C ALA D 319 -7.78 -41.41 39.13
N LYS D 320 -8.49 -41.67 40.23
CA LYS D 320 -9.32 -40.65 40.88
C LYS D 320 -8.49 -39.70 41.75
N LYS D 321 -7.24 -40.08 42.05
CA LYS D 321 -6.33 -39.26 42.84
C LYS D 321 -5.86 -38.01 42.10
N ILE D 322 -5.60 -38.14 40.80
CA ILE D 322 -5.08 -37.02 39.99
C ILE D 322 -6.16 -35.96 39.76
N ASP D 323 -7.40 -36.39 39.50
CA ASP D 323 -8.52 -35.47 39.29
C ASP D 323 -8.74 -34.52 40.47
N THR D 324 -8.62 -35.03 41.69
CA THR D 324 -8.86 -34.24 42.90
C THR D 324 -7.79 -33.16 43.14
N ILE D 325 -6.58 -33.39 42.63
CA ILE D 325 -5.47 -32.44 42.75
C ILE D 325 -5.60 -31.31 41.72
N SER D 326 -5.88 -31.68 40.47
CA SER D 326 -5.95 -30.74 39.36
C SER D 326 -7.18 -29.84 39.36
N ARG D 327 -8.12 -30.08 40.28
CA ARG D 327 -9.23 -29.14 40.52
C ARG D 327 -8.73 -27.91 41.28
N ALA D 328 -7.69 -28.08 42.09
CA ALA D 328 -7.13 -26.98 42.88
C ALA D 328 -5.86 -26.39 42.27
N CYS D 329 -4.96 -27.24 41.78
CA CYS D 329 -3.64 -26.80 41.31
C CYS D 329 -3.66 -25.97 40.02
N PHE D 330 -4.50 -26.34 39.07
CA PHE D 330 -4.55 -25.67 37.76
C PHE D 330 -5.10 -24.24 37.85
N PRO D 331 -6.25 -24.04 38.55
CA PRO D 331 -6.69 -22.66 38.78
C PRO D 331 -5.70 -21.83 39.61
N LEU D 332 -4.91 -22.48 40.46
CA LEU D 332 -3.87 -21.80 41.24
C LEU D 332 -2.65 -21.45 40.39
N ALA D 333 -2.05 -22.48 39.77
CA ALA D 333 -0.86 -22.30 38.91
C ALA D 333 -1.09 -21.22 37.85
N PHE D 334 -2.31 -21.17 37.33
CA PHE D 334 -2.74 -20.14 36.40
C PHE D 334 -2.70 -18.79 37.10
N LEU D 335 -3.36 -18.71 38.25
CA LEU D 335 -3.42 -17.48 39.05
C LEU D 335 -2.02 -16.97 39.41
N ILE D 336 -1.10 -17.89 39.68
CA ILE D 336 0.28 -17.55 40.03
C ILE D 336 1.00 -16.91 38.84
N PHE D 337 0.95 -17.57 37.68
CA PHE D 337 1.48 -17.02 36.44
C PHE D 337 0.82 -15.67 36.10
N ASN D 338 -0.50 -15.64 36.25
CA ASN D 338 -1.30 -14.46 35.94
C ASN D 338 -0.86 -13.24 36.76
N ILE D 339 -0.68 -13.43 38.07
CA ILE D 339 -0.24 -12.35 38.96
C ILE D 339 1.09 -11.77 38.50
N PHE D 340 2.06 -12.64 38.23
CA PHE D 340 3.35 -12.22 37.69
C PHE D 340 3.18 -11.41 36.41
N TYR D 341 2.42 -11.98 35.47
CA TYR D 341 2.17 -11.38 34.17
C TYR D 341 1.73 -9.93 34.29
N TRP D 342 0.56 -9.70 34.87
CA TRP D 342 -0.02 -8.36 34.92
C TRP D 342 0.78 -7.40 35.82
N VAL D 343 1.50 -7.94 36.80
CA VAL D 343 2.36 -7.12 37.66
C VAL D 343 3.64 -6.72 36.92
N ILE D 344 4.19 -7.62 36.11
CA ILE D 344 5.36 -7.31 35.27
C ILE D 344 4.99 -6.37 34.12
N TYR D 345 3.79 -6.52 33.57
CA TYR D 345 3.30 -5.65 32.50
C TYR D 345 2.32 -4.58 32.99
N LYS D 346 2.49 -4.16 34.25
CA LYS D 346 1.82 -2.98 34.77
C LYS D 346 2.50 -2.55 36.08
N ILE D 347 3.83 -2.48 36.04
CA ILE D 347 4.65 -2.13 37.20
C ILE D 347 4.30 -0.74 37.71
N SER E 9 34.51 40.34 5.39
CA SER E 9 33.88 40.17 4.05
C SER E 9 34.21 38.80 3.42
N PRO E 10 33.74 37.70 4.04
CA PRO E 10 34.10 36.35 3.56
C PRO E 10 33.36 35.93 2.29
N SER E 11 32.05 36.21 2.27
CA SER E 11 31.24 35.99 1.08
C SER E 11 31.81 36.72 -0.13
N ASP E 12 32.38 37.90 0.11
CA ASP E 12 32.96 38.72 -0.96
C ASP E 12 34.31 38.16 -1.42
N PHE E 13 35.12 37.71 -0.47
CA PHE E 13 36.42 37.10 -0.79
C PHE E 13 36.26 35.87 -1.68
N LEU E 14 35.18 35.13 -1.49
CA LEU E 14 34.92 33.91 -2.26
C LEU E 14 34.76 34.19 -3.75
N ASP E 15 33.86 35.09 -4.11
CA ASP E 15 33.64 35.39 -5.53
C ASP E 15 34.87 36.00 -6.21
N LYS E 16 35.90 36.36 -5.42
CA LYS E 16 37.23 36.65 -5.96
C LYS E 16 37.98 35.35 -6.31
N LEU E 17 37.77 34.30 -5.52
CA LEU E 17 38.31 32.96 -5.80
C LEU E 17 37.57 32.20 -6.91
N MET E 18 36.26 32.43 -7.01
CA MET E 18 35.41 31.64 -7.91
C MET E 18 35.04 32.35 -9.20
N GLY E 19 35.06 33.68 -9.20
CA GLY E 19 34.38 34.48 -10.22
C GLY E 19 35.07 34.62 -11.57
N ARG E 20 34.64 35.61 -12.33
CA ARG E 20 35.15 35.87 -13.67
C ARG E 20 36.65 36.13 -13.66
N THR E 21 37.07 37.09 -12.83
CA THR E 21 38.47 37.48 -12.73
C THR E 21 39.36 36.41 -12.10
N SER E 22 38.77 35.48 -11.35
CA SER E 22 39.51 34.38 -10.77
C SER E 22 40.01 33.42 -11.85
N GLY E 23 39.14 33.11 -12.80
CA GLY E 23 39.45 32.17 -13.88
C GLY E 23 39.19 30.72 -13.50
N TYR E 24 38.35 30.51 -12.48
CA TYR E 24 37.99 29.17 -12.03
C TYR E 24 36.98 28.56 -12.99
N ASP E 25 37.23 27.32 -13.40
CA ASP E 25 36.27 26.55 -14.20
C ASP E 25 35.84 25.29 -13.44
N ALA E 26 34.62 25.30 -12.91
CA ALA E 26 34.09 24.18 -12.14
C ALA E 26 33.83 22.95 -13.00
N ARG E 27 33.72 23.14 -14.32
CA ARG E 27 33.62 22.03 -15.25
C ARG E 27 34.93 21.26 -15.37
N ILE E 28 36.05 21.93 -15.09
CA ILE E 28 37.36 21.29 -15.06
C ILE E 28 37.72 20.84 -13.64
N ARG E 29 38.33 19.67 -13.53
CA ARG E 29 38.72 19.08 -12.25
C ARG E 29 40.02 19.67 -11.70
N PRO E 30 40.35 19.37 -10.43
CA PRO E 30 41.67 19.71 -9.88
C PRO E 30 42.80 18.94 -10.55
N ASN E 31 43.98 19.56 -10.61
CA ASN E 31 45.18 18.96 -11.22
C ASN E 31 44.96 18.46 -12.65
N PHE E 32 44.01 19.09 -13.34
CA PHE E 32 43.52 18.62 -14.63
C PHE E 32 44.54 17.79 -15.41
N LYS E 33 45.72 18.36 -15.62
CA LYS E 33 46.78 17.71 -16.39
C LYS E 33 47.40 16.50 -15.67
N GLY E 34 47.67 16.64 -14.37
CA GLY E 34 48.46 15.67 -13.61
C GLY E 34 47.68 14.54 -12.96
N PRO E 35 48.07 14.17 -11.71
CA PRO E 35 47.59 12.96 -11.01
C PRO E 35 46.12 13.02 -10.61
N PRO E 36 45.54 11.88 -10.17
CA PRO E 36 44.10 11.85 -9.86
C PRO E 36 43.74 12.61 -8.59
N VAL E 37 42.45 12.91 -8.43
CA VAL E 37 41.93 13.52 -7.22
C VAL E 37 41.49 12.43 -6.23
N ASN E 38 41.87 12.60 -4.96
CA ASN E 38 41.58 11.62 -3.92
C ASN E 38 40.45 12.12 -3.04
N VAL E 39 39.33 11.42 -3.07
CA VAL E 39 38.15 11.81 -2.31
C VAL E 39 37.96 10.85 -1.17
N THR E 40 37.96 11.37 0.05
CA THR E 40 37.86 10.56 1.26
C THR E 40 36.43 10.63 1.81
N CYS E 41 35.69 9.53 1.61
CA CYS E 41 34.28 9.46 1.93
C CYS E 41 34.04 8.86 3.31
N ASN E 42 32.95 9.26 3.93
CA ASN E 42 32.43 8.63 5.16
C ASN E 42 30.97 9.02 5.40
N ILE E 43 30.20 8.11 5.99
CA ILE E 43 28.76 8.35 6.20
C ILE E 43 28.33 8.26 7.67
N PHE E 44 27.13 8.78 7.93
CA PHE E 44 26.41 8.58 9.20
C PHE E 44 25.01 8.10 8.83
N ILE E 45 24.64 6.90 9.29
CA ILE E 45 23.30 6.37 9.06
C ILE E 45 22.36 6.73 10.21
N ASN E 46 21.52 7.76 10.01
CA ASN E 46 20.55 8.18 11.03
C ASN E 46 19.30 7.31 11.03
N SER E 47 19.10 6.52 9.97
CA SER E 47 17.91 5.70 9.83
C SER E 47 18.11 4.59 8.81
N PHE E 48 17.75 3.37 9.19
CA PHE E 48 17.95 2.16 8.39
C PHE E 48 16.70 1.30 8.52
N GLY E 49 16.05 0.97 7.41
CA GLY E 49 14.81 0.21 7.48
C GLY E 49 14.09 -0.06 6.18
N SER E 50 12.79 -0.35 6.30
CA SER E 50 11.93 -0.68 5.15
C SER E 50 12.55 -1.70 4.20
N ILE E 51 13.14 -2.75 4.79
CA ILE E 51 13.66 -3.89 4.04
C ILE E 51 12.46 -4.70 3.58
N ALA E 52 12.17 -4.64 2.27
CA ALA E 52 11.10 -5.44 1.69
C ALA E 52 11.69 -6.49 0.77
N GLU E 53 11.05 -7.66 0.72
CA GLU E 53 11.47 -8.73 -0.19
C GLU E 53 10.60 -8.81 -1.44
N THR E 54 9.48 -8.10 -1.46
CA THR E 54 8.63 -8.03 -2.65
C THR E 54 9.24 -7.10 -3.70
N THR E 55 9.78 -5.98 -3.23
CA THR E 55 10.52 -5.05 -4.08
C THR E 55 12.04 -5.26 -3.95
N MET E 56 12.45 -6.07 -2.98
CA MET E 56 13.83 -6.55 -2.90
C MET E 56 14.82 -5.39 -2.73
N ASP E 57 14.54 -4.53 -1.75
CA ASP E 57 15.36 -3.35 -1.47
C ASP E 57 15.24 -2.93 -0.01
N TYR E 58 15.94 -1.87 0.37
CA TYR E 58 15.87 -1.29 1.72
C TYR E 58 16.18 0.20 1.66
N ARG E 59 15.60 0.98 2.56
CA ARG E 59 15.79 2.43 2.58
C ARG E 59 16.67 2.88 3.74
N VAL E 60 17.51 3.87 3.47
CA VAL E 60 18.45 4.37 4.47
C VAL E 60 18.56 5.90 4.38
N ASN E 61 18.64 6.54 5.54
CA ASN E 61 18.75 8.00 5.64
C ASN E 61 20.12 8.30 6.24
N ILE E 62 20.95 9.00 5.47
CA ILE E 62 22.37 9.15 5.80
C ILE E 62 22.90 10.58 5.63
N PHE E 63 24.08 10.82 6.20
CA PHE E 63 24.90 11.98 5.89
C PHE E 63 26.10 11.46 5.13
N LEU E 64 26.24 11.82 3.85
CA LEU E 64 27.46 11.53 3.10
C LEU E 64 28.41 12.71 3.32
N ARG E 65 29.69 12.44 3.50
CA ARG E 65 30.69 13.50 3.64
C ARG E 65 31.93 13.22 2.80
N GLN E 66 32.10 14.00 1.74
CA GLN E 66 33.26 13.90 0.86
C GLN E 66 34.30 14.94 1.27
N LYS E 67 35.56 14.53 1.33
CA LYS E 67 36.68 15.44 1.60
C LYS E 67 37.73 15.29 0.48
N TRP E 68 38.22 16.40 -0.05
CA TRP E 68 39.26 16.38 -1.08
C TRP E 68 40.01 17.71 -1.10
N ASN E 69 41.07 17.78 -1.92
CA ASN E 69 41.83 19.02 -2.09
C ASN E 69 41.70 19.61 -3.49
N ASP E 70 41.52 20.93 -3.54
CA ASP E 70 41.51 21.67 -4.80
C ASP E 70 42.47 22.84 -4.63
N PRO E 71 43.71 22.71 -5.14
CA PRO E 71 44.72 23.76 -4.97
C PRO E 71 44.35 25.08 -5.65
N ARG E 72 43.40 25.04 -6.58
CA ARG E 72 42.83 26.25 -7.17
C ARG E 72 42.20 27.19 -6.14
N LEU E 73 41.73 26.63 -5.02
CA LEU E 73 41.00 27.38 -4.00
C LEU E 73 41.82 27.78 -2.77
N ALA E 74 43.06 27.31 -2.69
CA ALA E 74 43.92 27.64 -1.55
C ALA E 74 44.18 29.15 -1.49
N TYR E 75 44.18 29.69 -0.28
CA TYR E 75 44.39 31.12 -0.06
C TYR E 75 45.28 31.31 1.18
N SER E 76 45.49 32.56 1.58
CA SER E 76 46.35 32.88 2.74
C SER E 76 46.11 34.30 3.26
N GLU E 77 46.20 35.26 2.35
CA GLU E 77 45.91 36.67 2.61
C GLU E 77 44.78 36.96 3.61
N TYR E 78 43.67 36.23 3.51
CA TYR E 78 42.49 36.45 4.36
C TYR E 78 42.71 35.87 5.76
N PRO E 79 42.24 36.58 6.81
CA PRO E 79 42.54 36.13 8.17
C PRO E 79 41.80 34.86 8.59
N ASP E 80 40.52 34.78 8.26
CA ASP E 80 39.70 33.63 8.66
C ASP E 80 40.19 32.38 7.95
N ASP E 81 40.45 31.32 8.71
CA ASP E 81 41.15 30.13 8.20
C ASP E 81 40.27 29.09 7.49
N SER E 82 39.01 29.43 7.22
CA SER E 82 38.10 28.56 6.46
C SER E 82 36.86 29.32 5.99
N LEU E 83 36.51 29.17 4.71
CA LEU E 83 35.37 29.88 4.11
C LEU E 83 34.22 28.92 3.78
N ASP E 84 33.00 29.39 3.97
CA ASP E 84 31.80 28.58 3.81
C ASP E 84 31.03 28.98 2.56
N LEU E 85 31.20 28.23 1.47
CA LEU E 85 30.44 28.48 0.24
C LEU E 85 28.95 28.22 0.47
N ASP E 86 28.11 29.13 -0.01
CA ASP E 86 26.67 29.03 0.17
C ASP E 86 26.07 27.98 -0.75
N PRO E 87 25.12 27.16 -0.24
CA PRO E 87 24.43 26.12 -1.02
C PRO E 87 23.99 26.54 -2.42
N SER E 88 23.43 27.74 -2.57
CA SER E 88 22.97 28.20 -3.87
C SER E 88 24.12 28.37 -4.87
N MET E 89 25.32 28.63 -4.36
CA MET E 89 26.50 28.86 -5.20
C MET E 89 27.19 27.56 -5.61
N LEU E 90 26.65 26.40 -5.23
CA LEU E 90 27.36 25.13 -5.38
C LEU E 90 27.77 24.73 -6.80
N ASP E 91 27.09 25.27 -7.82
CA ASP E 91 27.50 25.07 -9.21
C ASP E 91 28.88 25.67 -9.46
N SER E 92 29.19 26.76 -8.77
CA SER E 92 30.41 27.53 -9.01
C SER E 92 31.72 26.87 -8.51
N ILE E 93 31.65 25.62 -8.05
CA ILE E 93 32.83 24.89 -7.60
C ILE E 93 32.79 23.45 -8.11
N TRP E 94 33.95 22.90 -8.51
CA TRP E 94 34.01 21.49 -8.89
C TRP E 94 33.83 20.61 -7.66
N LYS E 95 33.04 19.56 -7.81
CA LYS E 95 32.92 18.53 -6.79
C LYS E 95 32.78 17.16 -7.47
N PRO E 96 33.06 16.06 -6.75
CA PRO E 96 33.06 14.75 -7.40
C PRO E 96 31.65 14.28 -7.75
N ASP E 97 31.56 13.45 -8.79
CA ASP E 97 30.27 12.98 -9.31
C ASP E 97 29.91 11.59 -8.74
N LEU E 98 30.18 11.44 -7.45
CA LEU E 98 29.83 10.25 -6.70
C LEU E 98 28.33 9.99 -6.80
N PHE E 99 27.97 8.77 -7.20
CA PHE E 99 26.59 8.32 -7.24
C PHE E 99 26.53 6.94 -6.60
N PHE E 100 25.34 6.50 -6.27
CA PHE E 100 25.19 5.19 -5.63
C PHE E 100 24.82 4.16 -6.67
N ALA E 101 25.71 3.20 -6.90
CA ALA E 101 25.59 2.24 -8.00
C ALA E 101 24.28 1.46 -7.93
N ASN E 102 23.93 1.00 -6.73
CA ASN E 102 22.71 0.21 -6.52
C ASN E 102 21.52 1.02 -6.03
N GLU E 103 21.53 2.34 -6.20
CA GLU E 103 20.38 3.19 -5.88
C GLU E 103 19.20 2.92 -6.81
N LYS E 104 18.06 2.63 -6.21
CA LYS E 104 16.82 2.59 -6.95
C LYS E 104 16.22 3.98 -6.91
N GLY E 105 16.16 4.58 -5.70
CA GLY E 105 15.59 5.92 -5.48
C GLY E 105 16.51 6.79 -4.65
N ALA E 106 16.34 8.11 -4.76
CA ALA E 106 17.21 9.08 -4.07
C ALA E 106 16.68 10.53 -4.07
N ASN E 107 17.12 11.30 -3.08
CA ASN E 107 16.79 12.72 -3.00
C ASN E 107 17.61 13.44 -1.94
N PHE E 108 17.81 14.74 -2.15
CA PHE E 108 18.45 15.61 -1.17
C PHE E 108 17.36 16.11 -0.22
N HIS E 109 17.74 16.81 0.84
CA HIS E 109 16.76 17.44 1.73
C HIS E 109 16.90 18.95 1.70
N GLU E 110 15.77 19.64 1.83
CA GLU E 110 15.72 21.08 1.67
C GLU E 110 14.76 21.75 2.65
N VAL E 111 14.69 21.23 3.88
CA VAL E 111 13.86 21.79 4.95
C VAL E 111 14.69 21.93 6.23
N THR E 112 14.85 23.14 6.78
CA THR E 112 14.18 24.36 6.32
C THR E 112 14.96 25.03 5.19
N THR E 113 16.29 24.97 5.26
CA THR E 113 17.12 25.41 4.16
C THR E 113 17.61 24.16 3.46
N ASP E 114 18.43 24.35 2.42
CA ASP E 114 19.09 23.23 1.75
C ASP E 114 20.00 22.57 2.79
N ASN E 115 19.92 21.25 2.93
CA ASN E 115 20.77 20.52 3.87
C ASN E 115 22.09 20.16 3.19
N LYS E 116 22.87 21.20 2.89
CA LYS E 116 24.15 21.08 2.21
C LYS E 116 25.14 22.07 2.81
N LEU E 117 26.39 21.66 2.92
CA LEU E 117 27.45 22.50 3.50
C LEU E 117 28.73 22.32 2.71
N LEU E 118 29.45 23.41 2.49
CA LEU E 118 30.73 23.35 1.83
C LEU E 118 31.72 24.30 2.52
N ARG E 119 32.86 23.77 2.95
CA ARG E 119 33.94 24.54 3.56
C ARG E 119 35.22 24.35 2.75
N ILE E 120 35.72 25.44 2.18
CA ILE E 120 37.04 25.45 1.54
C ILE E 120 38.04 26.00 2.56
N PHE E 121 39.11 25.24 2.79
CA PHE E 121 40.10 25.61 3.81
C PHE E 121 41.28 26.37 3.20
N LYS E 122 42.12 26.91 4.07
CA LYS E 122 43.23 27.76 3.66
C LYS E 122 44.20 27.03 2.74
N ASN E 123 44.46 25.75 3.01
CA ASN E 123 45.33 24.95 2.16
C ASN E 123 44.65 24.38 0.91
N GLY E 124 43.39 24.76 0.68
CA GLY E 124 42.66 24.34 -0.51
C GLY E 124 41.79 23.11 -0.31
N ASN E 125 41.93 22.46 0.84
CA ASN E 125 41.12 21.29 1.16
C ASN E 125 39.65 21.67 1.24
N VAL E 126 38.80 20.83 0.65
CA VAL E 126 37.36 21.05 0.62
C VAL E 126 36.65 20.06 1.53
N LEU E 127 35.55 20.49 2.10
CA LEU E 127 34.73 19.66 2.96
C LEU E 127 33.27 19.80 2.57
N TYR E 128 32.66 18.70 2.13
CA TYR E 128 31.33 18.71 1.54
C TYR E 128 30.38 17.74 2.26
N SER E 129 29.58 18.27 3.19
CA SER E 129 28.60 17.46 3.93
C SER E 129 27.20 17.67 3.37
N ILE E 130 26.52 16.54 3.14
CA ILE E 130 25.29 16.49 2.37
C ILE E 130 24.42 15.39 2.97
N ARG E 131 23.12 15.64 3.05
CA ARG E 131 22.20 14.76 3.75
C ARG E 131 21.24 14.14 2.76
N LEU E 132 21.13 12.81 2.79
CA LEU E 132 20.39 12.06 1.75
C LEU E 132 19.38 11.01 2.27
N THR E 133 18.34 10.80 1.46
CA THR E 133 17.52 9.60 1.53
C THR E 133 17.86 8.71 0.33
N LEU E 134 17.99 7.40 0.58
CA LEU E 134 18.45 6.44 -0.41
C LEU E 134 17.73 5.09 -0.33
N THR E 135 17.12 4.69 -1.44
CA THR E 135 16.61 3.35 -1.61
C THR E 135 17.60 2.56 -2.47
N LEU E 136 18.14 1.48 -1.90
CA LEU E 136 19.15 0.65 -2.57
C LEU E 136 18.67 -0.80 -2.66
N SER E 137 19.06 -1.48 -3.73
CA SER E 137 18.67 -2.86 -3.94
C SER E 137 19.48 -3.82 -3.06
N CYS E 138 18.81 -4.87 -2.61
CA CYS E 138 19.43 -5.88 -1.75
C CYS E 138 18.80 -7.22 -2.10
N PRO E 139 19.38 -7.94 -3.08
CA PRO E 139 18.82 -9.23 -3.49
C PRO E 139 18.78 -10.21 -2.33
N MET E 140 17.62 -10.83 -2.12
CA MET E 140 17.35 -11.53 -0.88
C MET E 140 16.93 -12.98 -1.13
N ASP E 141 17.45 -13.89 -0.32
CA ASP E 141 17.12 -15.32 -0.43
C ASP E 141 16.44 -15.80 0.85
N LEU E 142 15.20 -16.27 0.71
CA LEU E 142 14.40 -16.71 1.86
C LEU E 142 14.39 -18.23 2.05
N LYS E 143 15.30 -18.94 1.37
CA LYS E 143 15.39 -20.40 1.44
C LYS E 143 15.31 -20.89 2.88
N ASN E 144 16.08 -20.27 3.76
CA ASN E 144 16.14 -20.67 5.16
C ASN E 144 15.25 -19.85 6.08
N PHE E 145 14.17 -19.30 5.54
CA PHE E 145 13.24 -18.52 6.37
C PHE E 145 12.59 -19.48 7.37
N PRO E 146 12.58 -19.14 8.67
CA PRO E 146 13.01 -17.86 9.21
C PRO E 146 14.34 -17.89 9.96
N MET E 147 15.27 -18.73 9.52
CA MET E 147 16.63 -18.70 10.07
C MET E 147 17.62 -18.13 9.05
N ASP E 148 17.12 -17.33 8.12
CA ASP E 148 17.93 -16.73 7.08
C ASP E 148 18.74 -15.56 7.63
N VAL E 149 19.70 -15.11 6.82
CA VAL E 149 20.55 -13.97 7.16
C VAL E 149 20.96 -13.27 5.87
N GLN E 150 20.66 -11.99 5.75
CA GLN E 150 20.87 -11.27 4.51
C GLN E 150 22.12 -10.41 4.57
N THR E 151 22.58 -9.99 3.41
CA THR E 151 23.76 -9.17 3.28
C THR E 151 23.49 -8.05 2.28
N CYS E 152 23.14 -6.88 2.79
CA CYS E 152 22.91 -5.71 1.94
C CYS E 152 24.18 -4.88 1.78
N ILE E 153 24.36 -4.31 0.58
CA ILE E 153 25.55 -3.51 0.29
C ILE E 153 25.21 -2.07 -0.07
N MET E 154 26.24 -1.25 -0.28
CA MET E 154 26.08 0.16 -0.62
C MET E 154 27.30 0.62 -1.37
N GLN E 155 27.14 0.96 -2.64
CA GLN E 155 28.27 1.24 -3.51
C GLN E 155 28.40 2.71 -3.90
N LEU E 156 29.48 3.34 -3.46
CA LEU E 156 29.82 4.71 -3.89
C LEU E 156 30.74 4.61 -5.10
N GLU E 157 30.27 5.08 -6.25
CA GLU E 157 31.02 4.96 -7.49
C GLU E 157 31.14 6.33 -8.19
N SER E 158 32.16 6.48 -9.03
CA SER E 158 32.26 7.64 -9.91
C SER E 158 31.54 7.38 -11.24
N PHE E 159 30.78 8.37 -11.71
CA PHE E 159 29.93 8.19 -12.89
C PHE E 159 30.74 8.27 -14.17
N GLY E 160 31.40 9.42 -14.36
CA GLY E 160 32.16 9.70 -15.58
C GLY E 160 33.67 9.66 -15.43
N TYR E 161 34.17 9.95 -14.23
CA TYR E 161 35.62 9.95 -14.00
C TYR E 161 36.14 8.56 -13.72
N THR E 162 37.32 8.25 -14.28
CA THR E 162 37.94 6.94 -14.13
C THR E 162 38.86 6.91 -12.90
N MET E 163 39.68 5.87 -12.79
CA MET E 163 40.76 5.79 -11.80
C MET E 163 41.95 6.70 -12.13
N ASN E 164 42.06 7.12 -13.40
CA ASN E 164 43.15 8.01 -13.81
C ASN E 164 42.96 9.43 -13.32
N ASP E 165 41.70 9.81 -13.10
CA ASP E 165 41.36 11.17 -12.68
C ASP E 165 40.77 11.26 -11.26
N LEU E 166 40.10 10.20 -10.78
CA LEU E 166 39.36 10.25 -9.52
C LEU E 166 39.43 8.92 -8.76
N ILE E 167 39.65 8.99 -7.44
CA ILE E 167 39.73 7.81 -6.58
C ILE E 167 39.00 8.03 -5.26
N PHE E 168 38.05 7.15 -4.93
CA PHE E 168 37.36 7.20 -3.64
C PHE E 168 38.06 6.30 -2.63
N GLU E 169 38.01 6.69 -1.37
CA GLU E 169 38.58 5.90 -0.30
C GLU E 169 37.77 6.16 0.96
N TRP E 170 37.59 5.15 1.80
CA TRP E 170 36.91 5.35 3.08
C TRP E 170 37.81 6.09 4.07
N GLN E 171 37.20 6.65 5.11
CA GLN E 171 37.97 7.14 6.26
C GLN E 171 38.69 6.01 6.99
N ASP E 172 39.83 6.34 7.59
CA ASP E 172 40.58 5.36 8.38
C ASP E 172 39.88 5.05 9.70
N GLU E 173 39.22 6.06 10.27
CA GLU E 173 38.55 5.92 11.55
C GLU E 173 37.04 5.99 11.34
N ALA E 174 36.32 4.99 11.83
CA ALA E 174 34.85 4.99 11.81
C ALA E 174 34.29 5.67 10.55
N PRO E 175 34.49 5.03 9.39
CA PRO E 175 33.99 5.59 8.14
C PRO E 175 32.47 5.48 8.01
N VAL E 176 31.89 4.42 8.57
CA VAL E 176 30.45 4.20 8.52
C VAL E 176 29.96 4.05 9.95
N GLN E 177 29.11 4.97 10.40
CA GLN E 177 28.59 4.96 11.76
C GLN E 177 27.08 4.96 11.73
N VAL E 178 26.48 4.36 12.75
CA VAL E 178 25.02 4.23 12.82
C VAL E 178 24.46 4.76 14.16
N ALA E 179 23.35 5.47 14.08
CA ALA E 179 22.73 6.08 15.23
C ALA E 179 22.39 5.05 16.30
N GLU E 180 22.47 5.48 17.55
CA GLU E 180 22.14 4.65 18.69
C GLU E 180 20.65 4.30 18.67
N GLY E 181 20.33 3.10 19.15
CA GLY E 181 18.95 2.69 19.37
C GLY E 181 18.06 2.46 18.15
N LEU E 182 18.66 2.43 16.97
CA LEU E 182 17.90 2.19 15.74
C LEU E 182 17.41 0.76 15.73
N THR E 183 16.12 0.58 15.44
CA THR E 183 15.53 -0.75 15.42
C THR E 183 14.87 -1.10 14.10
N LEU E 184 14.92 -2.39 13.79
CA LEU E 184 14.18 -2.98 12.70
C LEU E 184 13.12 -3.91 13.32
N PRO E 185 11.99 -4.09 12.61
CA PRO E 185 10.93 -4.91 13.19
C PRO E 185 11.16 -6.41 13.03
N GLN E 186 11.97 -6.82 12.04
CA GLN E 186 12.20 -8.25 11.76
C GLN E 186 13.67 -8.71 11.79
N PHE E 187 14.60 -7.86 11.39
CA PHE E 187 16.01 -8.22 11.42
C PHE E 187 16.70 -7.57 12.61
N LEU E 188 17.99 -7.91 12.77
CA LEU E 188 18.89 -7.20 13.66
C LEU E 188 20.06 -6.75 12.82
N LEU E 189 20.30 -5.43 12.76
CA LEU E 189 21.45 -4.93 12.05
C LEU E 189 22.69 -5.14 12.90
N LYS E 190 23.65 -5.89 12.38
CA LYS E 190 24.86 -6.27 13.11
C LYS E 190 25.89 -5.15 13.18
N GLU E 191 26.74 -5.22 14.20
CA GLU E 191 27.72 -4.17 14.49
C GLU E 191 28.91 -4.21 13.51
N GLU E 192 29.18 -5.38 12.94
CA GLU E 192 30.23 -5.51 11.93
C GLU E 192 29.75 -4.96 10.59
N LYS E 193 30.51 -4.01 10.04
CA LYS E 193 30.27 -3.50 8.68
C LYS E 193 31.52 -3.72 7.82
N ASP E 194 31.48 -4.72 6.95
CA ASP E 194 32.60 -5.02 6.08
C ASP E 194 32.77 -3.92 5.05
N LEU E 195 33.98 -3.36 4.98
CA LEU E 195 34.35 -2.37 3.97
C LEU E 195 35.21 -3.06 2.93
N ARG E 196 34.96 -2.78 1.65
CA ARG E 196 35.83 -3.31 0.59
C ARG E 196 35.70 -2.49 -0.70
N TYR E 197 36.44 -2.90 -1.73
CA TYR E 197 36.41 -2.23 -3.02
C TYR E 197 35.45 -2.91 -3.98
N CYS E 198 35.03 -2.17 -4.99
CA CYS E 198 34.19 -2.69 -6.06
C CYS E 198 34.63 -2.12 -7.41
N THR E 199 35.90 -1.75 -7.52
CA THR E 199 36.37 -1.03 -8.71
C THR E 199 35.90 -1.74 -9.97
N LYS E 200 35.07 -1.07 -10.75
CA LYS E 200 34.42 -1.67 -11.91
C LYS E 200 35.37 -1.66 -13.09
N HIS E 201 35.15 -2.60 -14.01
CA HIS E 201 35.91 -2.68 -15.24
C HIS E 201 34.94 -2.72 -16.42
N TYR E 202 35.12 -1.79 -17.36
CA TYR E 202 34.37 -1.80 -18.60
C TYR E 202 35.33 -1.60 -19.76
N ASN E 203 34.85 -1.82 -20.98
CA ASN E 203 35.63 -1.53 -22.18
C ASN E 203 35.73 -0.02 -22.45
N THR E 204 34.97 0.77 -21.68
CA THR E 204 35.03 2.22 -21.72
C THR E 204 35.97 2.80 -20.64
N GLY E 205 36.56 1.94 -19.82
CA GLY E 205 37.49 2.36 -18.77
C GLY E 205 37.35 1.62 -17.45
N LYS E 206 38.09 2.11 -16.45
CA LYS E 206 38.15 1.52 -15.12
C LYS E 206 37.68 2.58 -14.11
N PHE E 207 36.69 2.26 -13.28
CA PHE E 207 35.99 3.28 -12.49
C PHE E 207 36.04 3.00 -10.99
N THR E 208 36.34 4.05 -10.21
CA THR E 208 36.50 3.91 -8.75
C THR E 208 35.19 3.58 -8.05
N CYS E 209 35.26 2.70 -7.05
CA CYS E 209 34.08 2.26 -6.32
C CYS E 209 34.48 1.72 -4.95
N ILE E 210 33.88 2.27 -3.89
CA ILE E 210 34.08 1.77 -2.53
C ILE E 210 32.75 1.27 -1.94
N GLU E 211 32.83 0.21 -1.15
CA GLU E 211 31.66 -0.54 -0.73
C GLU E 211 31.59 -0.68 0.78
N VAL E 212 30.38 -0.69 1.33
CA VAL E 212 30.15 -1.15 2.71
C VAL E 212 29.04 -2.20 2.68
N ARG E 213 29.20 -3.24 3.50
CA ARG E 213 28.24 -4.36 3.56
C ARG E 213 27.64 -4.45 4.95
N PHE E 214 26.31 -4.46 5.01
CA PHE E 214 25.60 -4.62 6.26
C PHE E 214 25.12 -6.06 6.39
N HIS E 215 25.05 -6.58 7.61
CA HIS E 215 24.57 -7.94 7.86
C HIS E 215 23.27 -7.94 8.66
N LEU E 216 22.31 -8.74 8.24
CA LEU E 216 20.98 -8.70 8.81
C LEU E 216 20.50 -10.09 9.22
N GLU E 217 20.65 -10.40 10.51
CA GLU E 217 20.20 -11.69 11.04
C GLU E 217 18.74 -11.58 11.46
N ARG E 218 17.88 -12.39 10.86
CA ARG E 218 16.45 -12.36 11.17
C ARG E 218 16.16 -12.93 12.55
N GLN E 219 15.06 -12.48 13.15
CA GLN E 219 14.62 -12.94 14.46
C GLN E 219 13.48 -13.97 14.35
N MET E 220 13.49 -14.96 15.24
CA MET E 220 12.52 -16.07 15.20
C MET E 220 11.48 -16.06 16.30
N GLY E 221 11.74 -15.32 17.38
CA GLY E 221 10.91 -15.34 18.59
C GLY E 221 9.42 -15.58 18.36
N TYR E 222 8.85 -14.84 17.42
CA TYR E 222 7.43 -14.95 17.11
C TYR E 222 7.08 -16.31 16.53
N TYR E 223 7.79 -16.71 15.48
CA TYR E 223 7.49 -17.97 14.78
C TYR E 223 7.80 -19.15 15.71
N LEU E 224 8.81 -19.00 16.56
CA LEU E 224 9.15 -20.00 17.56
C LEU E 224 7.96 -20.29 18.48
N ILE E 225 7.39 -19.25 19.06
CA ILE E 225 6.32 -19.39 20.05
C ILE E 225 4.93 -19.55 19.42
N GLN E 226 4.69 -18.86 18.31
CA GLN E 226 3.36 -18.86 17.70
C GLN E 226 3.21 -19.87 16.57
N MET E 227 4.20 -20.77 16.38
CA MET E 227 4.13 -21.73 15.28
C MET E 227 4.89 -23.05 15.50
N TYR E 228 6.18 -22.97 15.78
CA TYR E 228 7.01 -24.16 16.00
C TYR E 228 6.61 -24.96 17.26
N ILE E 229 6.36 -24.24 18.36
CA ILE E 229 6.02 -24.87 19.64
C ILE E 229 4.60 -25.45 19.63
N PRO E 230 3.59 -24.66 19.22
CA PRO E 230 2.24 -25.22 19.11
C PRO E 230 2.15 -26.45 18.19
N SER E 231 2.87 -26.43 17.07
CA SER E 231 2.91 -27.59 16.17
C SER E 231 3.58 -28.77 16.87
N LEU E 232 4.60 -28.50 17.68
CA LEU E 232 5.26 -29.52 18.49
C LEU E 232 4.30 -30.11 19.53
N LEU E 233 3.49 -29.26 20.15
CA LEU E 233 2.48 -29.71 21.11
C LEU E 233 1.46 -30.64 20.46
N ILE E 234 1.05 -30.32 19.23
CA ILE E 234 0.11 -31.16 18.49
C ILE E 234 0.73 -32.51 18.12
N VAL E 235 2.00 -32.50 17.69
CA VAL E 235 2.70 -33.75 17.34
C VAL E 235 2.93 -34.64 18.56
N ILE E 236 2.96 -34.06 19.76
CA ILE E 236 3.04 -34.83 21.00
C ILE E 236 1.70 -35.51 21.31
N LEU E 237 0.59 -34.82 21.04
CA LEU E 237 -0.75 -35.41 21.16
C LEU E 237 -1.05 -36.48 20.09
N SER E 238 -0.20 -36.57 19.07
CA SER E 238 -0.30 -37.64 18.07
C SER E 238 0.18 -38.97 18.65
N TRP E 239 1.19 -38.92 19.53
CA TRP E 239 1.82 -40.13 20.05
C TRP E 239 1.02 -40.83 21.15
N VAL E 240 0.23 -40.08 21.92
CA VAL E 240 -0.55 -40.66 23.03
C VAL E 240 -1.61 -41.66 22.57
N SER E 241 -2.02 -41.58 21.30
CA SER E 241 -2.93 -42.57 20.73
C SER E 241 -2.31 -43.97 20.76
N PHE E 242 -0.99 -44.04 20.63
CA PHE E 242 -0.27 -45.32 20.70
C PHE E 242 -0.41 -46.01 22.04
N TRP E 243 -0.49 -45.23 23.12
CA TRP E 243 -0.59 -45.76 24.48
C TRP E 243 -2.05 -46.01 24.89
N ILE E 244 -2.83 -46.62 24.00
CA ILE E 244 -4.20 -47.06 24.29
C ILE E 244 -4.44 -48.38 23.55
N ASN E 245 -5.29 -49.24 24.11
CA ASN E 245 -5.66 -50.51 23.46
C ASN E 245 -6.37 -50.30 22.11
N MET E 246 -6.47 -51.37 21.33
CA MET E 246 -7.14 -51.31 20.03
C MET E 246 -8.66 -51.18 20.16
N ASP E 247 -9.20 -51.59 21.31
CA ASP E 247 -10.66 -51.62 21.54
C ASP E 247 -11.29 -50.23 21.72
N ALA E 248 -10.53 -49.27 22.25
CA ALA E 248 -11.04 -47.92 22.47
C ALA E 248 -11.05 -47.12 21.17
N ALA E 249 -12.12 -47.30 20.40
CA ALA E 249 -12.29 -46.61 19.11
C ALA E 249 -12.53 -45.10 19.23
N PRO E 250 -13.45 -44.68 20.12
CA PRO E 250 -13.79 -43.24 20.18
C PRO E 250 -12.60 -42.32 20.46
N ALA E 251 -11.70 -42.74 21.34
CA ALA E 251 -10.55 -41.92 21.73
C ALA E 251 -9.55 -41.77 20.60
N ARG E 252 -9.04 -42.89 20.10
CA ARG E 252 -7.98 -42.89 19.09
C ARG E 252 -8.38 -42.26 17.75
N VAL E 253 -9.67 -42.36 17.41
CA VAL E 253 -10.19 -41.72 16.21
C VAL E 253 -10.33 -40.21 16.45
N ALA E 254 -10.96 -39.82 17.54
CA ALA E 254 -11.16 -38.41 17.87
C ALA E 254 -9.83 -37.67 18.00
N LEU E 255 -8.88 -38.26 18.73
CA LEU E 255 -7.55 -37.68 18.86
C LEU E 255 -6.89 -37.53 17.49
N GLY E 256 -6.81 -38.63 16.76
CA GLY E 256 -6.24 -38.63 15.41
C GLY E 256 -6.87 -37.60 14.49
N ILE E 257 -8.20 -37.50 14.52
CA ILE E 257 -8.91 -36.52 13.70
C ILE E 257 -8.69 -35.09 14.20
N THR E 258 -8.69 -34.91 15.51
CA THR E 258 -8.38 -33.61 16.10
C THR E 258 -6.97 -33.20 15.67
N THR E 259 -6.00 -34.04 16.02
CA THR E 259 -4.59 -33.78 15.73
C THR E 259 -4.37 -33.39 14.27
N VAL E 260 -4.96 -34.15 13.35
CA VAL E 260 -4.86 -33.84 11.93
C VAL E 260 -5.52 -32.50 11.62
N LEU E 261 -6.77 -32.34 12.05
CA LEU E 261 -7.55 -31.15 11.75
C LEU E 261 -6.97 -29.88 12.38
N THR E 262 -6.45 -30.01 13.61
CA THR E 262 -5.82 -28.89 14.30
C THR E 262 -4.50 -28.51 13.65
N MET E 263 -3.73 -29.51 13.22
CA MET E 263 -2.48 -29.26 12.50
C MET E 263 -2.72 -28.60 11.16
N THR E 264 -3.85 -28.90 10.53
CA THR E 264 -4.20 -28.33 9.24
C THR E 264 -4.63 -26.87 9.33
N THR E 265 -5.39 -26.52 10.37
CA THR E 265 -5.80 -25.13 10.58
C THR E 265 -4.61 -24.27 11.00
N GLN E 266 -3.61 -24.89 11.61
CA GLN E 266 -2.36 -24.19 11.97
C GLN E 266 -1.49 -23.88 10.76
N SER E 267 -1.28 -24.88 9.91
CA SER E 267 -0.46 -24.71 8.71
C SER E 267 -1.09 -23.76 7.70
N SER E 268 -2.40 -23.61 7.74
CA SER E 268 -3.12 -22.63 6.91
C SER E 268 -3.16 -21.26 7.57
N GLY E 269 -3.35 -21.25 8.89
CA GLY E 269 -3.35 -20.02 9.67
C GLY E 269 -2.09 -19.21 9.47
N SER E 270 -0.95 -19.89 9.47
CA SER E 270 0.34 -19.25 9.30
C SER E 270 0.52 -18.62 7.91
N ARG E 271 0.10 -19.33 6.88
CA ARG E 271 0.39 -18.97 5.49
C ARG E 271 0.09 -17.51 5.14
N ALA E 272 -1.01 -16.98 5.68
CA ALA E 272 -1.43 -15.61 5.40
C ALA E 272 -0.48 -14.54 5.96
N SER E 273 0.37 -14.90 6.92
CA SER E 273 1.33 -13.96 7.53
C SER E 273 2.78 -14.45 7.41
N LEU E 274 3.12 -14.94 6.22
CA LEU E 274 4.50 -15.29 5.87
C LEU E 274 4.86 -14.58 4.56
N PRO E 275 6.16 -14.35 4.31
CA PRO E 275 6.57 -13.71 3.05
C PRO E 275 6.12 -14.49 1.81
N LYS E 276 5.40 -13.83 0.91
CA LYS E 276 4.77 -14.50 -0.24
C LYS E 276 5.78 -14.76 -1.37
N VAL E 277 6.42 -15.94 -1.32
CA VAL E 277 7.38 -16.37 -2.34
C VAL E 277 6.98 -17.72 -2.95
N SER E 278 7.53 -18.02 -4.13
CA SER E 278 7.16 -19.21 -4.89
C SER E 278 7.91 -20.46 -4.48
N TYR E 279 9.12 -20.30 -3.97
CA TYR E 279 9.99 -21.44 -3.62
C TYR E 279 9.79 -21.91 -2.19
N VAL E 280 10.42 -23.03 -1.85
CA VAL E 280 10.20 -23.66 -0.56
C VAL E 280 11.07 -23.02 0.51
N LYS E 281 10.45 -22.44 1.52
CA LYS E 281 11.16 -21.92 2.68
C LYS E 281 11.34 -23.02 3.72
N ALA E 282 12.36 -22.87 4.57
CA ALA E 282 12.63 -23.83 5.64
C ALA E 282 11.40 -24.06 6.53
N ILE E 283 10.63 -23.01 6.79
CA ILE E 283 9.40 -23.13 7.59
C ILE E 283 8.34 -24.00 6.89
N ASP E 284 8.33 -23.99 5.56
CA ASP E 284 7.36 -24.76 4.79
C ASP E 284 7.58 -26.26 4.95
N ILE E 285 8.84 -26.66 5.13
CA ILE E 285 9.20 -28.04 5.38
C ILE E 285 8.72 -28.50 6.75
N TRP E 286 9.00 -27.70 7.78
CA TRP E 286 8.56 -28.03 9.14
C TRP E 286 7.06 -28.29 9.19
N MET E 287 6.26 -27.48 8.51
CA MET E 287 4.81 -27.68 8.48
C MET E 287 4.46 -28.97 7.77
N ALA E 288 5.15 -29.25 6.66
CA ALA E 288 4.91 -30.47 5.90
C ALA E 288 5.28 -31.72 6.68
N VAL E 289 6.49 -31.74 7.23
CA VAL E 289 6.94 -32.85 8.05
C VAL E 289 6.04 -33.07 9.26
N CYS E 290 5.65 -31.99 9.93
CA CYS E 290 4.73 -32.10 11.07
C CYS E 290 3.39 -32.70 10.67
N LEU E 291 2.94 -32.43 9.45
CA LEU E 291 1.69 -33.02 8.95
C LEU E 291 1.80 -34.52 8.73
N LEU E 292 2.92 -35.01 8.21
CA LEU E 292 3.14 -36.46 8.06
C LEU E 292 3.04 -37.18 9.41
N PHE E 293 3.75 -36.65 10.40
CA PHE E 293 3.84 -37.28 11.71
C PHE E 293 2.53 -37.26 12.48
N VAL E 294 1.62 -36.39 12.05
CA VAL E 294 0.25 -36.40 12.55
C VAL E 294 -0.62 -37.29 11.65
N PHE E 295 -0.42 -37.17 10.34
CA PHE E 295 -1.13 -37.97 9.34
C PHE E 295 -0.90 -39.46 9.53
N SER E 296 0.37 -39.85 9.59
CA SER E 296 0.73 -41.26 9.69
C SER E 296 0.35 -41.87 11.05
N ALA E 297 0.29 -41.03 12.08
CA ALA E 297 -0.16 -41.47 13.40
C ALA E 297 -1.65 -41.84 13.42
N LEU E 298 -2.41 -41.29 12.48
CA LEU E 298 -3.80 -41.72 12.26
C LEU E 298 -3.81 -42.94 11.32
N LEU E 299 -2.98 -42.89 10.28
CA LEU E 299 -2.86 -43.99 9.34
C LEU E 299 -2.31 -45.26 10.00
N GLU E 300 -1.55 -45.08 11.08
CA GLU E 300 -1.06 -46.20 11.88
C GLU E 300 -2.22 -46.95 12.52
N TYR E 301 -3.14 -46.21 13.12
CA TYR E 301 -4.30 -46.81 13.79
C TYR E 301 -5.25 -47.50 12.81
N ALA E 302 -5.27 -47.02 11.56
CA ALA E 302 -6.02 -47.69 10.49
C ALA E 302 -5.41 -49.04 10.17
N ALA E 303 -4.08 -49.11 10.11
CA ALA E 303 -3.37 -50.37 9.86
C ALA E 303 -3.56 -51.38 10.99
N VAL E 304 -3.65 -50.88 12.24
CA VAL E 304 -3.92 -51.73 13.40
C VAL E 304 -5.33 -52.34 13.30
N ASN E 305 -6.31 -51.54 12.89
CA ASN E 305 -7.68 -52.02 12.74
C ASN E 305 -7.85 -53.02 11.61
N PHE E 306 -7.10 -52.85 10.51
CA PHE E 306 -7.18 -53.77 9.37
C PHE E 306 -6.60 -55.14 9.69
N VAL E 307 -5.61 -55.19 10.57
CA VAL E 307 -5.01 -56.45 11.01
C VAL E 307 -5.82 -57.07 12.16
N SER E 308 -6.23 -56.25 13.12
CA SER E 308 -6.99 -56.72 14.28
C SER E 308 -8.52 -56.61 14.11
N ARG E 309 -8.99 -56.42 12.87
CA ARG E 309 -10.43 -56.46 12.59
C ARG E 309 -10.93 -57.90 12.72
N ALA E 310 -10.24 -58.83 12.07
CA ALA E 310 -10.46 -60.26 12.27
C ALA E 310 -9.93 -60.63 13.66
N GLY E 311 -10.83 -60.71 14.63
CA GLY E 311 -10.44 -60.83 16.04
C GLY E 311 -9.91 -62.18 16.48
N THR E 312 -8.94 -62.71 15.74
CA THR E 312 -8.26 -63.96 16.12
C THR E 312 -7.39 -63.74 17.34
N LYS E 313 -7.21 -64.78 18.14
CA LYS E 313 -6.42 -64.70 19.38
C LYS E 313 -4.92 -64.50 19.14
N VAL E 314 -4.45 -64.85 17.93
CA VAL E 314 -3.02 -64.82 17.62
C VAL E 314 -2.52 -63.45 17.13
N PHE E 315 -3.22 -62.87 16.13
CA PHE E 315 -2.77 -61.63 15.50
C PHE E 315 -2.98 -60.34 16.32
N ILE E 316 -3.74 -60.41 17.41
CA ILE E 316 -3.90 -59.25 18.31
C ILE E 316 -2.56 -58.93 18.99
N ASP E 317 -1.74 -59.94 19.18
CA ASP E 317 -0.37 -59.76 19.66
C ASP E 317 0.49 -59.09 18.59
N ARG E 318 0.39 -59.59 17.35
CA ARG E 318 1.16 -59.04 16.23
C ARG E 318 0.62 -57.69 15.72
N ALA E 319 -0.64 -57.38 16.03
CA ALA E 319 -1.23 -56.07 15.70
C ALA E 319 -0.84 -55.04 16.75
N LYS E 320 -0.80 -55.47 18.01
CA LYS E 320 -0.25 -54.65 19.09
C LYS E 320 1.28 -54.54 19.00
N LYS E 321 1.88 -55.33 18.11
CA LYS E 321 3.30 -55.20 17.75
C LYS E 321 3.57 -53.90 17.01
N ILE E 322 2.63 -53.47 16.16
CA ILE E 322 2.74 -52.17 15.49
C ILE E 322 2.77 -51.03 16.51
N ASP E 323 1.89 -51.11 17.52
CA ASP E 323 1.80 -50.08 18.56
C ASP E 323 3.04 -49.98 19.45
N THR E 324 3.61 -51.13 19.81
CA THR E 324 4.83 -51.15 20.62
C THR E 324 6.03 -50.58 19.88
N ILE E 325 6.06 -50.78 18.55
CA ILE E 325 7.10 -50.18 17.69
C ILE E 325 6.95 -48.66 17.65
N SER E 326 5.76 -48.20 17.28
CA SER E 326 5.48 -46.76 17.11
C SER E 326 5.71 -45.94 18.38
N ARG E 327 5.48 -46.54 19.55
CA ARG E 327 5.71 -45.88 20.83
C ARG E 327 7.16 -45.41 21.00
N ALA E 328 8.09 -46.13 20.39
CA ALA E 328 9.51 -45.76 20.40
C ALA E 328 9.97 -45.12 19.08
N CYS E 329 9.38 -45.55 17.96
CA CYS E 329 9.84 -45.12 16.64
C CYS E 329 9.45 -43.68 16.26
N PHE E 330 8.19 -43.31 16.49
CA PHE E 330 7.70 -41.99 16.11
C PHE E 330 8.39 -40.85 16.89
N PRO E 331 8.57 -41.01 18.21
CA PRO E 331 9.40 -40.06 18.96
C PRO E 331 10.86 -40.01 18.52
N LEU E 332 11.44 -41.17 18.17
CA LEU E 332 12.83 -41.21 17.69
C LEU E 332 12.97 -40.63 16.28
N ALA E 333 12.17 -41.13 15.35
CA ALA E 333 12.19 -40.67 13.96
C ALA E 333 12.02 -39.16 13.86
N PHE E 334 11.16 -38.61 14.71
CA PHE E 334 10.96 -37.16 14.82
C PHE E 334 12.25 -36.49 15.27
N LEU E 335 12.88 -37.05 16.30
CA LEU E 335 14.11 -36.49 16.85
C LEU E 335 15.30 -36.59 15.88
N ILE E 336 15.28 -37.58 14.98
CA ILE E 336 16.31 -37.69 13.93
C ILE E 336 16.12 -36.60 12.88
N PHE E 337 14.86 -36.31 12.53
CA PHE E 337 14.53 -35.17 11.66
C PHE E 337 14.86 -33.85 12.36
N ASN E 338 14.38 -33.72 13.60
CA ASN E 338 14.60 -32.54 14.41
C ASN E 338 16.08 -32.15 14.47
N ILE E 339 16.92 -33.13 14.79
CA ILE E 339 18.38 -32.90 14.90
C ILE E 339 19.00 -32.49 13.57
N PHE E 340 18.46 -32.99 12.46
CA PHE E 340 18.90 -32.54 11.13
C PHE E 340 18.51 -31.08 10.88
N TYR E 341 17.23 -30.77 11.10
CA TYR E 341 16.68 -29.43 10.83
C TYR E 341 17.51 -28.32 11.47
N TRP E 342 17.70 -28.41 12.78
CA TRP E 342 18.35 -27.35 13.56
C TRP E 342 19.85 -27.32 13.36
N VAL E 343 20.44 -28.45 12.98
CA VAL E 343 21.86 -28.49 12.65
C VAL E 343 22.09 -27.86 11.27
N ILE E 344 21.21 -28.15 10.32
CA ILE E 344 21.31 -27.60 8.97
C ILE E 344 21.09 -26.09 8.96
N TYR E 345 20.05 -25.63 9.65
CA TYR E 345 19.69 -24.21 9.69
C TYR E 345 20.35 -23.45 10.84
N LYS E 346 21.24 -24.11 11.57
CA LYS E 346 22.15 -23.43 12.50
C LYS E 346 23.53 -24.08 12.43
N ILE E 347 24.05 -24.22 11.20
CA ILE E 347 25.39 -24.75 10.98
C ILE E 347 26.41 -23.73 11.46
C1 NAG F . -16.65 44.66 3.66
C2 NAG F . -17.25 45.96 3.13
C3 NAG F . -17.28 46.99 4.27
C4 NAG F . -18.26 46.45 5.31
C5 NAG F . -17.86 45.02 5.72
C6 NAG F . -18.94 44.34 6.55
C7 NAG F . -15.50 46.89 1.57
C8 NAG F . -14.43 46.98 2.62
N2 NAG F . -16.72 46.46 1.86
O3 NAG F . -17.70 48.25 3.80
O4 NAG F . -18.35 47.33 6.42
O5 NAG F . -17.58 44.17 4.60
O6 NAG F . -20.07 44.08 5.76
O7 NAG F . -15.21 47.27 0.44
C1 NAG F . -19.66 47.92 6.52
C2 NAG F . -19.90 48.52 7.91
C3 NAG F . -21.28 49.18 7.98
C4 NAG F . -21.49 50.15 6.83
C5 NAG F . -21.19 49.42 5.52
C6 NAG F . -21.38 50.34 4.32
C7 NAG F . -18.62 47.11 9.42
C8 NAG F . -18.64 46.05 10.47
N2 NAG F . -19.79 47.51 8.93
O3 NAG F . -21.44 49.84 9.21
O4 NAG F . -22.81 50.65 6.85
O5 NAG F . -19.86 48.94 5.56
O6 NAG F . -20.59 49.85 3.24
O7 NAG F . -17.55 47.59 9.02
C1 NAG G . 22.55 35.67 23.01
C2 NAG G . 22.85 37.06 23.53
C3 NAG G . 24.30 37.06 24.02
C4 NAG G . 24.35 36.19 25.27
C5 NAG G . 23.63 34.84 25.10
C6 NAG G . 22.96 34.43 26.42
C7 NAG G . 23.08 38.62 21.55
C8 NAG G . 24.43 38.09 21.14
N2 NAG G . 22.45 38.13 22.61
O3 NAG G . 24.77 38.37 24.24
O4 NAG G . 25.69 35.91 25.65
O5 NAG G . 22.61 34.76 24.09
O6 NAG G . 21.72 35.10 26.58
O7 NAG G . 22.60 39.53 20.87
C1 NAG G . 26.30 37.00 26.38
C2 NAG G . 27.34 36.44 27.37
C3 NAG G . 28.11 37.58 28.06
C4 NAG G . 28.61 38.59 27.04
C5 NAG G . 27.46 39.05 26.15
C6 NAG G . 27.89 40.07 25.10
C7 NAG G . 26.54 34.26 28.26
C8 NAG G . 26.97 33.48 27.03
N2 NAG G . 26.74 35.58 28.36
O3 NAG G . 29.18 37.05 28.80
O4 NAG G . 29.20 39.67 27.72
O5 NAG G . 26.91 37.92 25.51
O6 NAG G . 28.80 39.46 24.21
O7 NAG G . 26.02 33.64 29.18
CAV SY9 H . 4.28 9.51 -33.67
CAU SY9 H . 3.44 8.43 -34.37
CAT SY9 H . 2.13 8.24 -33.62
CAN SY9 H . 1.31 9.50 -33.83
CAK SY9 H . 2.00 10.77 -33.35
NAH SY9 H . 1.48 11.79 -34.28
CAA SY9 H . 2.54 12.38 -34.99
CAF SY9 H . 2.50 13.31 -36.03
CAE SY9 H . 3.67 13.74 -36.63
CAD SY9 H . 4.90 13.22 -36.22
CAC SY9 H . 4.95 12.28 -35.20
CAB SY9 H . 3.77 11.84 -34.59
CAG SY9 H . 3.53 10.85 -33.46
CAW SY9 H . 4.15 11.40 -32.19
CAX SY9 H . 4.48 10.16 -31.37
NAY SY9 H . 4.72 9.06 -32.32
CAS SY9 H . 3.97 7.89 -31.80
CAR SY9 H . 2.50 8.03 -32.18
CAQ SY9 H . 1.62 7.96 -31.11
CAP SY9 H . 0.27 8.11 -31.30
OAO SY9 H . -0.20 9.37 -31.79
CAM SY9 H . -0.13 9.52 -33.23
CAL SY9 H . -0.79 10.92 -33.53
CAI SY9 H . 0.08 11.85 -34.41
OAJ SY9 H . -0.45 12.65 -35.18
C1 NAG I . 22.92 4.94 -41.90
C2 NAG I . 23.95 5.28 -42.97
C3 NAG I . 23.22 5.47 -44.31
C4 NAG I . 22.46 4.18 -44.64
C5 NAG I . 21.62 3.69 -43.46
C6 NAG I . 21.13 2.26 -43.66
C7 NAG I . 24.61 7.64 -42.38
C8 NAG I . 23.29 8.21 -42.75
N2 NAG I . 24.86 6.33 -42.51
O3 NAG I . 24.11 5.80 -45.36
O4 NAG I . 21.65 4.40 -45.77
O5 NAG I . 22.36 3.69 -42.25
O6 NAG I . 21.96 1.37 -42.95
O7 NAG I . 25.47 8.41 -41.95
C1 NAG J . -16.60 25.43 -36.83
C2 NAG J . -16.68 26.20 -38.15
C3 NAG J . -17.89 27.14 -38.15
C4 NAG J . -19.15 26.32 -37.93
C5 NAG J . -18.99 25.47 -36.66
C6 NAG J . -20.19 24.56 -36.43
C7 NAG J . -14.77 27.83 -37.99
C8 NAG J . -15.46 28.63 -36.94
N2 NAG J . -15.37 26.75 -38.51
O3 NAG J . -17.98 27.93 -39.31
O4 NAG J . -20.27 27.16 -37.83
O5 NAG J . -17.80 24.69 -36.71
O6 NAG J . -20.38 23.70 -37.52
O7 NAG J . -13.66 28.19 -38.37
CAV SY9 K . -15.61 27.13 -15.84
CAU SY9 K . -17.10 26.85 -15.58
CAT SY9 K . -17.29 26.53 -14.12
CAN SY9 K . -17.00 27.78 -13.30
CAK SY9 K . -15.60 28.34 -13.50
NAH SY9 K . -15.80 29.77 -13.30
CAA SY9 K . -15.54 30.49 -14.46
CAF SY9 K . -15.72 31.84 -14.74
CAE SY9 K . -15.42 32.34 -16.01
CAD SY9 K . -14.98 31.48 -17.01
CAC SY9 K . -14.82 30.14 -16.74
CAB SY9 K . -15.11 29.63 -15.48
CAG SY9 K . -15.01 28.21 -14.92
CAW SY9 K . -13.53 27.84 -14.86
CAX SY9 K . -13.56 26.32 -14.90
NAY SY9 K . -14.77 25.91 -15.64
CAS SY9 K . -15.42 24.83 -14.86
CAR SY9 K . -16.32 25.42 -13.77
CAQ SY9 K . -16.18 24.87 -12.52
CAP SY9 K . -16.94 25.32 -11.45
OAO SY9 K . -16.72 26.66 -10.97
CAM SY9 K . -17.31 27.72 -11.77
CAL SY9 K . -16.72 28.99 -11.07
CAI SY9 K . -16.41 30.11 -12.08
OAJ SY9 K . -16.69 31.28 -11.80
CAV SY9 L . -1.05 33.33 11.64
CAU SY9 L . -1.73 33.21 13.02
CAT SY9 L . -1.12 32.07 13.79
CAN SY9 L . 0.32 32.45 14.14
CAK SY9 L . 1.18 32.78 12.91
NAH SY9 L . 2.14 33.76 13.41
CAA SY9 L . 1.96 35.00 12.79
CAF SY9 L . 2.54 36.23 13.06
CAE SY9 L . 2.17 37.36 12.35
CAD SY9 L . 1.20 37.27 11.35
CAC SY9 L . 0.60 36.05 11.09
CAB SY9 L . 0.97 34.91 11.81
CAG SY9 L . 0.49 33.47 11.72
CAW SY9 L . 0.93 32.88 10.39
CAX SY9 L . -0.04 31.73 10.17
NAY SY9 L . -1.31 32.14 10.79
CAS SY9 L . -1.86 30.97 11.52
CAR SY9 L . -1.19 30.86 12.89
CAQ SY9 L . -0.72 29.60 13.21
CAP SY9 L . -0.08 29.38 14.42
OAO SY9 L . 1.18 30.06 14.61
CAM SY9 L . 1.12 31.46 15.02
CAL SY9 L . 2.64 31.93 15.09
CAI SY9 L . 2.85 33.36 14.56
OAJ SY9 L . 3.65 34.12 15.10
CAV SY9 M . 27.54 19.38 11.36
CAU SY9 M . 28.15 18.50 12.46
CAT SY9 M . 28.14 17.06 12.01
CAN SY9 M . 29.14 16.92 10.85
CAK SY9 M . 28.86 17.88 9.68
NAH SY9 M . 30.21 18.16 9.20
CAA SY9 M . 30.51 19.53 9.32
CAF SY9 M . 31.69 20.22 9.08
CAE SY9 M . 31.76 21.59 9.29
CAD SY9 M . 30.65 22.28 9.76
CAC SY9 M . 29.47 21.60 10.01
CAB SY9 M . 29.40 20.22 9.80
CAG SY9 M . 28.23 19.25 9.99
CAW SY9 M . 27.11 19.59 9.01
CAX SY9 M . 25.88 18.97 9.68
NAY SY9 M . 26.09 19.07 11.14
CAS SY9 M . 25.66 17.80 11.77
CAR SY9 M . 26.74 16.75 11.56
CAQ SY9 M . 26.30 15.60 10.95
CAP SY9 M . 27.19 14.57 10.67
OAO SY9 M . 28.21 14.87 9.68
CAM SY9 M . 29.37 15.51 10.25
CAL SY9 M . 30.35 15.64 9.04
CAI SY9 M . 31.00 17.04 8.92
OAJ SY9 M . 32.16 17.16 8.54
CAV SY9 N . 30.61 4.48 -16.91
CAU SY9 N . 31.13 3.06 -17.18
CAT SY9 N . 29.97 2.20 -17.70
CAN SY9 N . 29.61 2.70 -19.09
CAK SY9 N . 29.23 4.17 -19.12
NAH SY9 N . 29.68 4.58 -20.45
CAA SY9 N . 30.67 5.56 -20.36
CAF SY9 N . 31.44 6.14 -21.36
CAE SY9 N . 32.41 7.08 -21.05
CAD SY9 N . 32.63 7.43 -19.72
CAC SY9 N . 31.87 6.85 -18.72
CAB SY9 N . 30.90 5.90 -19.03
CAG SY9 N . 29.93 5.13 -18.15
CAW SY9 N . 28.95 6.10 -17.51
CAX SY9 N . 28.47 5.36 -16.27
NAY SY9 N . 29.59 4.52 -15.81
CAS SY9 N . 29.03 3.20 -15.45
CAR SY9 N . 28.82 2.37 -16.73
CAQ SY9 N . 27.57 1.85 -16.88
CAP SY9 N . 27.24 1.11 -17.99
OAO SY9 N . 27.22 1.81 -19.25
CAM SY9 N . 28.51 1.92 -19.87
CAL SY9 N . 28.19 2.68 -21.21
CAI SY9 N . 29.19 3.81 -21.51
OAJ SY9 N . 29.54 4.04 -22.67
C1 NAG O . 46.41 10.87 -4.35
C2 NAG O . 47.79 11.30 -3.83
C3 NAG O . 48.90 10.75 -4.74
C4 NAG O . 48.92 9.23 -4.61
C5 NAG O . 47.51 8.61 -4.69
C6 NAG O . 47.22 7.60 -3.57
C7 NAG O . 47.74 13.77 -4.44
C8 NAG O . 47.38 13.56 -5.89
N2 NAG O . 47.91 12.74 -3.59
O3 NAG O . 50.16 11.30 -4.41
O4 NAG O . 49.71 8.70 -5.65
O5 NAG O . 46.40 9.51 -4.79
O6 NAG O . 47.62 8.10 -2.31
O7 NAG O . 47.87 14.93 -4.05
#